data_8FYD
#
_entry.id   8FYD
#
_cell.length_a   1.00
_cell.length_b   1.00
_cell.length_c   1.00
_cell.angle_alpha   90.00
_cell.angle_beta   90.00
_cell.angle_gamma   90.00
#
_symmetry.space_group_name_H-M   'P 1'
#
loop_
_entity.id
_entity.type
_entity.pdbx_description
1 polymer 'DNA (49-MER)'
2 polymer Cas2-DEDDh
3 polymer Cas1
4 polymer 'DNA (64-MER)'
5 polymer 'DNA (30-MER)'
6 polymer 'DNA (13-MER)'
#
loop_
_entity_poly.entity_id
_entity_poly.type
_entity_poly.pdbx_seq_one_letter_code
_entity_poly.pdbx_strand_id
1 'polydeoxyribonucleotide'
;(DT)(DG)(DC)(DG)(DC)(DG)(DT)(DG)(DG)(DG)(DA)(DT)(DC)(DA)(DC)(DC)(DC)(DC)(DC)(DG)
(DC)(DT)(DC)(DG)(DT)(DG)(DC)(DG)(DG)(DG)(DA)(DA)(DA)(DG)(DA)(DC)(DA)(DG)(DT)(DA)
(DA)(DT)(DG)(DG)(DA)(DT)(DT)(DC)(DC)(DT)(DT)(DT)(DA)(DT)(DT)(DT)(DT)(DC)(DG)(DC)
(DC)(DC)(DT)(DT)(DT)(DT)(DA)(DC)(DG)(DC)(DT)(DT)(DA)(DC)(DT)(DG)(DA)(DC)
;
J
2 'polypeptide(L)'
;MPMTVITLKNVPQSLRGDLTRWMQEIATGVYVGNFNSRIREYLWRRVQETMGAGEASMCFAARNELGYDFLTENASRSVI
DYDGLPLIFIPKEQSAVSDLPKGFSTAAKLHRAHIAGSGKKKEKPIRYVVIDIETDGKDAKRNHILEIGAIRCEDGKETH
FTALISGDAVPPSITKLTGITATLLQKEGQEEKKVLTAFREFIGDDDLVGYHVSFDIEFLRQAFKKYGLGYLKNKTHDLL
RIVKKEQLFQADYKLETSLQSYGIHKKVPHRALGDAELVKCLAKKLNKF
;
A,D
3 'polypeptide(L)'
;MAGPIIAGKSESSELPRVEDRATFIYIEHAKINRVDSAVTVAEAKGVVRIPAAMIGVLLLGPGTDISHRAVELLGDTGTA
LVWVGEQGVRYYASGRALARSTRFLVKQAELVTNERSRLRVARRMYQMRFPTEDVSKLTMQQLRSHEGARVRRKYRELSK
KYNVPWKKRVYNPDDFAGGDPINQALSAAHVALYGLVHSVVAALGLSPGLGFVHTGHDRSFIYDVADLYKAEITVPIAFA
VAAEAEEGQDIGQLARLRTRDAFVDGKILKRMVKDLQTLLEIPEEGQIEAEPLSLWDDKEKLVPYGVNYSEVTSCP
;
B,C,E,F
4 'polydeoxyribonucleotide'
;(DA)(DG)(DA)(DT)(DT)(DG)(DA)(DG)(DA)(DC)(DC)(DA)(DG)(DG)(DT)(DC)(DT)(DC)(DC)(DG)
(DT)(DT)(DT)(DC)(DA)(DT)(DG)(DA)(DG)(DT)(DC)(DT)(DT)(DT)(DC)(DC)(DC)(DG)(DC)(DA)
(DC)(DG)(DA)(DG)(DC)(DG)(DG)(DG)(DG)(DG)(DT)(DG)(DA)(DT)(DC)(DC)(DC)(DA)(DC)(DG)
(DC)(DG)(DC)(DA)
;
G
5 'polydeoxyribonucleotide'
;(DA)(DA)(DA)(DC)(DG)(DG)(DA)(DG)(DA)(DC)(DC)(DT)(DG)(DG)(DT)(DC)(DT)(DC)(DA)(DA)
(DT)(DC)(DT)(DG)(DC)(DG)(DT)(DG)(DT)(DT)(DC)(DC)(DC)
;
H
6 'polydeoxyribonucleotide'
;(DA)(DC)(DG)(DT)(DC)(DA)(DG)(DT)(DA)(DA)(DG)(DC)(DG)(DT)(DA)(DA)(DA)(DA)(DG)(DG)
(DG)(DC)(DG)(DA)(DA)(DA)(DA)(DT)(DA)(DA)(DA)(DG)(DG)(DA)(DA)(DT)(DC)(DC)(DA)(DT)
(DT)(DA)(DC)(DT)
;
I
#
loop_
_chem_comp.id
_chem_comp.type
_chem_comp.name
_chem_comp.formula
DA DNA linking 2'-DEOXYADENOSINE-5'-MONOPHOSPHATE 'C10 H14 N5 O6 P'
DC DNA linking 2'-DEOXYCYTIDINE-5'-MONOPHOSPHATE 'C9 H14 N3 O7 P'
DG DNA linking 2'-DEOXYGUANOSINE-5'-MONOPHOSPHATE 'C10 H14 N5 O7 P'
DT DNA linking THYMIDINE-5'-MONOPHOSPHATE 'C10 H15 N2 O8 P'
#
# COMPACT_ATOMS: atom_id res chain seq x y z
N MET B 1 -7.56 5.78 1.79
CA MET B 1 -6.54 6.77 1.43
C MET B 1 -5.30 6.01 0.95
N PRO B 2 -4.78 6.41 -0.23
CA PRO B 2 -3.78 5.59 -0.93
C PRO B 2 -2.55 5.20 -0.12
N MET B 3 -1.84 4.18 -0.58
CA MET B 3 -0.65 3.67 0.05
C MET B 3 0.46 3.52 -0.99
N THR B 4 1.70 3.66 -0.55
CA THR B 4 2.83 3.66 -1.48
C THR B 4 4.04 3.01 -0.83
N VAL B 5 4.69 2.11 -1.58
CA VAL B 5 5.89 1.42 -1.12
C VAL B 5 7.01 1.70 -2.11
N ILE B 6 8.23 1.85 -1.60
CA ILE B 6 9.39 2.21 -2.42
C ILE B 6 10.53 1.26 -2.09
N THR B 7 11.18 0.72 -3.12
CA THR B 7 12.29 -0.20 -2.97
C THR B 7 13.53 0.37 -3.65
N LEU B 8 14.70 0.07 -3.08
CA LEU B 8 15.96 0.59 -3.57
C LEU B 8 17.05 -0.48 -3.48
N LYS B 9 18.12 -0.27 -4.26
CA LYS B 9 19.27 -1.16 -4.24
C LYS B 9 20.46 -0.40 -4.80
N ASN B 10 21.60 -0.49 -4.12
CA ASN B 10 22.85 0.12 -4.56
C ASN B 10 22.68 1.63 -4.76
N VAL B 11 22.30 2.31 -3.68
CA VAL B 11 22.07 3.74 -3.71
C VAL B 11 22.86 4.37 -2.58
N PRO B 12 23.22 5.65 -2.71
CA PRO B 12 24.03 6.30 -1.67
C PRO B 12 23.34 6.26 -0.32
N GLN B 13 24.13 6.02 0.72
CA GLN B 13 23.58 5.88 2.06
C GLN B 13 22.95 7.16 2.58
N SER B 14 23.27 8.30 1.96
CA SER B 14 22.61 9.54 2.33
C SER B 14 21.12 9.48 2.03
N LEU B 15 20.76 8.94 0.86
CA LEU B 15 19.35 8.82 0.50
C LEU B 15 18.67 7.71 1.26
N ARG B 16 19.41 6.65 1.61
CA ARG B 16 18.80 5.52 2.31
C ARG B 16 18.24 5.95 3.65
N GLY B 17 18.96 6.82 4.37
CA GLY B 17 18.42 7.35 5.60
C GLY B 17 17.46 8.51 5.39
N ASP B 18 17.44 9.07 4.18
CA ASP B 18 16.64 10.27 3.93
C ASP B 18 15.14 9.97 3.98
N LEU B 19 14.71 8.91 3.29
CA LEU B 19 13.29 8.57 3.30
C LEU B 19 12.81 8.02 4.63
N THR B 20 13.71 7.73 5.57
CA THR B 20 13.27 7.33 6.91
C THR B 20 12.46 8.44 7.58
N ARG B 21 12.63 9.68 7.14
CA ARG B 21 11.76 10.77 7.61
C ARG B 21 10.39 10.73 6.97
N TRP B 22 10.23 10.02 5.85
CA TRP B 22 8.94 9.83 5.20
C TRP B 22 8.42 8.41 5.29
N MET B 23 9.32 7.43 5.29
CA MET B 23 8.97 6.02 5.27
C MET B 23 9.42 5.36 6.56
N GLN B 24 9.20 4.05 6.64
CA GLN B 24 9.88 3.20 7.60
C GLN B 24 10.60 2.08 6.87
N GLU B 25 11.46 1.36 7.60
CA GLU B 25 12.31 0.33 7.02
C GLU B 25 11.88 -1.04 7.55
N ILE B 26 10.96 -1.69 6.84
CA ILE B 26 10.59 -3.05 7.20
C ILE B 26 11.75 -4.00 6.91
N ALA B 27 12.48 -3.76 5.83
CA ALA B 27 13.61 -4.59 5.45
C ALA B 27 14.63 -3.73 4.72
N THR B 28 15.79 -4.32 4.45
CA THR B 28 16.87 -3.61 3.76
C THR B 28 16.41 -3.10 2.41
N GLY B 29 16.65 -1.82 2.15
CA GLY B 29 16.30 -1.25 0.87
C GLY B 29 14.83 -1.24 0.55
N VAL B 30 13.96 -1.43 1.53
CA VAL B 30 12.52 -1.48 1.31
C VAL B 30 11.87 -0.46 2.23
N TYR B 31 11.18 0.51 1.64
CA TYR B 31 10.56 1.60 2.38
C TYR B 31 9.08 1.67 2.04
N VAL B 32 8.25 1.92 3.06
CA VAL B 32 6.80 1.88 2.90
C VAL B 32 6.18 3.02 3.69
N GLY B 33 5.10 3.58 3.17
CA GLY B 33 4.40 4.66 3.84
C GLY B 33 3.10 5.00 3.13
N ASN B 34 2.43 6.03 3.63
CA ASN B 34 1.13 6.45 3.10
C ASN B 34 1.18 7.92 2.72
N PHE B 35 0.93 8.22 1.45
CA PHE B 35 0.87 9.57 0.92
C PHE B 35 -0.41 9.78 0.13
N ASN B 36 -0.62 11.02 -0.29
CA ASN B 36 -1.60 11.37 -1.30
C ASN B 36 -0.93 11.35 -2.68
N SER B 37 -1.61 11.90 -3.69
CA SER B 37 -1.01 11.96 -5.02
C SER B 37 0.12 12.98 -5.09
N ARG B 38 -0.07 14.14 -4.46
CA ARG B 38 0.90 15.22 -4.60
C ARG B 38 2.20 14.91 -3.88
N ILE B 39 2.12 14.46 -2.63
CA ILE B 39 3.32 14.19 -1.85
C ILE B 39 4.14 13.08 -2.50
N ARG B 40 3.46 12.02 -2.93
CA ARG B 40 4.15 10.88 -3.55
C ARG B 40 4.87 11.30 -4.83
N GLU B 41 4.21 12.09 -5.67
CA GLU B 41 4.84 12.54 -6.91
C GLU B 41 6.07 13.37 -6.64
N TYR B 42 5.98 14.29 -5.68
CA TYR B 42 7.12 15.14 -5.36
C TYR B 42 8.28 14.34 -4.79
N LEU B 43 8.00 13.39 -3.91
CA LEU B 43 9.09 12.60 -3.32
C LEU B 43 9.74 11.71 -4.37
N TRP B 44 8.96 11.15 -5.30
CA TRP B 44 9.54 10.32 -6.35
C TRP B 44 10.55 11.11 -7.17
N ARG B 45 10.35 12.43 -7.29
CA ARG B 45 11.35 13.27 -7.93
C ARG B 45 12.65 13.27 -7.13
N ARG B 46 12.54 13.33 -5.80
CA ARG B 46 13.74 13.37 -4.96
C ARG B 46 14.58 12.12 -5.11
N VAL B 47 13.95 10.96 -4.99
CA VAL B 47 14.70 9.71 -5.14
C VAL B 47 15.18 9.54 -6.57
N GLN B 48 14.57 10.24 -7.52
CA GLN B 48 15.03 10.17 -8.90
C GLN B 48 16.33 10.95 -9.10
N GLU B 49 16.44 12.12 -8.48
CA GLU B 49 17.59 12.99 -8.74
C GLU B 49 18.79 12.62 -7.87
N THR B 50 18.57 12.10 -6.67
CA THR B 50 19.64 11.88 -5.72
C THR B 50 20.23 10.47 -5.79
N MET B 51 19.47 9.51 -6.34
CA MET B 51 19.94 8.13 -6.37
C MET B 51 21.22 7.97 -7.16
N GLY B 52 21.46 8.84 -8.13
CA GLY B 52 22.64 8.69 -8.97
C GLY B 52 22.55 7.41 -9.77
N ALA B 53 23.58 6.56 -9.65
CA ALA B 53 23.61 5.26 -10.30
C ALA B 53 23.12 4.23 -9.30
N GLY B 54 21.93 3.69 -9.53
CA GLY B 54 21.37 2.72 -8.61
C GLY B 54 20.06 2.14 -9.10
N GLU B 55 19.37 1.50 -8.16
CA GLU B 55 18.15 0.76 -8.41
C GLU B 55 17.01 1.42 -7.64
N ALA B 56 15.94 1.77 -8.35
CA ALA B 56 14.80 2.44 -7.73
C ALA B 56 13.52 2.01 -8.41
N SER B 57 12.56 1.56 -7.60
CA SER B 57 11.23 1.20 -8.08
C SER B 57 10.23 1.49 -6.97
N MET B 58 8.97 1.65 -7.35
CA MET B 58 7.93 2.00 -6.39
C MET B 58 6.60 1.40 -6.85
N CYS B 59 5.73 1.15 -5.87
CA CYS B 59 4.37 0.71 -6.12
C CYS B 59 3.40 1.71 -5.50
N PHE B 60 2.36 2.05 -6.25
CA PHE B 60 1.37 3.01 -5.78
C PHE B 60 0.01 2.66 -6.38
N ALA B 61 -1.05 2.96 -5.63
CA ALA B 61 -2.39 2.65 -6.09
C ALA B 61 -2.73 3.44 -7.35
N ALA B 62 -3.49 2.81 -8.24
CA ALA B 62 -3.82 3.42 -9.53
C ALA B 62 -5.29 3.23 -9.88
N ARG B 63 -5.65 3.54 -11.12
CA ARG B 63 -7.02 3.46 -11.60
C ARG B 63 -7.20 2.29 -12.57
N ASN B 64 -6.58 1.16 -12.25
CA ASN B 64 -6.75 -0.07 -13.02
C ASN B 64 -7.26 -1.17 -12.10
N GLU B 65 -7.84 -2.20 -12.73
CA GLU B 65 -8.46 -3.27 -11.95
C GLU B 65 -7.45 -4.01 -11.08
N LEU B 66 -6.16 -3.97 -11.42
CA LEU B 66 -5.15 -4.48 -10.52
C LEU B 66 -5.00 -3.64 -9.26
N GLY B 67 -5.46 -2.39 -9.30
CA GLY B 67 -5.43 -1.52 -8.15
C GLY B 67 -4.12 -0.79 -7.91
N TYR B 68 -3.09 -1.06 -8.70
CA TYR B 68 -1.82 -0.36 -8.53
C TYR B 68 -1.06 -0.37 -9.85
N ASP B 69 -0.09 0.54 -9.94
CA ASP B 69 0.76 0.67 -11.12
C ASP B 69 2.20 0.81 -10.65
N PHE B 70 3.13 0.66 -11.61
CA PHE B 70 4.54 0.61 -11.32
C PHE B 70 5.28 1.72 -12.04
N LEU B 71 6.21 2.36 -11.33
CA LEU B 71 7.12 3.34 -11.91
C LEU B 71 8.54 2.93 -11.55
N THR B 72 9.40 2.81 -12.57
CA THR B 72 10.76 2.34 -12.37
C THR B 72 11.74 3.26 -13.10
N GLU B 73 12.93 3.40 -12.52
CA GLU B 73 14.00 4.20 -13.10
C GLU B 73 15.32 3.47 -12.87
N ASN B 74 16.05 3.19 -13.95
CA ASN B 74 17.30 2.45 -13.88
C ASN B 74 17.11 1.11 -13.15
N ALA B 75 16.07 0.39 -13.56
CA ALA B 75 15.61 -0.80 -12.85
C ALA B 75 15.88 -2.05 -13.66
N SER B 76 16.53 -3.04 -13.04
CA SER B 76 16.69 -4.34 -13.69
C SER B 76 15.33 -4.99 -13.93
N ARG B 77 14.44 -4.94 -12.94
CA ARG B 77 13.09 -5.45 -13.08
C ARG B 77 12.24 -4.36 -13.73
N SER B 78 12.20 -4.38 -15.06
CA SER B 78 11.41 -3.41 -15.80
C SER B 78 9.93 -3.72 -15.65
N VAL B 79 9.10 -2.87 -16.24
CA VAL B 79 7.65 -3.04 -16.23
C VAL B 79 7.16 -3.06 -17.67
N ILE B 80 6.30 -4.04 -17.98
CA ILE B 80 5.73 -4.19 -19.31
C ILE B 80 4.22 -4.09 -19.20
N ASP B 81 3.61 -3.28 -20.04
CA ASP B 81 2.17 -3.06 -20.05
C ASP B 81 1.53 -4.08 -20.98
N TYR B 82 0.90 -5.10 -20.39
CA TYR B 82 0.08 -6.04 -21.15
C TYR B 82 -1.31 -5.43 -21.25
N ASP B 83 -1.53 -4.70 -22.34
CA ASP B 83 -2.77 -3.98 -22.66
C ASP B 83 -3.46 -3.44 -21.40
N GLY B 84 -2.71 -2.65 -20.63
CA GLY B 84 -3.25 -1.95 -19.50
C GLY B 84 -2.97 -2.54 -18.14
N LEU B 85 -2.04 -3.48 -18.03
CA LEU B 85 -1.71 -4.06 -16.74
C LEU B 85 -0.22 -3.91 -16.46
N PRO B 86 0.17 -3.53 -15.26
CA PRO B 86 1.59 -3.54 -14.90
C PRO B 86 2.06 -4.91 -14.45
N LEU B 87 2.99 -5.50 -15.19
CA LEU B 87 3.58 -6.78 -14.84
C LEU B 87 5.09 -6.65 -14.77
N ILE B 88 5.69 -7.25 -13.75
CA ILE B 88 7.13 -7.16 -13.60
C ILE B 88 7.81 -8.07 -14.62
N PHE B 89 8.74 -7.50 -15.37
CA PHE B 89 9.53 -8.24 -16.36
C PHE B 89 10.93 -8.40 -15.83
N ILE B 90 11.50 -9.59 -15.99
CA ILE B 90 12.85 -9.89 -15.54
C ILE B 90 13.65 -10.36 -16.76
N PRO B 91 14.59 -9.57 -17.26
CA PRO B 91 15.40 -10.04 -18.38
C PRO B 91 16.27 -11.22 -17.98
N LYS B 92 16.47 -12.13 -18.93
CA LYS B 92 17.24 -13.35 -18.70
C LYS B 92 18.52 -13.29 -19.53
N GLU B 93 19.63 -13.68 -18.91
CA GLU B 93 20.92 -13.65 -19.59
C GLU B 93 21.26 -15.02 -20.16
N ASP C 20 19.77 43.92 34.10
CA ASP C 20 19.20 43.73 32.77
C ASP C 20 20.29 43.36 31.76
N ARG C 21 21.11 42.40 32.11
CA ARG C 21 22.21 41.94 31.27
C ARG C 21 21.95 40.51 30.82
N ALA C 22 22.00 40.29 29.51
CA ALA C 22 21.77 38.98 28.92
C ALA C 22 23.07 38.44 28.34
N THR C 23 23.35 37.17 28.59
CA THR C 23 24.57 36.53 28.13
C THR C 23 24.27 35.72 26.87
N PHE C 24 24.84 36.13 25.74
CA PHE C 24 24.73 35.38 24.50
C PHE C 24 25.96 34.49 24.33
N ILE C 25 26.10 33.56 25.26
CA ILE C 25 27.23 32.65 25.28
C ILE C 25 27.07 31.59 24.19
N TYR C 26 28.16 31.29 23.51
CA TYR C 26 28.16 30.39 22.36
C TYR C 26 28.83 29.06 22.74
N ILE C 27 28.21 27.96 22.31
CA ILE C 27 28.69 26.62 22.62
C ILE C 27 28.85 25.84 21.32
N GLU C 28 30.02 25.23 21.13
CA GLU C 28 30.25 24.36 19.99
C GLU C 28 31.26 23.30 20.37
N HIS C 29 31.19 22.16 19.68
CA HIS C 29 32.14 21.07 19.84
C HIS C 29 32.23 20.59 21.28
N ALA C 30 31.08 20.44 21.93
CA ALA C 30 31.07 20.12 23.35
C ALA C 30 29.79 19.37 23.72
N LYS C 31 29.88 18.65 24.82
CA LYS C 31 28.72 18.02 25.45
C LYS C 31 28.36 18.78 26.71
N ILE C 32 27.06 18.98 26.95
CA ILE C 32 26.59 19.68 28.14
C ILE C 32 25.63 18.77 28.89
N ASN C 33 25.71 18.82 30.22
CA ASN C 33 24.85 18.04 31.10
C ASN C 33 24.64 18.82 32.38
N ARG C 34 24.05 18.16 33.38
CA ARG C 34 23.78 18.74 34.67
C ARG C 34 24.36 17.84 35.76
N VAL C 35 25.01 18.44 36.75
CA VAL C 35 25.66 17.64 37.78
C VAL C 35 24.85 17.68 39.07
N ASP C 36 24.77 18.84 39.72
CA ASP C 36 23.90 19.01 40.88
C ASP C 36 22.87 20.11 40.68
N SER C 37 23.30 21.34 40.39
CA SER C 37 22.38 22.44 40.15
C SER C 37 22.87 23.40 39.08
N ALA C 38 23.98 23.12 38.42
CA ALA C 38 24.56 24.00 37.42
C ALA C 38 24.91 23.20 36.18
N VAL C 39 24.75 23.81 35.01
CA VAL C 39 25.07 23.14 33.77
C VAL C 39 26.58 22.97 33.64
N THR C 40 27.00 21.83 33.10
CA THR C 40 28.40 21.54 32.86
C THR C 40 28.63 21.43 31.36
N VAL C 41 29.88 21.64 30.95
CA VAL C 41 30.28 21.55 29.55
C VAL C 41 31.43 20.55 29.45
N ALA C 42 31.39 19.70 28.43
CA ALA C 42 32.38 18.64 28.28
C ALA C 42 33.17 18.80 26.99
N GLU C 43 33.63 20.02 26.72
CA GLU C 43 34.42 20.28 25.53
C GLU C 43 35.77 19.57 25.63
N ALA C 44 36.41 19.38 24.47
CA ALA C 44 37.66 18.63 24.43
C ALA C 44 38.74 19.28 25.28
N LYS C 45 38.74 20.61 25.37
CA LYS C 45 39.75 21.31 26.16
C LYS C 45 39.62 20.96 27.64
N GLY C 46 38.40 20.92 28.16
CA GLY C 46 38.21 20.63 29.57
C GLY C 46 36.75 20.63 29.93
N VAL C 47 36.50 20.58 31.24
CA VAL C 47 35.15 20.54 31.80
C VAL C 47 34.95 21.77 32.65
N VAL C 48 33.86 22.49 32.42
CA VAL C 48 33.54 23.71 33.14
C VAL C 48 32.13 23.62 33.69
N ARG C 49 31.86 24.43 34.71
CA ARG C 49 30.66 24.32 35.53
C ARG C 49 29.95 25.66 35.67
N ILE C 50 29.68 26.31 34.55
CA ILE C 50 29.00 27.62 34.57
C ILE C 50 27.66 27.48 35.30
N PRO C 51 27.35 28.34 36.26
CA PRO C 51 26.03 28.28 36.91
C PRO C 51 24.92 28.60 35.92
N ALA C 52 23.76 28.00 36.16
CA ALA C 52 22.61 28.22 35.30
C ALA C 52 22.06 29.64 35.41
N ALA C 53 22.26 30.29 36.57
CA ALA C 53 21.75 31.64 36.76
C ALA C 53 22.42 32.63 35.81
N MET C 54 23.69 32.42 35.49
CA MET C 54 24.40 33.31 34.59
C MET C 54 23.96 33.19 33.14
N ILE C 55 23.37 32.07 32.76
CA ILE C 55 23.08 31.81 31.35
C ILE C 55 21.84 32.60 30.93
N GLY C 56 22.01 33.49 29.96
CA GLY C 56 20.88 34.18 29.38
C GLY C 56 20.40 33.54 28.10
N VAL C 57 21.31 33.31 27.17
CA VAL C 57 21.01 32.71 25.87
C VAL C 57 22.18 31.82 25.47
N LEU C 58 21.87 30.56 25.12
CA LEU C 58 22.88 29.62 24.64
C LEU C 58 22.80 29.57 23.12
N LEU C 59 23.80 30.15 22.46
CA LEU C 59 23.94 30.04 21.01
C LEU C 59 24.53 28.66 20.72
N LEU C 60 23.66 27.68 20.49
CA LEU C 60 24.09 26.31 20.27
C LEU C 60 24.57 26.16 18.84
N GLY C 61 25.84 25.80 18.68
CA GLY C 61 26.43 25.64 17.38
C GLY C 61 26.60 24.18 16.99
N PRO C 62 27.33 23.94 15.90
CA PRO C 62 27.50 22.57 15.42
C PRO C 62 28.25 21.71 16.42
N GLY C 63 27.98 20.41 16.37
CA GLY C 63 28.65 19.46 17.24
C GLY C 63 28.33 19.63 18.71
N THR C 64 27.06 19.83 19.06
CA THR C 64 26.63 19.96 20.44
C THR C 64 25.45 19.05 20.69
N ASP C 65 25.43 18.41 21.86
CA ASP C 65 24.29 17.65 22.32
C ASP C 65 23.79 18.21 23.63
N ILE C 66 22.50 18.02 23.89
CA ILE C 66 21.84 18.59 25.06
C ILE C 66 21.19 17.46 25.84
N SER C 67 21.43 17.43 27.14
CA SER C 67 20.82 16.44 28.01
C SER C 67 19.53 16.99 28.60
N HIS C 68 18.58 16.08 28.87
CA HIS C 68 17.29 16.49 29.40
C HIS C 68 17.44 17.12 30.78
N ARG C 69 18.33 16.58 31.62
CA ARG C 69 18.56 17.16 32.93
C ARG C 69 19.08 18.59 32.83
N ALA C 70 19.85 18.89 31.78
CA ALA C 70 20.29 20.26 31.56
C ALA C 70 19.12 21.16 31.20
N VAL C 71 18.20 20.65 30.37
CA VAL C 71 17.10 21.48 29.88
C VAL C 71 16.16 21.86 31.01
N GLU C 72 15.82 20.91 31.89
CA GLU C 72 14.93 21.22 33.01
C GLU C 72 15.56 22.26 33.93
N LEU C 73 16.88 22.18 34.11
CA LEU C 73 17.58 23.22 34.87
C LEU C 73 17.61 24.54 34.11
N LEU C 74 17.45 24.49 32.79
CA LEU C 74 17.42 25.70 31.98
C LEU C 74 16.01 26.23 31.76
N GLY C 75 15.01 25.36 31.78
CA GLY C 75 13.64 25.80 31.53
C GLY C 75 13.10 26.71 32.62
N ASP C 76 13.38 26.38 33.88
CA ASP C 76 12.82 27.17 34.98
C ASP C 76 13.45 28.56 35.08
N THR C 77 14.70 28.70 34.63
CA THR C 77 15.39 29.98 34.69
C THR C 77 15.11 30.87 33.50
N GLY C 78 14.29 30.42 32.56
CA GLY C 78 13.89 31.25 31.44
C GLY C 78 14.93 31.41 30.35
N THR C 79 15.97 30.59 30.34
CA THR C 79 17.01 30.69 29.32
C THR C 79 16.44 30.38 27.95
N ALA C 80 16.91 31.14 26.96
CA ALA C 80 16.49 30.97 25.57
C ALA C 80 17.49 30.07 24.87
N LEU C 81 17.07 28.84 24.56
CA LEU C 81 17.91 27.88 23.88
C LEU C 81 17.68 28.00 22.39
N VAL C 82 18.71 28.42 21.65
CA VAL C 82 18.61 28.62 20.22
C VAL C 82 19.67 27.76 19.53
N TRP C 83 19.25 27.02 18.51
CA TRP C 83 20.16 26.18 17.73
C TRP C 83 20.57 26.96 16.49
N VAL C 84 21.84 27.34 16.43
CA VAL C 84 22.34 28.14 15.32
C VAL C 84 23.48 27.42 14.63
N GLY C 85 24.04 28.05 13.60
CA GLY C 85 25.19 27.50 12.91
C GLY C 85 26.49 27.90 13.59
N GLU C 86 27.58 27.69 12.85
CA GLU C 86 28.91 28.07 13.34
C GLU C 86 28.97 29.56 13.62
N GLN C 87 29.12 29.94 14.89
CA GLN C 87 29.10 31.33 15.32
C GLN C 87 27.83 32.04 14.86
N GLY C 88 26.72 31.31 14.86
CA GLY C 88 25.45 31.89 14.45
C GLY C 88 25.39 32.31 13.00
N VAL C 89 26.10 31.60 12.12
CA VAL C 89 26.04 31.92 10.70
C VAL C 89 24.68 31.56 10.12
N ARG C 90 24.02 30.56 10.67
CA ARG C 90 22.71 30.13 10.20
C ARG C 90 21.77 29.91 11.39
N TYR C 91 20.48 29.97 11.11
CA TYR C 91 19.43 29.66 12.07
C TYR C 91 18.82 28.29 11.79
N TYR C 92 18.66 27.51 12.86
CA TYR C 92 18.06 26.19 12.79
C TYR C 92 16.77 26.08 13.58
N ALA C 93 16.81 26.35 14.89
CA ALA C 93 15.63 26.28 15.73
C ALA C 93 15.94 26.97 17.06
N SER C 94 14.89 27.23 17.83
CA SER C 94 15.04 27.81 19.16
C SER C 94 13.83 27.46 20.01
N GLY C 95 13.98 27.66 21.31
CA GLY C 95 12.89 27.45 22.25
C GLY C 95 12.19 28.74 22.65
N ARG C 96 11.95 28.91 23.94
CA ARG C 96 11.28 30.09 24.44
C ARG C 96 12.22 31.29 24.42
N ALA C 97 11.63 32.49 24.56
CA ALA C 97 12.40 33.71 24.65
C ALA C 97 13.13 33.79 25.98
N LEU C 98 14.12 34.69 26.06
CA LEU C 98 14.90 34.83 27.27
C LEU C 98 14.01 35.29 28.43
N ALA C 99 14.18 34.66 29.58
CA ALA C 99 13.41 34.94 30.80
C ALA C 99 11.91 34.79 30.58
N ARG C 100 11.51 34.08 29.51
CA ARG C 100 10.12 33.79 29.17
C ARG C 100 9.30 35.05 28.92
N SER C 101 9.94 36.21 28.79
CA SER C 101 9.22 37.45 28.61
C SER C 101 8.76 37.62 27.16
N THR C 102 7.76 38.48 26.98
CA THR C 102 7.24 38.77 25.65
C THR C 102 6.92 40.25 25.46
N ARG C 103 7.45 41.13 26.31
CA ARG C 103 7.10 42.54 26.22
C ARG C 103 7.56 43.15 24.89
N PHE C 104 8.70 42.68 24.36
CA PHE C 104 9.15 43.15 23.06
C PHE C 104 8.18 42.74 21.96
N LEU C 105 7.68 41.50 22.01
CA LEU C 105 6.80 41.02 20.95
C LEU C 105 5.47 41.76 20.95
N VAL C 106 4.85 41.91 22.14
CA VAL C 106 3.60 42.65 22.21
C VAL C 106 3.80 44.10 21.81
N LYS C 107 4.97 44.66 22.14
CA LYS C 107 5.31 46.00 21.64
C LYS C 107 5.37 46.02 20.12
N GLN C 108 5.95 44.98 19.53
CA GLN C 108 6.02 44.91 18.07
C GLN C 108 4.63 44.87 17.44
N ALA C 109 3.72 44.09 18.02
CA ALA C 109 2.37 43.99 17.47
C ALA C 109 1.66 45.34 17.53
N GLU C 110 1.82 46.06 18.63
CA GLU C 110 1.16 47.36 18.78
C GLU C 110 1.72 48.37 17.78
N LEU C 111 3.03 48.36 17.56
CA LEU C 111 3.65 49.35 16.69
C LEU C 111 3.46 49.03 15.21
N VAL C 112 3.00 47.83 14.88
CA VAL C 112 2.85 47.44 13.49
C VAL C 112 1.40 47.49 13.00
N THR C 113 0.43 47.41 13.91
CA THR C 113 -0.97 47.36 13.50
C THR C 113 -1.45 48.69 12.94
N ASN C 114 -0.94 49.80 13.45
CA ASN C 114 -1.40 51.12 13.04
C ASN C 114 -0.38 51.80 12.13
N GLU C 115 -0.90 52.58 11.18
CA GLU C 115 -0.04 53.22 10.19
C GLU C 115 0.82 54.32 10.80
N ARG C 116 0.30 55.03 11.81
CA ARG C 116 1.03 56.16 12.37
C ARG C 116 2.37 55.72 12.96
N SER C 117 2.37 54.63 13.72
CA SER C 117 3.64 54.08 14.18
C SER C 117 4.40 53.42 13.04
N ARG C 118 3.67 52.83 12.08
CA ARG C 118 4.32 52.24 10.91
C ARG C 118 5.07 53.31 10.12
N LEU C 119 4.48 54.49 9.99
CA LEU C 119 5.19 55.62 9.40
C LEU C 119 6.42 55.97 10.24
N ARG C 120 6.27 55.97 11.57
CA ARG C 120 7.36 56.39 12.44
C ARG C 120 8.54 55.42 12.35
N VAL C 121 8.29 54.13 12.51
CA VAL C 121 9.39 53.17 12.56
C VAL C 121 10.04 52.99 11.20
N ALA C 122 9.25 53.03 10.12
CA ALA C 122 9.80 52.85 8.79
C ALA C 122 10.82 53.94 8.46
N ARG C 123 10.50 55.19 8.80
CA ARG C 123 11.45 56.27 8.61
C ARG C 123 12.66 56.11 9.53
N ARG C 124 12.45 55.51 10.70
CA ARG C 124 13.55 55.32 11.64
C ARG C 124 14.62 54.40 11.06
N MET C 125 14.21 53.31 10.40
CA MET C 125 15.18 52.39 9.82
C MET C 125 16.02 53.08 8.77
N TYR C 126 15.40 53.92 7.93
CA TYR C 126 16.15 54.65 6.92
C TYR C 126 17.11 55.64 7.57
N GLN C 127 16.82 56.08 8.80
CA GLN C 127 17.75 56.99 9.49
C GLN C 127 19.07 56.31 9.77
N MET C 128 19.05 55.04 10.16
CA MET C 128 20.30 54.29 10.27
C MET C 128 20.89 54.00 8.90
N ARG C 129 20.04 53.85 7.88
CA ARG C 129 20.54 53.69 6.52
C ARG C 129 21.30 54.93 6.05
N PHE C 130 20.82 56.12 6.44
CA PHE C 130 21.42 57.39 6.07
C PHE C 130 21.64 58.19 7.35
N PRO C 131 22.70 57.87 8.10
CA PRO C 131 22.93 58.60 9.37
C PRO C 131 23.11 60.10 9.18
N THR C 132 23.71 60.52 8.07
CA THR C 132 23.98 61.94 7.86
C THR C 132 22.85 62.66 7.12
N GLU C 133 22.03 61.94 6.37
CA GLU C 133 20.97 62.54 5.57
C GLU C 133 19.62 62.32 6.24
N ASP C 134 18.84 63.39 6.36
CA ASP C 134 17.52 63.33 6.98
C ASP C 134 16.48 63.03 5.90
N VAL C 135 15.81 61.88 6.03
CA VAL C 135 14.76 61.49 5.11
C VAL C 135 13.51 61.15 5.90
N SER C 136 13.39 61.71 7.10
CA SER C 136 12.25 61.44 7.97
C SER C 136 10.95 62.03 7.43
N LYS C 137 11.01 62.87 6.39
CA LYS C 137 9.80 63.42 5.79
C LYS C 137 9.44 62.75 4.47
N LEU C 138 10.37 62.01 3.87
CA LEU C 138 10.08 61.32 2.62
C LEU C 138 9.10 60.19 2.86
N THR C 139 8.12 60.05 1.95
CA THR C 139 7.14 58.99 2.05
C THR C 139 7.78 57.64 1.72
N MET C 140 7.00 56.57 1.84
CA MET C 140 7.51 55.25 1.52
C MET C 140 7.97 55.15 0.07
N GLN C 141 7.20 55.73 -0.86
CA GLN C 141 7.56 55.67 -2.27
C GLN C 141 8.92 56.32 -2.52
N GLN C 142 9.15 57.49 -1.90
CA GLN C 142 10.45 58.14 -2.03
C GLN C 142 11.52 57.42 -1.22
N LEU C 143 11.16 56.86 -0.07
CA LEU C 143 12.14 56.15 0.75
C LEU C 143 12.67 54.92 0.03
N ARG C 144 11.76 54.11 -0.52
CA ARG C 144 12.19 52.94 -1.28
C ARG C 144 12.89 53.34 -2.58
N SER C 145 12.47 54.47 -3.17
CA SER C 145 13.14 54.96 -4.38
C SER C 145 14.58 55.34 -4.09
N HIS C 146 14.81 56.13 -3.05
CA HIS C 146 16.16 56.54 -2.72
C HIS C 146 16.94 55.37 -2.11
N GLU C 147 16.24 54.37 -1.57
CA GLU C 147 16.89 53.14 -1.16
C GLU C 147 17.49 52.41 -2.35
N GLY C 148 16.79 52.42 -3.48
CA GLY C 148 17.35 51.84 -4.69
C GLY C 148 18.49 52.67 -5.26
N ALA C 149 18.56 53.94 -4.89
CA ALA C 149 19.65 54.79 -5.36
C ALA C 149 20.96 54.44 -4.67
N ARG C 150 20.93 54.25 -3.34
CA ARG C 150 22.16 54.00 -2.61
C ARG C 150 22.77 52.64 -2.95
N VAL C 151 21.93 51.63 -3.20
CA VAL C 151 22.45 50.29 -3.47
C VAL C 151 23.26 50.28 -4.76
N ARG C 152 22.86 51.09 -5.75
CA ARG C 152 23.64 51.20 -6.97
C ARG C 152 25.01 51.81 -6.71
N ARG C 153 25.07 52.85 -5.88
CA ARG C 153 26.35 53.48 -5.58
C ARG C 153 27.26 52.55 -4.82
N LYS C 154 26.73 51.87 -3.79
CA LYS C 154 27.56 51.01 -2.97
C LYS C 154 28.15 49.86 -3.76
N TYR C 155 27.35 49.25 -4.65
CA TYR C 155 27.89 48.22 -5.53
C TYR C 155 28.96 48.80 -6.45
N ARG C 156 28.69 49.97 -7.02
CA ARG C 156 29.67 50.58 -7.93
C ARG C 156 30.92 51.01 -7.17
N GLU C 157 30.76 51.61 -5.99
CA GLU C 157 31.91 52.10 -5.24
C GLU C 157 32.81 50.97 -4.78
N LEU C 158 32.23 49.87 -4.30
CA LEU C 158 33.05 48.74 -3.88
C LEU C 158 33.61 47.97 -5.07
N SER C 159 32.93 48.03 -6.22
CA SER C 159 33.45 47.36 -7.41
C SER C 159 34.78 47.95 -7.84
N LYS C 160 34.89 49.28 -7.85
CA LYS C 160 36.14 49.92 -8.22
C LYS C 160 37.20 49.79 -7.14
N LYS C 161 36.79 49.66 -5.87
CA LYS C 161 37.75 49.54 -4.79
C LYS C 161 38.52 48.22 -4.86
N TYR C 162 37.82 47.13 -5.14
CA TYR C 162 38.43 45.81 -5.22
C TYR C 162 38.70 45.36 -6.64
N ASN C 163 38.53 46.24 -7.63
CA ASN C 163 38.82 45.96 -9.03
C ASN C 163 37.99 44.78 -9.56
N VAL C 164 36.80 44.58 -9.02
CA VAL C 164 35.89 43.53 -9.45
C VAL C 164 34.91 44.14 -10.44
N PRO C 165 34.84 43.64 -11.68
CA PRO C 165 33.89 44.21 -12.64
C PRO C 165 32.45 43.96 -12.22
N TRP C 166 31.66 45.03 -12.21
CA TRP C 166 30.26 44.97 -11.79
C TRP C 166 29.39 45.45 -12.94
N LYS C 167 28.33 44.70 -13.23
CA LYS C 167 27.39 45.08 -14.29
C LYS C 167 26.01 45.40 -13.73
N LYS C 168 25.40 44.45 -13.02
CA LYS C 168 24.04 44.60 -12.49
C LYS C 168 23.71 43.41 -11.62
N ARG C 169 22.88 43.59 -10.59
CA ARG C 169 22.52 42.50 -9.70
C ARG C 169 21.70 41.49 -10.48
N VAL C 170 22.34 40.37 -10.85
CA VAL C 170 21.73 39.34 -11.67
C VAL C 170 21.96 37.99 -11.01
N TYR C 171 20.87 37.25 -10.78
CA TYR C 171 20.95 35.94 -10.15
C TYR C 171 19.66 35.20 -10.42
N ASN C 172 19.53 34.01 -9.82
CA ASN C 172 18.35 33.18 -9.96
C ASN C 172 18.23 32.25 -8.76
N PRO C 173 17.17 32.38 -7.96
CA PRO C 173 17.04 31.51 -6.78
C PRO C 173 16.98 30.04 -7.12
N ASP C 174 16.38 29.68 -8.27
CA ASP C 174 16.33 28.29 -8.69
C ASP C 174 17.67 27.79 -9.22
N ASP C 175 18.62 28.67 -9.51
CA ASP C 175 19.92 28.30 -10.06
C ASP C 175 20.99 29.05 -9.26
N PHE C 176 21.44 28.43 -8.17
CA PHE C 176 22.52 29.03 -7.38
C PHE C 176 23.87 28.87 -8.08
N ALA C 177 24.10 27.70 -8.67
CA ALA C 177 25.39 27.44 -9.31
C ALA C 177 25.63 28.36 -10.51
N GLY C 178 24.59 28.59 -11.30
CA GLY C 178 24.72 29.44 -12.46
C GLY C 178 24.58 30.91 -12.13
N GLY C 179 25.54 31.45 -11.39
CA GLY C 179 25.50 32.84 -11.00
C GLY C 179 26.87 33.49 -11.08
N ASP C 180 26.84 34.82 -11.12
CA ASP C 180 28.08 35.58 -11.14
C ASP C 180 28.82 35.39 -9.81
N PRO C 181 30.15 35.19 -9.84
CA PRO C 181 30.88 35.05 -8.57
C PRO C 181 30.66 36.21 -7.60
N ILE C 182 30.53 37.43 -8.10
CA ILE C 182 30.17 38.54 -7.22
C ILE C 182 28.77 38.34 -6.66
N ASN C 183 27.83 37.89 -7.50
CA ASN C 183 26.46 37.68 -7.04
C ASN C 183 26.37 36.51 -6.07
N GLN C 184 27.05 35.41 -6.36
CA GLN C 184 27.02 34.26 -5.47
C GLN C 184 27.56 34.60 -4.10
N ALA C 185 28.66 35.35 -4.06
CA ALA C 185 29.18 35.82 -2.78
C ALA C 185 28.18 36.76 -2.10
N LEU C 186 27.56 37.64 -2.87
CA LEU C 186 26.59 38.56 -2.30
C LEU C 186 25.38 37.82 -1.72
N SER C 187 24.87 36.83 -2.46
CA SER C 187 23.74 36.05 -1.96
C SER C 187 24.13 35.26 -0.72
N ALA C 188 25.33 34.67 -0.73
CA ALA C 188 25.77 33.88 0.43
C ALA C 188 26.01 34.78 1.64
N ALA C 189 26.56 35.98 1.41
CA ALA C 189 26.83 36.88 2.53
C ALA C 189 25.55 37.30 3.23
N HIS C 190 24.50 37.62 2.47
CA HIS C 190 23.22 37.99 3.08
C HIS C 190 22.66 36.84 3.90
N VAL C 191 22.70 35.62 3.36
CA VAL C 191 22.19 34.47 4.09
C VAL C 191 23.01 34.24 5.34
N ALA C 192 24.32 34.47 5.27
CA ALA C 192 25.17 34.33 6.44
C ALA C 192 24.76 35.30 7.54
N LEU C 193 24.44 36.54 7.18
CA LEU C 193 23.98 37.51 8.18
C LEU C 193 22.55 37.22 8.61
N TYR C 194 21.74 36.65 7.71
CA TYR C 194 20.37 36.32 8.05
C TYR C 194 20.30 35.37 9.25
N GLY C 195 21.35 34.57 9.44
CA GLY C 195 21.39 33.64 10.55
C GLY C 195 21.32 34.30 11.91
N LEU C 196 22.33 35.12 12.26
CA LEU C 196 22.36 35.72 13.58
C LEU C 196 21.18 36.67 13.78
N VAL C 197 20.86 37.49 12.78
CA VAL C 197 19.79 38.47 12.94
C VAL C 197 18.45 37.78 13.16
N HIS C 198 18.24 36.58 12.63
CA HIS C 198 17.06 35.81 13.00
C HIS C 198 17.21 35.16 14.36
N SER C 199 18.43 34.80 14.74
CA SER C 199 18.66 34.19 16.04
C SER C 199 18.33 35.15 17.18
N VAL C 200 18.74 36.42 17.05
CA VAL C 200 18.45 37.39 18.10
C VAL C 200 16.95 37.67 18.17
N VAL C 201 16.28 37.67 17.02
CA VAL C 201 14.83 37.88 17.00
C VAL C 201 14.13 36.77 17.77
N ALA C 202 14.51 35.52 17.51
CA ALA C 202 13.94 34.41 18.26
C ALA C 202 14.38 34.44 19.72
N ALA C 203 15.64 34.80 19.97
CA ALA C 203 16.12 34.90 21.35
C ALA C 203 15.36 35.96 22.11
N LEU C 204 15.11 37.11 21.50
CA LEU C 204 14.36 38.18 22.14
C LEU C 204 12.85 37.98 22.05
N GLY C 205 12.39 36.95 21.34
CA GLY C 205 10.98 36.64 21.27
C GLY C 205 10.19 37.42 20.24
N LEU C 206 10.84 38.24 19.43
CA LEU C 206 10.12 38.99 18.41
C LEU C 206 9.55 38.05 17.36
N SER C 207 8.44 38.47 16.77
CA SER C 207 7.80 37.66 15.72
C SER C 207 8.49 37.91 14.39
N PRO C 208 9.14 36.91 13.80
CA PRO C 208 9.79 37.14 12.50
C PRO C 208 8.81 37.47 11.38
N GLY C 209 7.55 37.09 11.51
CA GLY C 209 6.58 37.35 10.46
C GLY C 209 6.25 38.82 10.30
N LEU C 210 6.13 39.54 11.41
CA LEU C 210 5.65 40.91 11.38
C LEU C 210 6.72 41.88 10.88
N GLY C 211 6.81 42.05 9.56
CA GLY C 211 7.74 42.99 8.99
C GLY C 211 7.08 44.33 8.66
N PHE C 212 7.90 45.37 8.63
CA PHE C 212 7.39 46.71 8.36
C PHE C 212 7.49 47.07 6.87
N VAL C 213 8.70 47.07 6.32
CA VAL C 213 8.86 47.34 4.90
C VAL C 213 8.49 46.13 4.07
N HIS C 214 9.11 44.99 4.35
CA HIS C 214 8.73 43.74 3.72
C HIS C 214 7.59 43.09 4.49
N THR C 215 6.60 42.56 3.76
CA THR C 215 5.43 41.97 4.37
C THR C 215 4.91 40.86 3.47
N GLY C 216 4.51 39.75 4.08
CA GLY C 216 4.01 38.61 3.35
C GLY C 216 4.86 37.36 3.42
N HIS C 217 5.92 37.37 4.22
CA HIS C 217 6.79 36.20 4.37
C HIS C 217 7.16 36.05 5.84
N ASP C 218 7.39 34.81 6.26
CA ASP C 218 7.68 34.55 7.67
C ASP C 218 8.99 35.17 8.11
N ARG C 219 9.86 35.54 7.17
CA ARG C 219 11.12 36.20 7.47
C ARG C 219 11.05 37.71 7.24
N SER C 220 9.85 38.26 7.05
CA SER C 220 9.72 39.65 6.61
C SER C 220 10.36 40.61 7.62
N PHE C 221 10.13 40.39 8.91
CA PHE C 221 10.77 41.22 9.93
C PHE C 221 12.28 41.06 9.89
N ILE C 222 12.76 39.89 9.47
CA ILE C 222 14.20 39.64 9.46
C ILE C 222 14.88 40.49 8.39
N TYR C 223 14.30 40.57 7.20
CA TYR C 223 14.93 41.33 6.12
C TYR C 223 15.05 42.80 6.49
N ASP C 224 14.00 43.36 7.10
CA ASP C 224 14.03 44.77 7.46
C ASP C 224 15.13 45.08 8.46
N VAL C 225 15.29 44.22 9.48
CA VAL C 225 16.34 44.43 10.45
C VAL C 225 17.70 44.15 9.84
N ALA C 226 17.80 43.10 9.03
CA ALA C 226 19.09 42.74 8.43
C ALA C 226 19.58 43.82 7.46
N ASP C 227 18.65 44.53 6.81
CA ASP C 227 19.06 45.60 5.90
C ASP C 227 19.76 46.75 6.62
N LEU C 228 19.64 46.82 7.95
CA LEU C 228 20.36 47.84 8.70
C LEU C 228 21.86 47.57 8.71
N TYR C 229 22.27 46.35 8.37
CA TYR C 229 23.67 45.96 8.42
C TYR C 229 24.20 45.42 7.10
N LYS C 230 23.34 45.25 6.09
CA LYS C 230 23.78 44.65 4.84
C LYS C 230 24.81 45.54 4.15
N ALA C 231 24.63 46.85 4.19
CA ALA C 231 25.54 47.78 3.52
C ALA C 231 26.84 47.98 4.29
N GLU C 232 26.94 47.45 5.51
CA GLU C 232 28.13 47.63 6.34
C GLU C 232 28.94 46.36 6.54
N ILE C 233 28.33 45.19 6.37
CA ILE C 233 29.03 43.93 6.61
C ILE C 233 29.03 43.05 5.36
N THR C 234 27.85 42.67 4.89
CA THR C 234 27.75 41.65 3.84
C THR C 234 28.39 42.12 2.54
N VAL C 235 27.98 43.29 2.05
CA VAL C 235 28.49 43.76 0.75
C VAL C 235 29.99 44.00 0.77
N PRO C 236 30.57 44.66 1.79
CA PRO C 236 32.05 44.75 1.82
C PRO C 236 32.73 43.40 1.84
N ILE C 237 32.18 42.43 2.56
CA ILE C 237 32.77 41.10 2.61
C ILE C 237 32.59 40.39 1.27
N ALA C 238 31.39 40.48 0.69
CA ALA C 238 31.11 39.75 -0.54
C ALA C 238 32.00 40.23 -1.68
N PHE C 239 32.19 41.54 -1.82
CA PHE C 239 33.06 42.05 -2.86
C PHE C 239 34.51 41.63 -2.63
N ALA C 240 34.95 41.62 -1.37
CA ALA C 240 36.31 41.20 -1.06
C ALA C 240 36.54 39.74 -1.42
N VAL C 241 35.56 38.88 -1.13
CA VAL C 241 35.69 37.46 -1.46
C VAL C 241 35.76 37.26 -2.96
N ALA C 242 34.97 38.02 -3.72
CA ALA C 242 34.95 37.85 -5.17
C ALA C 242 36.32 38.15 -5.78
N ALA C 243 37.00 39.19 -5.30
CA ALA C 243 38.34 39.50 -5.80
C ALA C 243 39.32 38.39 -5.43
N GLU C 244 39.24 37.88 -4.20
CA GLU C 244 40.15 36.84 -3.72
C GLU C 244 39.48 35.49 -3.92
N ALA C 245 39.48 35.03 -5.17
CA ALA C 245 38.88 33.74 -5.51
C ALA C 245 39.40 33.30 -6.87
N GLU C 246 39.94 32.08 -6.93
CA GLU C 246 40.41 31.51 -8.17
C GLU C 246 39.28 30.72 -8.84
N GLU C 247 39.43 30.52 -10.16
CA GLU C 247 38.42 29.82 -10.93
C GLU C 247 38.33 28.36 -10.51
N GLY C 248 37.12 27.82 -10.58
CA GLY C 248 36.88 26.43 -10.24
C GLY C 248 36.73 26.13 -8.76
N GLN C 249 36.75 27.16 -7.91
CA GLN C 249 36.63 26.99 -6.47
C GLN C 249 35.30 27.58 -6.01
N ASP C 250 34.51 26.78 -5.31
CA ASP C 250 33.21 27.24 -4.84
C ASP C 250 33.40 28.25 -3.73
N ILE C 251 32.60 29.33 -3.77
CA ILE C 251 32.76 30.43 -2.82
C ILE C 251 31.69 30.45 -1.75
N GLY C 252 30.68 29.58 -1.84
CA GLY C 252 29.65 29.55 -0.81
C GLY C 252 30.21 29.29 0.56
N GLN C 253 31.11 28.32 0.67
CA GLN C 253 31.80 28.08 1.94
C GLN C 253 32.76 29.21 2.26
N LEU C 254 33.39 29.82 1.24
CA LEU C 254 34.30 30.94 1.48
C LEU C 254 33.55 32.13 2.08
N ALA C 255 32.39 32.47 1.52
CA ALA C 255 31.63 33.60 2.02
C ALA C 255 31.17 33.36 3.46
N ARG C 256 30.71 32.14 3.75
CA ARG C 256 30.32 31.83 5.13
C ARG C 256 31.52 31.89 6.07
N LEU C 257 32.65 31.34 5.64
CA LEU C 257 33.85 31.36 6.49
C LEU C 257 34.35 32.78 6.69
N ARG C 258 34.37 33.59 5.63
CA ARG C 258 34.82 34.97 5.77
C ARG C 258 33.89 35.78 6.65
N THR C 259 32.57 35.60 6.47
CA THR C 259 31.61 36.32 7.30
C THR C 259 31.72 35.90 8.76
N ARG C 260 31.75 34.59 9.01
CA ARG C 260 31.81 34.09 10.39
C ARG C 260 33.04 34.58 11.14
N ASP C 261 34.09 34.98 10.42
CA ASP C 261 35.23 35.60 11.08
C ASP C 261 34.83 36.90 11.75
N ALA C 262 33.97 37.68 11.10
CA ALA C 262 33.50 38.93 11.69
C ALA C 262 32.59 38.70 12.88
N PHE C 263 31.98 37.51 12.99
CA PHE C 263 31.13 37.19 14.12
C PHE C 263 31.90 36.64 15.30
N VAL C 264 33.21 36.39 15.16
CA VAL C 264 33.97 35.77 16.23
C VAL C 264 34.01 36.68 17.46
N ASP C 265 34.32 37.96 17.25
CA ASP C 265 34.42 38.89 18.38
C ASP C 265 33.07 39.09 19.05
N GLY C 266 32.00 39.16 18.26
CA GLY C 266 30.67 39.42 18.78
C GLY C 266 30.33 40.88 18.95
N LYS C 267 31.21 41.80 18.50
CA LYS C 267 30.91 43.22 18.61
C LYS C 267 29.67 43.58 17.80
N ILE C 268 29.48 42.94 16.66
CA ILE C 268 28.28 43.16 15.86
C ILE C 268 27.05 42.69 16.61
N LEU C 269 27.18 41.63 17.43
CA LEU C 269 26.02 41.08 18.12
C LEU C 269 25.37 42.10 19.04
N LYS C 270 26.17 42.89 19.76
CA LYS C 270 25.62 43.92 20.62
C LYS C 270 24.85 44.96 19.82
N ARG C 271 25.25 45.20 18.56
CA ARG C 271 24.61 46.25 17.77
C ARG C 271 23.14 45.92 17.51
N MET C 272 22.85 44.66 17.16
CA MET C 272 21.45 44.29 16.95
C MET C 272 20.65 44.39 18.24
N VAL C 273 21.25 43.99 19.36
CA VAL C 273 20.55 44.03 20.64
C VAL C 273 20.13 45.45 20.98
N LYS C 274 21.05 46.40 20.82
CA LYS C 274 20.73 47.80 21.07
C LYS C 274 19.75 48.33 20.02
N ASP C 275 19.94 47.98 18.75
CA ASP C 275 19.12 48.53 17.70
C ASP C 275 17.66 48.11 17.84
N LEU C 276 17.41 46.83 18.17
CA LEU C 276 16.04 46.34 18.28
C LEU C 276 15.27 47.13 19.33
N GLN C 277 15.90 47.44 20.47
CA GLN C 277 15.26 48.29 21.46
C GLN C 277 14.99 49.68 20.89
N THR C 278 15.93 50.21 20.12
CA THR C 278 15.74 51.54 19.53
C THR C 278 14.58 51.55 18.56
N LEU C 279 14.45 50.52 17.71
CA LEU C 279 13.33 50.45 16.79
C LEU C 279 12.00 50.30 17.54
N LEU C 280 12.00 49.55 18.63
CA LEU C 280 10.78 49.37 19.41
C LEU C 280 10.54 50.50 20.40
N GLU C 281 11.40 51.51 20.43
CA GLU C 281 11.23 52.69 21.28
C GLU C 281 11.17 52.33 22.75
N ILE C 282 11.89 51.28 23.13
CA ILE C 282 11.93 50.87 24.54
C ILE C 282 12.65 51.93 25.35
N PRO C 283 12.16 52.28 26.55
CA PRO C 283 12.88 53.24 27.38
C PRO C 283 14.29 52.78 27.69
N GLU C 284 15.20 53.75 27.81
CA GLU C 284 16.62 53.44 27.97
C GLU C 284 16.87 52.53 29.17
N GLU C 285 16.13 52.75 30.27
CA GLU C 285 16.25 51.85 31.41
C GLU C 285 15.82 50.44 31.05
N GLY C 286 14.76 50.30 30.26
CA GLY C 286 14.31 49.01 29.80
C GLY C 286 15.06 48.45 28.62
N GLN C 287 16.01 49.19 28.06
CA GLN C 287 16.82 48.71 26.94
C GLN C 287 17.94 47.84 27.49
N ILE C 288 17.78 46.53 27.40
CA ILE C 288 18.81 45.61 27.89
C ILE C 288 19.91 45.52 26.85
N GLU C 289 21.12 45.24 27.32
CA GLU C 289 22.29 45.11 26.46
C GLU C 289 22.93 43.75 26.71
N ALA C 290 23.15 43.01 25.62
CA ALA C 290 23.71 41.68 25.73
C ALA C 290 25.24 41.72 25.68
N GLU C 291 25.86 40.71 26.28
CA GLU C 291 27.31 40.58 26.30
C GLU C 291 27.71 39.26 25.65
N PRO C 292 28.31 39.29 24.46
CA PRO C 292 28.65 38.04 23.77
C PRO C 292 29.87 37.36 24.34
N LEU C 293 29.68 36.57 25.40
CA LEU C 293 30.79 35.87 26.02
C LEU C 293 31.18 34.63 25.20
N SER C 294 32.39 34.14 25.48
CA SER C 294 32.86 32.87 24.97
C SER C 294 33.66 32.18 26.05
N LEU C 295 33.71 30.85 26.00
CA LEU C 295 34.34 30.07 27.06
C LEU C 295 35.81 30.38 27.22
N TRP C 296 36.60 30.09 26.20
CA TRP C 296 38.05 30.26 26.27
C TRP C 296 38.51 31.65 25.88
N ASP C 297 37.61 32.49 25.35
CA ASP C 297 37.93 33.88 25.07
C ASP C 297 37.92 34.76 26.31
N ASP C 298 37.08 34.43 27.30
CA ASP C 298 36.95 35.24 28.50
C ASP C 298 37.05 34.36 29.75
N LYS C 299 38.05 33.48 29.78
CA LYS C 299 38.24 32.62 30.95
C LYS C 299 38.49 33.46 32.20
N GLU C 300 39.33 34.49 32.07
CA GLU C 300 39.62 35.36 33.22
C GLU C 300 38.39 36.13 33.68
N LYS C 301 37.46 36.43 32.77
CA LYS C 301 36.29 37.22 33.13
C LYS C 301 35.24 36.40 33.87
N LEU C 302 35.07 35.12 33.51
CA LEU C 302 34.03 34.31 34.14
C LEU C 302 34.44 33.83 35.54
N VAL C 303 35.72 33.54 35.76
CA VAL C 303 36.14 32.92 37.02
C VAL C 303 35.80 33.74 38.26
N PRO C 304 35.98 35.07 38.29
CA PRO C 304 35.72 35.77 39.57
C PRO C 304 34.26 35.70 40.00
N TYR C 305 33.33 35.52 39.07
CA TYR C 305 31.92 35.47 39.43
C TYR C 305 31.55 34.19 40.17
N GLY C 306 32.31 33.12 39.99
CA GLY C 306 31.98 31.86 40.63
C GLY C 306 31.93 30.69 39.66
N VAL C 307 32.55 30.84 38.50
CA VAL C 307 32.61 29.77 37.51
C VAL C 307 33.86 28.94 37.77
N ASN C 308 33.72 27.61 37.70
CA ASN C 308 34.82 26.69 37.92
C ASN C 308 35.31 26.17 36.58
N TYR C 309 36.63 26.19 36.39
CA TYR C 309 37.28 25.72 35.17
C TYR C 309 38.17 24.55 35.52
N SER C 310 37.85 23.37 35.01
CA SER C 310 38.61 22.15 35.27
C SER C 310 39.18 21.62 33.96
N GLU C 311 40.41 21.13 34.02
CA GLU C 311 41.08 20.59 32.84
C GLU C 311 40.60 19.18 32.54
N ALA D 2 11.47 23.45 -9.92
CA ALA D 2 12.22 23.58 -8.68
C ALA D 2 13.72 23.45 -8.92
N GLY D 3 14.51 23.69 -7.90
CA GLY D 3 15.95 23.61 -8.00
C GLY D 3 16.48 22.25 -7.61
N PRO D 4 17.76 22.18 -7.27
CA PRO D 4 18.35 20.91 -6.87
C PRO D 4 17.77 20.42 -5.55
N ILE D 5 17.78 19.10 -5.37
CA ILE D 5 17.24 18.45 -4.18
C ILE D 5 18.42 17.94 -3.35
N ILE D 6 18.43 18.27 -2.07
CA ILE D 6 19.54 17.94 -1.18
C ILE D 6 19.00 17.16 0.00
N ALA D 7 19.68 16.08 0.36
CA ALA D 7 19.26 15.27 1.50
C ALA D 7 19.34 16.09 2.78
N GLY D 8 18.31 15.99 3.60
CA GLY D 8 18.21 16.77 4.81
C GLY D 8 17.51 18.11 4.65
N LYS D 9 17.16 18.49 3.42
CA LYS D 9 16.46 19.74 3.18
C LYS D 9 15.31 19.50 2.22
N SER D 10 14.19 20.19 2.44
CA SER D 10 13.00 19.99 1.62
C SER D 10 12.14 21.24 1.66
N GLU D 11 11.28 21.37 0.65
CA GLU D 11 10.35 22.49 0.60
C GLU D 11 9.10 22.19 1.41
N SER D 12 8.25 23.20 1.55
CA SER D 12 6.98 23.01 2.25
C SER D 12 6.06 22.09 1.48
N SER D 13 6.09 22.17 0.14
CA SER D 13 5.23 21.31 -0.67
C SER D 13 5.58 19.84 -0.50
N GLU D 14 6.87 19.52 -0.36
CA GLU D 14 7.26 18.14 -0.13
C GLU D 14 6.69 17.61 1.17
N LEU D 15 6.72 18.44 2.23
CA LEU D 15 6.19 18.02 3.52
C LEU D 15 4.67 17.89 3.45
N PRO D 16 4.09 17.01 4.25
CA PRO D 16 2.63 16.84 4.24
C PRO D 16 1.92 18.01 4.90
N ARG D 17 0.61 18.07 4.66
CA ARG D 17 -0.21 19.10 5.27
C ARG D 17 -0.26 18.88 6.79
N VAL D 18 -0.47 19.98 7.53
CA VAL D 18 -0.26 19.96 8.98
C VAL D 18 -1.20 18.99 9.67
N GLU D 19 -2.46 18.94 9.25
CA GLU D 19 -3.46 18.12 9.94
C GLU D 19 -3.56 16.70 9.37
N ASP D 20 -2.68 16.33 8.45
CA ASP D 20 -2.68 14.99 7.87
C ASP D 20 -1.62 14.09 8.47
N ARG D 21 -0.98 14.50 9.56
CA ARG D 21 0.12 13.76 10.16
C ARG D 21 -0.30 13.19 11.52
N ALA D 22 0.58 12.37 12.08
CA ALA D 22 0.35 11.80 13.39
C ALA D 22 0.55 12.84 14.47
N THR D 23 0.15 12.49 15.70
CA THR D 23 0.15 13.46 16.78
C THR D 23 1.52 13.57 17.45
N PHE D 24 1.98 12.49 18.08
CA PHE D 24 3.13 12.62 18.96
C PHE D 24 3.79 11.26 19.18
N ILE D 25 5.01 11.30 19.71
CA ILE D 25 5.74 10.12 20.15
C ILE D 25 6.34 10.45 21.51
N TYR D 26 6.59 9.43 22.32
CA TYR D 26 7.10 9.59 23.68
C TYR D 26 8.42 8.84 23.78
N ILE D 27 9.52 9.57 23.95
CA ILE D 27 10.87 9.02 23.90
C ILE D 27 11.59 9.30 25.19
N GLU D 28 12.15 8.26 25.81
CA GLU D 28 12.89 8.39 27.06
C GLU D 28 14.10 7.48 27.04
N HIS D 29 15.09 7.84 27.86
CA HIS D 29 16.27 7.00 28.11
C HIS D 29 16.96 6.61 26.81
N ALA D 30 17.09 7.57 25.90
CA ALA D 30 17.68 7.31 24.59
C ALA D 30 18.30 8.57 24.06
N LYS D 31 19.21 8.41 23.11
CA LYS D 31 19.92 9.52 22.49
C LYS D 31 19.37 9.72 21.09
N ILE D 32 18.97 10.95 20.78
CA ILE D 32 18.49 11.30 19.45
C ILE D 32 19.66 11.88 18.66
N ASN D 33 19.95 11.27 17.51
CA ASN D 33 21.05 11.69 16.67
C ASN D 33 20.59 11.68 15.21
N ARG D 34 21.41 12.28 14.35
CA ARG D 34 21.18 12.27 12.91
C ARG D 34 22.32 11.49 12.28
N VAL D 35 22.00 10.32 11.71
CA VAL D 35 22.96 9.51 10.99
C VAL D 35 22.41 9.24 9.60
N ASP D 36 23.25 9.47 8.59
CA ASP D 36 22.87 9.27 7.18
C ASP D 36 21.61 10.06 6.83
N SER D 37 21.54 11.31 7.31
CA SER D 37 20.39 12.19 7.08
C SER D 37 19.10 11.53 7.55
N ALA D 38 19.12 11.05 8.78
CA ALA D 38 17.98 10.36 9.36
C ALA D 38 17.90 10.66 10.84
N VAL D 39 16.75 11.18 11.28
CA VAL D 39 16.51 11.35 12.71
C VAL D 39 16.33 9.96 13.33
N THR D 40 17.20 9.63 14.29
CA THR D 40 17.24 8.29 14.86
C THR D 40 17.25 8.38 16.37
N VAL D 41 16.58 7.43 17.01
CA VAL D 41 16.50 7.32 18.46
C VAL D 41 17.26 6.07 18.85
N ALA D 42 18.37 6.23 19.54
CA ALA D 42 19.21 5.11 19.96
C ALA D 42 18.92 4.79 21.42
N GLU D 43 18.12 3.74 21.64
CA GLU D 43 17.81 3.29 22.98
C GLU D 43 18.94 2.41 23.50
N ALA D 44 18.72 1.77 24.65
CA ALA D 44 19.76 0.93 25.24
C ALA D 44 20.00 -0.34 24.44
N LYS D 45 18.99 -0.82 23.72
CA LYS D 45 19.08 -2.08 23.01
C LYS D 45 19.11 -1.95 21.49
N GLY D 46 18.84 -0.77 20.95
CA GLY D 46 18.84 -0.61 19.51
C GLY D 46 18.49 0.80 19.09
N VAL D 47 18.20 0.95 17.80
CA VAL D 47 17.91 2.24 17.21
C VAL D 47 16.62 2.14 16.41
N VAL D 48 15.86 3.24 16.38
CA VAL D 48 14.63 3.34 15.61
C VAL D 48 14.70 4.60 14.76
N ARG D 49 13.92 4.62 13.69
CA ARG D 49 13.88 5.73 12.75
C ARG D 49 12.50 6.37 12.78
N ILE D 50 12.47 7.68 12.96
CA ILE D 50 11.22 8.43 13.14
C ILE D 50 10.79 8.97 11.78
N PRO D 51 9.59 8.65 11.30
CA PRO D 51 9.11 9.27 10.07
C PRO D 51 8.67 10.71 10.30
N ALA D 52 9.63 11.63 10.31
CA ALA D 52 9.37 13.01 10.72
C ALA D 52 8.38 13.73 9.81
N ALA D 53 8.18 13.26 8.58
CA ALA D 53 7.23 13.92 7.69
C ALA D 53 5.81 13.77 8.17
N MET D 54 5.46 12.62 8.76
CA MET D 54 4.11 12.35 9.23
C MET D 54 3.97 12.52 10.74
N ILE D 55 4.81 13.34 11.36
CA ILE D 55 4.81 13.53 12.80
C ILE D 55 4.59 15.00 13.12
N GLY D 56 3.65 15.27 14.02
CA GLY D 56 3.37 16.63 14.43
C GLY D 56 4.35 17.18 15.44
N VAL D 57 4.42 16.55 16.62
CA VAL D 57 5.27 17.02 17.70
C VAL D 57 5.99 15.82 18.32
N LEU D 58 7.24 16.03 18.69
CA LEU D 58 8.05 15.01 19.35
C LEU D 58 8.26 15.40 20.81
N LEU D 59 8.37 14.39 21.67
CA LEU D 59 8.46 14.58 23.10
C LEU D 59 9.77 13.99 23.62
N LEU D 60 10.34 14.63 24.65
CA LEU D 60 11.58 14.18 25.26
C LEU D 60 11.40 14.10 26.77
N GLY D 61 11.62 12.91 27.32
CA GLY D 61 11.50 12.70 28.74
C GLY D 61 12.84 12.70 29.43
N PRO D 62 12.88 12.23 30.67
CA PRO D 62 14.12 12.27 31.46
C PRO D 62 15.19 11.38 30.87
N GLY D 63 16.44 11.79 31.09
CA GLY D 63 17.58 10.98 30.68
C GLY D 63 17.72 10.77 29.19
N THR D 64 17.53 11.83 28.41
CA THR D 64 17.69 11.76 26.96
C THR D 64 18.68 12.81 26.49
N ASP D 65 19.29 12.55 25.34
CA ASP D 65 20.26 13.44 24.72
C ASP D 65 19.87 13.69 23.27
N ILE D 66 19.97 14.94 22.84
CA ILE D 66 19.63 15.33 21.48
C ILE D 66 20.78 16.16 20.92
N SER D 67 21.19 15.82 19.70
CA SER D 67 22.33 16.45 19.06
C SER D 67 21.91 17.68 18.27
N HIS D 68 22.89 18.55 17.99
CA HIS D 68 22.61 19.80 17.29
C HIS D 68 22.09 19.55 15.89
N ARG D 69 22.70 18.61 15.16
CA ARG D 69 22.24 18.30 13.82
C ARG D 69 20.84 17.72 13.83
N ALA D 70 20.51 16.94 14.85
CA ALA D 70 19.18 16.35 14.95
C ALA D 70 18.11 17.42 15.07
N VAL D 71 18.39 18.48 15.84
CA VAL D 71 17.40 19.53 16.06
C VAL D 71 17.01 20.19 14.74
N GLU D 72 18.01 20.58 13.94
CA GLU D 72 17.71 21.27 12.70
C GLU D 72 17.03 20.35 11.70
N LEU D 73 17.41 19.07 11.69
CA LEU D 73 16.72 18.12 10.82
C LEU D 73 15.26 17.97 11.21
N LEU D 74 14.99 17.88 12.51
CA LEU D 74 13.60 17.83 12.96
C LEU D 74 12.89 19.15 12.70
N GLY D 75 13.57 20.27 12.93
CA GLY D 75 12.96 21.57 12.69
C GLY D 75 12.59 21.81 11.25
N ASP D 76 13.40 21.27 10.32
CA ASP D 76 13.10 21.43 8.90
C ASP D 76 11.75 20.79 8.57
N THR D 77 11.50 19.60 9.10
CA THR D 77 10.24 18.89 8.84
C THR D 77 9.04 19.57 9.47
N GLY D 78 9.24 20.57 10.34
CA GLY D 78 8.15 21.24 11.00
C GLY D 78 7.72 20.63 12.31
N THR D 79 8.29 19.49 12.69
CA THR D 79 7.94 18.86 13.95
C THR D 79 8.61 19.60 15.10
N ALA D 80 7.80 20.23 15.96
CA ALA D 80 8.35 20.95 17.09
C ALA D 80 8.87 19.98 18.15
N LEU D 81 9.60 20.53 19.11
CA LEU D 81 10.19 19.76 20.19
C LEU D 81 9.69 20.29 21.53
N VAL D 82 9.33 19.38 22.42
CA VAL D 82 8.94 19.70 23.79
C VAL D 82 9.66 18.74 24.73
N TRP D 83 10.30 19.29 25.76
CA TRP D 83 11.02 18.48 26.74
C TRP D 83 10.03 18.10 27.83
N VAL D 84 9.47 16.89 27.73
CA VAL D 84 8.40 16.47 28.63
C VAL D 84 9.05 15.77 29.82
N GLY D 85 9.52 16.56 30.77
CA GLY D 85 9.99 16.03 32.03
C GLY D 85 8.83 15.72 32.95
N GLU D 86 9.17 15.22 34.14
CA GLU D 86 8.15 14.97 35.12
C GLU D 86 7.61 16.32 35.62
N GLN D 87 6.57 16.27 36.45
CA GLN D 87 5.88 17.45 37.01
C GLN D 87 5.45 18.42 35.91
N GLY D 88 5.26 17.93 34.69
CA GLY D 88 4.68 18.72 33.63
C GLY D 88 5.73 19.18 32.61
N VAL D 89 5.30 20.14 31.78
CA VAL D 89 6.15 20.65 30.71
C VAL D 89 7.35 21.36 31.29
N ARG D 90 8.50 21.22 30.61
CA ARG D 90 9.73 21.88 31.03
C ARG D 90 10.15 22.97 30.03
N TYR D 91 10.25 22.65 28.75
CA TYR D 91 10.74 23.62 27.77
C TYR D 91 10.18 23.28 26.40
N TYR D 92 10.20 24.27 25.52
CA TYR D 92 9.72 24.14 24.15
C TYR D 92 10.88 24.29 23.17
N ALA D 93 10.60 24.00 21.91
CA ALA D 93 11.54 24.22 20.81
C ALA D 93 10.83 24.12 19.47
N SER D 94 11.03 25.11 18.61
CA SER D 94 10.40 25.13 17.31
C SER D 94 11.39 25.64 16.27
N GLY D 95 11.17 25.24 15.03
CA GLY D 95 11.99 25.64 13.91
C GLY D 95 11.32 26.66 13.01
N ARG D 96 11.71 26.66 11.74
CA ARG D 96 11.11 27.56 10.77
C ARG D 96 9.63 27.25 10.59
N ALA D 97 8.82 28.30 10.47
CA ALA D 97 7.40 28.12 10.24
C ALA D 97 7.17 27.44 8.89
N LEU D 98 6.34 26.40 8.89
CA LEU D 98 6.06 25.68 7.65
C LEU D 98 5.33 26.57 6.64
N ALA D 99 4.39 27.37 7.10
CA ALA D 99 3.62 28.21 6.19
C ALA D 99 4.49 29.33 5.64
N ARG D 100 4.44 29.50 4.32
CA ARG D 100 5.21 30.57 3.69
C ARG D 100 4.62 31.94 4.00
N SER D 101 3.30 32.08 3.85
CA SER D 101 2.64 33.36 4.05
C SER D 101 2.40 33.61 5.54
N THR D 102 2.14 34.88 5.86
CA THR D 102 1.81 35.29 7.22
C THR D 102 0.43 35.92 7.31
N ARG D 103 -0.46 35.66 6.34
CA ARG D 103 -1.79 36.25 6.38
C ARG D 103 -2.53 35.85 7.66
N PHE D 104 -2.39 34.60 8.07
CA PHE D 104 -2.91 34.19 9.36
C PHE D 104 -2.23 34.94 10.50
N LEU D 105 -0.91 35.12 10.40
CA LEU D 105 -0.17 35.78 11.48
C LEU D 105 -0.52 37.26 11.56
N VAL D 106 -0.58 37.95 10.42
CA VAL D 106 -0.85 39.39 10.44
C VAL D 106 -2.26 39.65 10.94
N LYS D 107 -3.21 38.78 10.59
CA LYS D 107 -4.57 38.92 11.10
C LYS D 107 -4.61 38.74 12.61
N GLN D 108 -3.82 37.78 13.12
CA GLN D 108 -3.76 37.59 14.57
C GLN D 108 -3.24 38.83 15.27
N ALA D 109 -2.22 39.47 14.70
CA ALA D 109 -1.67 40.68 15.31
C ALA D 109 -2.72 41.78 15.39
N GLU D 110 -3.50 41.95 14.34
CA GLU D 110 -4.54 42.98 14.34
C GLU D 110 -5.59 42.71 15.41
N LEU D 111 -6.03 41.45 15.53
CA LEU D 111 -7.07 41.13 16.48
C LEU D 111 -6.57 41.23 17.92
N VAL D 112 -5.35 40.77 18.18
CA VAL D 112 -4.86 40.70 19.55
C VAL D 112 -4.57 42.08 20.12
N THR D 113 -4.12 43.03 19.29
CA THR D 113 -3.71 44.33 19.81
C THR D 113 -4.88 45.24 20.10
N ASN D 114 -6.05 44.97 19.53
CA ASN D 114 -7.22 45.83 19.70
C ASN D 114 -8.07 45.31 20.85
N GLU D 115 -8.38 46.19 21.80
CA GLU D 115 -9.10 45.78 23.00
C GLU D 115 -10.50 45.26 22.66
N ARG D 116 -11.21 45.97 21.78
CA ARG D 116 -12.54 45.51 21.38
C ARG D 116 -12.44 44.22 20.57
N SER D 117 -11.43 44.11 19.70
CA SER D 117 -11.21 42.86 18.98
C SER D 117 -10.82 41.74 19.93
N ARG D 118 -9.96 42.04 20.91
CA ARG D 118 -9.62 41.04 21.93
C ARG D 118 -10.86 40.61 22.69
N LEU D 119 -11.74 41.57 23.02
CA LEU D 119 -13.02 41.23 23.64
C LEU D 119 -13.82 40.29 22.76
N ARG D 120 -13.96 40.65 21.47
CA ARG D 120 -14.75 39.84 20.56
C ARG D 120 -14.16 38.44 20.41
N VAL D 121 -12.83 38.35 20.26
CA VAL D 121 -12.19 37.05 20.12
C VAL D 121 -12.39 36.21 21.37
N ALA D 122 -12.23 36.82 22.55
CA ALA D 122 -12.48 36.11 23.80
C ALA D 122 -13.93 35.64 23.89
N ARG D 123 -14.86 36.42 23.33
CA ARG D 123 -16.24 35.97 23.25
C ARG D 123 -16.35 34.72 22.37
N ARG D 124 -15.67 34.72 21.23
CA ARG D 124 -15.68 33.55 20.36
C ARG D 124 -14.99 32.36 21.03
N MET D 125 -13.88 32.60 21.73
CA MET D 125 -13.16 31.50 22.36
C MET D 125 -14.02 30.80 23.40
N TYR D 126 -14.74 31.57 24.22
CA TYR D 126 -15.51 30.97 25.30
C TYR D 126 -16.68 30.15 24.76
N GLN D 127 -17.37 30.66 23.73
CA GLN D 127 -18.58 30.01 23.25
C GLN D 127 -18.29 28.67 22.57
N MET D 128 -17.07 28.44 22.09
CA MET D 128 -16.73 27.11 21.61
C MET D 128 -16.73 26.11 22.76
N ARG D 129 -16.29 26.55 23.94
CA ARG D 129 -16.28 25.65 25.10
C ARG D 129 -17.69 25.36 25.58
N PHE D 130 -18.54 26.37 25.67
CA PHE D 130 -19.92 26.23 26.15
C PHE D 130 -20.86 26.98 25.23
N PRO D 131 -21.24 26.37 24.10
CA PRO D 131 -22.14 27.07 23.14
C PRO D 131 -23.50 27.40 23.72
N THR D 132 -23.95 26.68 24.75
CA THR D 132 -25.31 26.91 25.27
C THR D 132 -25.46 28.32 25.86
N GLU D 133 -24.46 28.78 26.59
CA GLU D 133 -24.56 30.04 27.32
C GLU D 133 -24.45 31.23 26.36
N ASP D 134 -25.03 32.35 26.79
CA ASP D 134 -25.00 33.60 26.03
C ASP D 134 -24.08 34.58 26.76
N VAL D 135 -23.07 35.08 26.06
CA VAL D 135 -22.02 35.88 26.66
C VAL D 135 -21.98 37.22 25.91
N SER D 136 -23.15 37.71 25.51
CA SER D 136 -23.21 38.95 24.74
C SER D 136 -22.61 40.12 25.52
N LYS D 137 -22.98 40.26 26.79
CA LYS D 137 -22.49 41.34 27.66
C LYS D 137 -21.73 40.71 28.81
N LEU D 138 -20.40 40.63 28.67
CA LEU D 138 -19.56 40.05 29.71
C LEU D 138 -18.10 40.37 29.38
N THR D 139 -17.33 40.74 30.40
CA THR D 139 -16.00 41.30 30.21
C THR D 139 -14.92 40.36 30.76
N MET D 140 -13.67 40.81 30.65
CA MET D 140 -12.52 39.94 30.91
C MET D 140 -12.46 39.49 32.36
N GLN D 141 -12.72 40.40 33.30
CA GLN D 141 -12.50 40.09 34.72
C GLN D 141 -13.36 38.91 35.17
N GLN D 142 -14.64 38.91 34.81
CA GLN D 142 -15.52 37.83 35.22
C GLN D 142 -15.48 36.63 34.29
N LEU D 143 -14.86 36.73 33.10
CA LEU D 143 -14.55 35.54 32.32
C LEU D 143 -13.78 34.53 33.16
N ARG D 144 -12.59 34.94 33.64
CA ARG D 144 -11.70 33.99 34.32
C ARG D 144 -12.40 33.29 35.47
N SER D 145 -13.37 33.96 36.10
CA SER D 145 -14.21 33.29 37.07
C SER D 145 -15.03 32.18 36.42
N HIS D 146 -15.59 32.43 35.24
CA HIS D 146 -16.47 31.46 34.61
C HIS D 146 -15.72 30.20 34.20
N GLU D 147 -14.60 30.35 33.47
CA GLU D 147 -13.88 29.16 33.03
C GLU D 147 -13.29 28.40 34.21
N GLY D 148 -12.73 29.13 35.18
CA GLY D 148 -12.12 28.47 36.33
C GLY D 148 -13.13 27.65 37.12
N ALA D 149 -14.31 28.22 37.35
CA ALA D 149 -15.34 27.50 38.11
C ALA D 149 -15.84 26.29 37.32
N ARG D 150 -16.16 26.48 36.03
CA ARG D 150 -16.68 25.39 35.22
C ARG D 150 -15.67 24.27 35.07
N VAL D 151 -14.39 24.61 34.89
CA VAL D 151 -13.36 23.58 34.83
C VAL D 151 -13.30 22.81 36.14
N ARG D 152 -13.36 23.53 37.27
CA ARG D 152 -13.42 22.87 38.57
C ARG D 152 -14.67 22.02 38.69
N ARG D 153 -15.82 22.55 38.26
CA ARG D 153 -17.06 21.78 38.31
C ARG D 153 -16.99 20.56 37.41
N LYS D 154 -16.42 20.70 36.22
CA LYS D 154 -16.21 19.55 35.34
C LYS D 154 -15.26 18.55 35.98
N TYR D 155 -14.20 19.05 36.64
CA TYR D 155 -13.26 18.18 37.33
C TYR D 155 -13.94 17.42 38.46
N ARG D 156 -14.77 18.10 39.25
CA ARG D 156 -15.41 17.45 40.39
C ARG D 156 -16.36 16.35 39.95
N GLU D 157 -17.27 16.67 39.02
CA GLU D 157 -18.29 15.71 38.63
C GLU D 157 -17.67 14.49 37.94
N LEU D 158 -16.58 14.70 37.21
CA LEU D 158 -15.90 13.57 36.58
C LEU D 158 -15.17 12.73 37.62
N SER D 159 -14.63 13.36 38.65
CA SER D 159 -13.93 12.62 39.70
C SER D 159 -14.89 11.69 40.44
N LYS D 160 -16.07 12.17 40.80
CA LYS D 160 -17.04 11.32 41.47
C LYS D 160 -17.58 10.23 40.54
N LYS D 161 -17.73 10.54 39.25
CA LYS D 161 -18.21 9.53 38.31
C LYS D 161 -17.25 8.37 38.18
N TYR D 162 -15.96 8.60 38.44
CA TYR D 162 -14.95 7.55 38.35
C TYR D 162 -14.32 7.21 39.69
N ASN D 163 -14.71 7.90 40.77
CA ASN D 163 -14.31 7.57 42.13
C ASN D 163 -12.79 7.59 42.28
N VAL D 164 -12.21 8.78 42.11
CA VAL D 164 -10.77 8.96 42.28
C VAL D 164 -10.53 10.01 43.36
N PRO D 165 -9.60 9.79 44.28
CA PRO D 165 -9.31 10.81 45.29
C PRO D 165 -8.70 12.05 44.65
N TRP D 166 -8.89 13.19 45.33
CA TRP D 166 -8.42 14.47 44.84
C TRP D 166 -7.67 15.19 45.96
N LYS D 167 -6.75 16.08 45.56
CA LYS D 167 -6.13 17.04 46.47
C LYS D 167 -6.68 18.45 46.26
N LYS D 168 -7.84 18.57 45.62
CA LYS D 168 -8.47 19.87 45.33
C LYS D 168 -7.50 20.82 44.62
N ARG D 169 -6.82 20.30 43.62
CA ARG D 169 -5.85 21.06 42.85
C ARG D 169 -6.31 21.17 41.40
N VAL D 170 -5.98 22.29 40.76
CA VAL D 170 -6.24 22.51 39.35
C VAL D 170 -4.89 22.46 38.63
N TYR D 171 -4.88 21.86 37.45
CA TYR D 171 -3.62 21.57 36.78
C TYR D 171 -3.15 22.76 35.96
N ASN D 172 -1.90 23.16 36.18
CA ASN D 172 -1.16 24.05 35.33
C ASN D 172 0.22 23.45 35.09
N PRO D 173 0.82 23.69 33.92
CA PRO D 173 2.10 23.03 33.61
C PRO D 173 3.26 23.63 34.37
N ASP D 174 3.12 24.88 34.78
CA ASP D 174 4.12 25.50 35.64
C ASP D 174 4.03 24.91 37.05
N ASP D 175 5.16 24.90 37.75
CA ASP D 175 5.31 24.56 39.16
C ASP D 175 4.38 23.43 39.63
N PHE D 176 4.23 22.41 38.81
CA PHE D 176 3.41 21.25 39.16
C PHE D 176 4.25 20.23 39.93
N ALA D 177 3.56 19.32 40.61
CA ALA D 177 4.21 18.26 41.37
C ALA D 177 3.18 17.17 41.65
N GLY D 178 3.62 16.15 42.39
CA GLY D 178 2.70 15.10 42.79
C GLY D 178 3.26 13.69 42.67
N GLY D 179 3.03 12.87 43.68
CA GLY D 179 3.44 11.48 43.66
C GLY D 179 2.28 10.54 43.42
N ASP D 180 1.07 11.02 43.67
CA ASP D 180 -0.12 10.21 43.43
C ASP D 180 -0.25 9.92 41.94
N PRO D 181 -0.64 8.70 41.55
CA PRO D 181 -0.72 8.38 40.12
C PRO D 181 -1.63 9.31 39.33
N ILE D 182 -2.67 9.87 39.94
CA ILE D 182 -3.53 10.80 39.23
C ILE D 182 -2.76 12.05 38.81
N ASN D 183 -1.71 12.41 39.55
CA ASN D 183 -0.98 13.64 39.25
C ASN D 183 -0.26 13.54 37.91
N GLN D 184 0.52 12.47 37.71
CA GLN D 184 1.19 12.31 36.42
C GLN D 184 0.24 11.81 35.34
N ALA D 185 -0.84 11.13 35.70
CA ALA D 185 -1.84 10.76 34.71
C ALA D 185 -2.46 12.00 34.08
N LEU D 186 -2.76 13.01 34.89
CA LEU D 186 -3.21 14.28 34.34
C LEU D 186 -2.14 14.92 33.47
N SER D 187 -0.89 14.91 33.94
CA SER D 187 0.18 15.57 33.20
C SER D 187 0.45 14.87 31.87
N ALA D 188 0.58 13.54 31.90
CA ALA D 188 0.94 12.81 30.69
C ALA D 188 -0.10 12.97 29.60
N ALA D 189 -1.38 12.88 29.96
CA ALA D 189 -2.44 13.10 28.98
C ALA D 189 -2.46 14.55 28.51
N HIS D 190 -2.31 15.49 29.43
CA HIS D 190 -2.36 16.91 29.10
C HIS D 190 -1.20 17.30 28.19
N VAL D 191 0.01 16.82 28.48
CA VAL D 191 1.20 17.32 27.80
C VAL D 191 1.17 16.99 26.32
N ALA D 192 0.55 15.88 25.94
CA ALA D 192 0.41 15.57 24.52
C ALA D 192 -0.41 16.63 23.81
N LEU D 193 -1.48 17.10 24.45
CA LEU D 193 -2.25 18.21 23.91
C LEU D 193 -1.39 19.48 23.84
N TYR D 194 -0.62 19.74 24.90
CA TYR D 194 0.26 20.92 24.91
C TYR D 194 1.29 20.84 23.80
N GLY D 195 1.89 19.67 23.60
CA GLY D 195 2.84 19.52 22.51
C GLY D 195 2.18 19.64 21.15
N LEU D 196 1.00 19.03 20.99
CA LEU D 196 0.33 19.03 19.69
C LEU D 196 -0.01 20.45 19.25
N VAL D 197 -0.58 21.25 20.15
CA VAL D 197 -0.97 22.60 19.79
C VAL D 197 0.25 23.45 19.47
N HIS D 198 1.35 23.24 20.17
CA HIS D 198 2.56 24.02 19.93
C HIS D 198 3.09 23.77 18.52
N SER D 199 3.05 22.52 18.07
CA SER D 199 3.57 22.19 16.75
C SER D 199 2.71 22.79 15.65
N VAL D 200 1.38 22.62 15.76
CA VAL D 200 0.49 23.08 14.69
C VAL D 200 0.46 24.60 14.63
N VAL D 201 0.50 25.27 15.78
CA VAL D 201 0.45 26.73 15.78
C VAL D 201 1.71 27.30 15.13
N ALA D 202 2.86 26.64 15.31
CA ALA D 202 4.07 27.07 14.64
C ALA D 202 4.03 26.71 13.16
N ALA D 203 3.40 25.58 12.82
CA ALA D 203 3.30 25.19 11.43
C ALA D 203 2.46 26.18 10.62
N LEU D 204 1.36 26.65 11.21
CA LEU D 204 0.53 27.65 10.54
C LEU D 204 1.16 29.03 10.55
N GLY D 205 2.27 29.23 11.27
CA GLY D 205 2.91 30.53 11.32
C GLY D 205 2.38 31.47 12.36
N LEU D 206 1.62 30.97 13.34
CA LEU D 206 1.01 31.82 14.36
C LEU D 206 1.95 31.88 15.56
N SER D 207 2.34 33.09 15.95
CA SER D 207 3.24 33.24 17.08
C SER D 207 2.54 32.83 18.38
N PRO D 208 3.24 32.12 19.26
CA PRO D 208 2.61 31.68 20.51
C PRO D 208 2.48 32.76 21.58
N GLY D 209 3.09 33.93 21.37
CA GLY D 209 3.02 34.99 22.37
C GLY D 209 1.81 35.90 22.29
N LEU D 210 0.98 35.73 21.26
CA LEU D 210 -0.17 36.62 21.05
C LEU D 210 -1.43 36.01 21.66
N GLY D 211 -1.36 35.74 22.96
CA GLY D 211 -2.48 35.15 23.66
C GLY D 211 -3.59 36.16 23.92
N PHE D 212 -4.79 35.63 24.20
CA PHE D 212 -5.96 36.44 24.48
C PHE D 212 -6.44 36.28 25.91
N VAL D 213 -6.74 35.05 26.34
CA VAL D 213 -7.12 34.82 27.73
C VAL D 213 -5.92 34.99 28.65
N HIS D 214 -4.78 34.44 28.26
CA HIS D 214 -3.54 34.55 29.02
C HIS D 214 -2.60 35.53 28.35
N THR D 215 -1.85 36.26 29.17
CA THR D 215 -0.87 37.21 28.68
C THR D 215 0.22 37.38 29.75
N GLY D 216 1.47 37.43 29.31
CA GLY D 216 2.57 37.60 30.23
C GLY D 216 3.74 36.69 29.94
N HIS D 217 3.65 35.92 28.86
CA HIS D 217 4.73 35.02 28.46
C HIS D 217 4.64 34.77 26.97
N ASP D 218 5.74 34.30 26.40
CA ASP D 218 5.87 34.10 24.96
C ASP D 218 5.09 32.90 24.45
N ARG D 219 4.50 32.10 25.34
CA ARG D 219 3.69 30.96 24.95
C ARG D 219 2.24 31.15 25.38
N SER D 220 1.78 32.40 25.39
CA SER D 220 0.42 32.66 25.85
C SER D 220 -0.63 32.09 24.90
N PHE D 221 -0.40 32.17 23.59
CA PHE D 221 -1.41 31.75 22.64
C PHE D 221 -1.70 30.26 22.73
N ILE D 222 -0.65 29.44 22.89
CA ILE D 222 -0.86 28.00 22.93
C ILE D 222 -1.64 27.60 24.18
N TYR D 223 -1.40 28.30 25.30
CA TYR D 223 -2.16 28.04 26.52
C TYR D 223 -3.64 28.32 26.30
N ASP D 224 -3.96 29.43 25.65
CA ASP D 224 -5.35 29.79 25.42
C ASP D 224 -6.04 28.79 24.51
N VAL D 225 -5.36 28.37 23.43
CA VAL D 225 -5.94 27.38 22.53
C VAL D 225 -6.09 26.04 23.23
N ALA D 226 -5.08 25.64 24.01
CA ALA D 226 -5.17 24.38 24.74
C ALA D 226 -6.29 24.40 25.79
N ASP D 227 -6.58 25.58 26.35
CA ASP D 227 -7.68 25.69 27.29
C ASP D 227 -9.01 25.32 26.64
N LEU D 228 -9.13 25.53 25.33
CA LEU D 228 -10.39 25.26 24.64
C LEU D 228 -10.66 23.77 24.56
N TYR D 229 -9.62 22.94 24.46
CA TYR D 229 -9.80 21.52 24.20
C TYR D 229 -9.44 20.60 25.36
N LYS D 230 -8.77 21.11 26.40
CA LYS D 230 -8.36 20.23 27.48
C LYS D 230 -9.57 19.66 28.22
N ALA D 231 -10.57 20.48 28.51
CA ALA D 231 -11.75 19.99 29.21
C ALA D 231 -12.51 18.96 28.37
N GLU D 232 -12.62 19.21 27.07
CA GLU D 232 -13.38 18.33 26.21
C GLU D 232 -12.68 16.99 26.00
N ILE D 233 -11.35 17.00 25.86
CA ILE D 233 -10.66 15.81 25.36
C ILE D 233 -9.77 15.16 26.40
N THR D 234 -8.74 15.87 26.86
CA THR D 234 -7.69 15.19 27.62
C THR D 234 -8.12 14.88 29.05
N VAL D 235 -8.98 15.73 29.64
CA VAL D 235 -9.41 15.49 31.02
C VAL D 235 -10.19 14.19 31.18
N PRO D 236 -11.19 13.88 30.34
CA PRO D 236 -11.94 12.62 30.57
C PRO D 236 -11.08 11.37 30.55
N ILE D 237 -10.13 11.27 29.62
CA ILE D 237 -9.23 10.11 29.62
C ILE D 237 -8.26 10.15 30.79
N ALA D 238 -7.79 11.34 31.16
CA ALA D 238 -6.82 11.45 32.25
C ALA D 238 -7.37 10.85 33.53
N PHE D 239 -8.63 11.16 33.85
CA PHE D 239 -9.28 10.52 34.99
C PHE D 239 -9.61 9.06 34.69
N ALA D 240 -10.05 8.77 33.45
CA ALA D 240 -10.47 7.42 33.11
C ALA D 240 -9.32 6.43 33.21
N VAL D 241 -8.15 6.80 32.69
CA VAL D 241 -7.03 5.85 32.64
C VAL D 241 -6.53 5.55 34.04
N ALA D 242 -6.52 6.54 34.94
CA ALA D 242 -6.04 6.31 36.29
C ALA D 242 -6.95 5.35 37.04
N ALA D 243 -8.26 5.51 36.90
CA ALA D 243 -9.19 4.60 37.55
C ALA D 243 -9.06 3.18 36.99
N GLU D 244 -8.90 3.07 35.68
CA GLU D 244 -8.79 1.74 35.07
C GLU D 244 -7.46 1.07 35.41
N ALA D 245 -6.40 1.87 35.56
CA ALA D 245 -5.08 1.30 35.79
C ALA D 245 -5.00 0.60 37.15
N GLU D 246 -4.12 -0.39 37.23
CA GLU D 246 -3.88 -1.15 38.45
C GLU D 246 -2.51 -0.80 39.02
N GLU D 247 -2.24 -1.34 40.20
CA GLU D 247 -0.99 -1.07 40.89
C GLU D 247 0.19 -1.66 40.12
N GLY D 248 1.34 -1.01 40.27
CA GLY D 248 2.56 -1.48 39.63
C GLY D 248 2.50 -1.48 38.11
N GLN D 249 1.92 -0.44 37.53
CA GLN D 249 1.81 -0.33 36.08
C GLN D 249 2.17 1.07 35.64
N ASP D 250 2.66 1.17 34.41
CA ASP D 250 3.02 2.47 33.82
C ASP D 250 1.74 3.17 33.41
N ILE D 251 1.32 4.14 34.23
CA ILE D 251 0.09 4.88 33.93
C ILE D 251 0.27 5.72 32.67
N GLY D 252 1.46 6.29 32.48
CA GLY D 252 1.67 7.16 31.34
C GLY D 252 1.50 6.46 30.01
N GLN D 253 2.06 5.25 29.89
CA GLN D 253 1.91 4.48 28.65
C GLN D 253 0.45 4.20 28.36
N LEU D 254 -0.31 3.80 29.39
CA LEU D 254 -1.75 3.64 29.22
C LEU D 254 -2.42 4.97 28.96
N ALA D 255 -1.99 6.03 29.64
CA ALA D 255 -2.62 7.33 29.47
C ALA D 255 -2.40 7.87 28.06
N ARG D 256 -1.16 7.86 27.59
CA ARG D 256 -0.87 8.43 26.27
C ARG D 256 -1.50 7.61 25.16
N LEU D 257 -1.63 6.29 25.37
CA LEU D 257 -2.24 5.44 24.35
C LEU D 257 -3.69 5.83 24.08
N ARG D 258 -4.45 6.06 25.15
CA ARG D 258 -5.87 6.38 24.97
C ARG D 258 -6.08 7.79 24.45
N THR D 259 -5.19 8.73 24.81
CA THR D 259 -5.30 10.08 24.29
C THR D 259 -5.14 10.11 22.78
N ARG D 260 -4.25 9.27 22.26
CA ARG D 260 -4.05 9.20 20.82
C ARG D 260 -5.33 8.78 20.11
N ASP D 261 -6.06 7.82 20.68
CA ASP D 261 -7.36 7.46 20.14
C ASP D 261 -8.32 8.63 20.23
N ALA D 262 -8.29 9.37 21.34
CA ALA D 262 -9.15 10.54 21.49
C ALA D 262 -8.84 11.59 20.43
N PHE D 263 -7.56 11.75 20.10
CA PHE D 263 -7.19 12.69 19.05
C PHE D 263 -7.72 12.24 17.69
N VAL D 264 -7.79 10.93 17.47
CA VAL D 264 -8.24 10.40 16.18
C VAL D 264 -9.74 10.59 16.01
N ASP D 265 -10.53 9.97 16.90
CA ASP D 265 -11.98 9.97 16.73
C ASP D 265 -12.57 11.36 16.87
N GLY D 266 -11.96 12.21 17.69
CA GLY D 266 -12.45 13.57 17.86
C GLY D 266 -12.14 14.49 16.69
N LYS D 267 -11.31 14.04 15.75
CA LYS D 267 -10.91 14.85 14.60
C LYS D 267 -10.34 16.19 15.07
N ILE D 268 -9.48 16.13 16.09
CA ILE D 268 -8.99 17.35 16.72
C ILE D 268 -8.17 18.19 15.76
N LEU D 269 -7.34 17.56 14.94
CA LEU D 269 -6.47 18.32 14.04
C LEU D 269 -7.28 19.09 13.00
N LYS D 270 -8.24 18.42 12.36
CA LYS D 270 -9.07 19.09 11.37
C LYS D 270 -9.98 20.11 12.02
N ARG D 271 -10.43 19.85 13.25
CA ARG D 271 -11.35 20.76 13.91
C ARG D 271 -10.66 22.07 14.29
N MET D 272 -9.48 21.99 14.93
CA MET D 272 -8.89 23.19 15.49
C MET D 272 -8.37 24.13 14.41
N VAL D 273 -7.86 23.57 13.31
CA VAL D 273 -7.40 24.43 12.22
C VAL D 273 -8.58 25.19 11.62
N LYS D 274 -9.76 24.56 11.58
CA LYS D 274 -10.97 25.30 11.26
C LYS D 274 -11.30 26.32 12.35
N ASP D 275 -11.09 25.94 13.61
CA ASP D 275 -11.33 26.87 14.72
C ASP D 275 -10.37 28.06 14.64
N LEU D 276 -9.09 27.79 14.37
CA LEU D 276 -8.15 28.89 14.18
C LEU D 276 -8.49 29.70 12.95
N GLN D 277 -9.10 29.09 11.94
CA GLN D 277 -9.51 29.82 10.74
C GLN D 277 -10.57 30.85 11.08
N THR D 278 -11.53 30.50 11.94
CA THR D 278 -12.61 31.40 12.29
C THR D 278 -12.27 32.30 13.47
N LEU D 279 -11.05 32.22 14.00
CA LEU D 279 -10.63 33.08 15.11
C LEU D 279 -9.62 34.11 14.64
N MET E 1 -9.68 -1.37 -2.65
CA MET E 1 -9.10 -2.35 -1.74
C MET E 1 -7.77 -1.86 -1.19
N PRO E 2 -7.51 -2.12 0.09
CA PRO E 2 -6.27 -1.66 0.70
C PRO E 2 -5.07 -2.42 0.19
N MET E 3 -3.91 -1.76 0.23
CA MET E 3 -2.67 -2.32 -0.25
C MET E 3 -2.05 -3.25 0.80
N THR E 4 -1.12 -4.09 0.35
CA THR E 4 -0.35 -4.93 1.25
C THR E 4 1.02 -5.19 0.63
N VAL E 5 2.02 -5.34 1.49
CA VAL E 5 3.40 -5.59 1.05
C VAL E 5 4.02 -6.63 1.99
N ILE E 6 4.80 -7.53 1.40
CA ILE E 6 5.46 -8.61 2.14
C ILE E 6 6.94 -8.58 1.82
N THR E 7 7.77 -8.79 2.84
CA THR E 7 9.21 -8.91 2.66
C THR E 7 9.67 -10.30 3.07
N LEU E 8 10.72 -10.79 2.42
CA LEU E 8 11.25 -12.12 2.69
C LEU E 8 12.77 -12.09 2.54
N LYS E 9 13.43 -12.97 3.30
CA LYS E 9 14.86 -13.20 3.14
C LYS E 9 15.21 -14.53 3.79
N ASN E 10 16.14 -15.24 3.18
CA ASN E 10 16.57 -16.57 3.64
C ASN E 10 15.37 -17.51 3.77
N VAL E 11 14.67 -17.67 2.65
CA VAL E 11 13.43 -18.45 2.60
C VAL E 11 13.56 -19.49 1.49
N PRO E 12 13.05 -20.70 1.67
CA PRO E 12 13.12 -21.70 0.60
C PRO E 12 12.48 -21.19 -0.69
N GLN E 13 13.10 -21.55 -1.82
CA GLN E 13 12.69 -21.02 -3.11
C GLN E 13 11.29 -21.46 -3.52
N SER E 14 10.74 -22.50 -2.90
CA SER E 14 9.38 -22.92 -3.21
C SER E 14 8.38 -21.82 -2.88
N LEU E 15 8.52 -21.21 -1.70
CA LEU E 15 7.61 -20.15 -1.30
C LEU E 15 7.83 -18.89 -2.13
N ARG E 16 9.09 -18.59 -2.46
CA ARG E 16 9.41 -17.34 -3.15
C ARG E 16 8.66 -17.22 -4.47
N GLY E 17 8.36 -18.34 -5.11
CA GLY E 17 7.57 -18.31 -6.33
C GLY E 17 6.09 -18.47 -6.06
N ASP E 18 5.74 -19.22 -5.01
CA ASP E 18 4.34 -19.49 -4.74
C ASP E 18 3.57 -18.20 -4.46
N LEU E 19 4.15 -17.30 -3.68
CA LEU E 19 3.47 -16.05 -3.37
C LEU E 19 3.35 -15.15 -4.59
N THR E 20 4.16 -15.38 -5.63
CA THR E 20 4.06 -14.57 -6.84
C THR E 20 2.76 -14.79 -7.58
N ARG E 21 2.05 -15.89 -7.31
CA ARG E 21 0.72 -16.06 -7.87
C ARG E 21 -0.23 -14.97 -7.37
N TRP E 22 0.00 -14.47 -6.16
CA TRP E 22 -0.84 -13.43 -5.57
C TRP E 22 -0.26 -12.03 -5.78
N MET E 23 0.98 -11.82 -5.35
CA MET E 23 1.61 -10.51 -5.37
C MET E 23 2.85 -10.55 -6.25
N GLN E 24 2.97 -9.59 -7.16
CA GLN E 24 4.11 -9.56 -8.06
C GLN E 24 5.39 -9.22 -7.29
N GLU E 25 6.52 -9.46 -7.94
CA GLU E 25 7.84 -9.31 -7.33
C GLU E 25 8.54 -8.10 -7.95
N ILE E 26 8.43 -6.95 -7.28
CA ILE E 26 9.11 -5.76 -7.79
C ILE E 26 10.62 -5.89 -7.60
N ALA E 27 11.04 -6.41 -6.46
CA ALA E 27 12.47 -6.58 -6.17
C ALA E 27 12.65 -7.88 -5.41
N THR E 28 13.91 -8.17 -5.08
CA THR E 28 14.24 -9.41 -4.38
C THR E 28 13.55 -9.50 -3.03
N GLY E 29 12.63 -10.45 -2.89
CA GLY E 29 11.94 -10.64 -1.63
C GLY E 29 10.92 -9.59 -1.29
N VAL E 30 10.36 -8.89 -2.29
CA VAL E 30 9.38 -7.84 -2.06
C VAL E 30 8.16 -8.15 -2.92
N TYR E 31 6.97 -8.08 -2.32
CA TYR E 31 5.73 -8.42 -3.01
C TYR E 31 4.66 -7.40 -2.64
N VAL E 32 3.87 -6.98 -3.63
CA VAL E 32 2.88 -5.93 -3.46
C VAL E 32 1.56 -6.38 -4.07
N GLY E 33 0.46 -5.99 -3.45
CA GLY E 33 -0.87 -6.30 -3.95
C GLY E 33 -1.92 -5.53 -3.20
N ASN E 34 -3.16 -5.61 -3.69
CA ASN E 34 -4.31 -4.95 -3.07
C ASN E 34 -5.29 -6.02 -2.62
N PHE E 35 -5.36 -6.26 -1.32
CA PHE E 35 -6.16 -7.35 -0.77
C PHE E 35 -7.06 -6.84 0.35
N ASN E 36 -8.15 -7.55 0.56
CA ASN E 36 -9.04 -7.29 1.69
C ASN E 36 -8.45 -7.91 2.94
N SER E 37 -9.21 -7.91 4.04
CA SER E 37 -8.69 -8.43 5.30
C SER E 37 -8.63 -9.95 5.30
N ARG E 38 -9.63 -10.60 4.71
CA ARG E 38 -9.71 -12.06 4.79
C ARG E 38 -8.58 -12.71 4.00
N ILE E 39 -8.36 -12.26 2.76
CA ILE E 39 -7.37 -12.91 1.89
C ILE E 39 -5.97 -12.74 2.48
N ARG E 40 -5.65 -11.54 2.94
CA ARG E 40 -4.30 -11.28 3.44
C ARG E 40 -3.97 -12.15 4.64
N GLU E 41 -4.94 -12.41 5.50
CA GLU E 41 -4.70 -13.24 6.68
C GLU E 41 -4.28 -14.65 6.27
N TYR E 42 -4.95 -15.23 5.28
CA TYR E 42 -4.64 -16.59 4.87
C TYR E 42 -3.25 -16.67 4.23
N LEU E 43 -2.90 -15.68 3.40
CA LEU E 43 -1.56 -15.68 2.82
C LEU E 43 -0.49 -15.54 3.90
N TRP E 44 -0.71 -14.66 4.87
CA TRP E 44 0.20 -14.57 6.00
C TRP E 44 0.24 -15.88 6.77
N ARG E 45 -0.92 -16.54 6.90
CA ARG E 45 -0.95 -17.87 7.51
C ARG E 45 -0.13 -18.86 6.71
N ARG E 46 -0.15 -18.74 5.38
CA ARG E 46 0.66 -19.63 4.55
C ARG E 46 2.15 -19.41 4.81
N VAL E 47 2.57 -18.15 4.90
CA VAL E 47 3.96 -17.85 5.17
C VAL E 47 4.33 -18.15 6.62
N GLN E 48 3.33 -18.31 7.49
CA GLN E 48 3.60 -18.56 8.90
C GLN E 48 4.39 -19.85 9.10
N GLU E 49 4.02 -20.90 8.37
CA GLU E 49 4.60 -22.22 8.58
C GLU E 49 5.66 -22.59 7.55
N THR E 50 5.55 -22.11 6.32
CA THR E 50 6.45 -22.47 5.24
C THR E 50 7.61 -21.51 5.08
N MET E 51 7.75 -20.54 5.99
CA MET E 51 8.88 -19.62 5.92
C MET E 51 10.21 -20.31 6.17
N GLY E 52 10.21 -21.49 6.78
CA GLY E 52 11.46 -22.11 7.16
C GLY E 52 12.16 -21.29 8.22
N ALA E 53 13.49 -21.18 8.10
CA ALA E 53 14.30 -20.36 8.98
C ALA E 53 14.65 -19.08 8.23
N GLY E 54 13.86 -18.03 8.46
CA GLY E 54 14.10 -16.78 7.76
C GLY E 54 13.26 -15.66 8.34
N GLU E 55 13.14 -14.60 7.54
CA GLU E 55 12.39 -13.41 7.92
C GLU E 55 11.18 -13.24 7.01
N ALA E 56 10.06 -12.86 7.62
CA ALA E 56 8.87 -12.45 6.90
C ALA E 56 8.16 -11.37 7.70
N SER E 57 7.99 -10.21 7.10
CA SER E 57 7.24 -9.11 7.70
C SER E 57 6.27 -8.58 6.67
N MET E 58 5.14 -8.06 7.16
CA MET E 58 4.07 -7.65 6.27
C MET E 58 3.46 -6.34 6.75
N CYS E 59 2.94 -5.57 5.81
CA CYS E 59 2.33 -4.28 6.08
C CYS E 59 1.02 -4.16 5.32
N PHE E 60 0.05 -3.48 5.92
CA PHE E 60 -1.27 -3.33 5.32
C PHE E 60 -1.94 -2.11 5.93
N ALA E 61 -3.00 -1.66 5.29
CA ALA E 61 -3.74 -0.52 5.81
C ALA E 61 -4.33 -0.83 7.18
N ALA E 62 -4.30 0.16 8.06
CA ALA E 62 -4.75 -0.02 9.43
C ALA E 62 -5.62 1.18 9.81
N ARG E 63 -5.93 1.31 11.09
CA ARG E 63 -6.81 2.35 11.60
C ARG E 63 -6.08 3.26 12.60
N ASN E 64 -4.87 3.67 12.25
CA ASN E 64 -4.12 4.65 13.03
C ASN E 64 -3.75 5.83 12.13
N GLU E 65 -2.98 6.77 12.68
CA GLU E 65 -2.62 7.96 11.93
C GLU E 65 -1.82 7.62 10.67
N LEU E 66 -0.76 6.84 10.83
CA LEU E 66 0.06 6.47 9.67
C LEU E 66 -0.72 5.57 8.71
N GLY E 67 -1.77 4.92 9.20
CA GLY E 67 -2.60 4.09 8.36
C GLY E 67 -2.04 2.74 8.00
N TYR E 68 -1.05 2.23 8.75
CA TYR E 68 -0.53 0.91 8.48
C TYR E 68 0.07 0.32 9.76
N ASP E 69 0.20 -1.00 9.76
CA ASP E 69 0.71 -1.73 10.92
C ASP E 69 1.56 -2.90 10.44
N PHE E 70 2.39 -3.41 11.34
CA PHE E 70 3.38 -4.43 11.00
C PHE E 70 3.15 -5.69 11.82
N LEU E 71 3.45 -6.83 11.20
CA LEU E 71 3.53 -8.11 11.89
C LEU E 71 4.83 -8.81 11.50
N THR E 72 5.57 -9.28 12.50
CA THR E 72 6.86 -9.92 12.27
C THR E 72 6.99 -11.18 13.10
N GLU E 73 7.60 -12.20 12.52
CA GLU E 73 7.99 -13.41 13.24
C GLU E 73 9.36 -13.86 12.76
N ASN E 74 10.19 -14.28 13.71
CA ASN E 74 11.57 -14.69 13.43
C ASN E 74 12.28 -13.64 12.58
N ALA E 75 12.14 -12.38 13.01
CA ALA E 75 12.61 -11.25 12.24
C ALA E 75 13.83 -10.61 12.89
N SER E 76 14.75 -10.15 12.04
CA SER E 76 15.90 -9.40 12.54
C SER E 76 15.46 -8.11 13.19
N ARG E 77 14.49 -7.41 12.59
CA ARG E 77 13.97 -6.15 13.12
C ARG E 77 12.62 -6.41 13.77
N SER E 78 12.56 -6.26 15.08
CA SER E 78 11.28 -6.33 15.78
C SER E 78 10.50 -5.03 15.57
N VAL E 79 9.20 -5.09 15.82
CA VAL E 79 8.31 -3.94 15.71
C VAL E 79 7.88 -3.56 17.11
N ILE E 80 8.18 -2.32 17.50
CA ILE E 80 7.85 -1.81 18.82
C ILE E 80 6.88 -0.65 18.66
N ASP E 81 6.00 -0.49 19.66
CA ASP E 81 5.03 0.58 19.66
C ASP E 81 5.41 1.64 20.69
N TYR E 82 5.29 2.90 20.30
CA TYR E 82 5.47 4.05 21.19
C TYR E 82 4.08 4.66 21.41
N ASP E 83 3.39 4.16 22.43
CA ASP E 83 2.05 4.61 22.78
C ASP E 83 1.08 4.42 21.61
N GLY E 84 1.05 3.20 21.08
CA GLY E 84 0.14 2.87 20.01
C GLY E 84 0.56 3.32 18.63
N LEU E 85 1.85 3.44 18.36
CA LEU E 85 2.33 3.84 17.05
C LEU E 85 3.38 2.82 16.58
N PRO E 86 3.18 2.20 15.41
CA PRO E 86 4.12 1.17 14.95
C PRO E 86 5.38 1.80 14.37
N LEU E 87 6.51 1.54 15.02
CA LEU E 87 7.81 2.02 14.57
C LEU E 87 8.79 0.87 14.52
N ILE E 88 9.65 0.86 13.50
CA ILE E 88 10.58 -0.24 13.29
C ILE E 88 11.74 -0.11 14.25
N PHE E 89 12.05 -1.19 14.96
CA PHE E 89 13.16 -1.24 15.90
C PHE E 89 14.24 -2.16 15.35
N ILE E 90 15.46 -1.63 15.21
CA ILE E 90 16.60 -2.40 14.75
C ILE E 90 17.47 -2.71 15.97
N PRO E 91 17.54 -3.96 16.42
CA PRO E 91 18.34 -4.27 17.62
C PRO E 91 19.82 -4.06 17.37
N LYS E 92 20.52 -3.71 18.45
CA LYS E 92 21.97 -3.58 18.39
C LYS E 92 22.62 -4.95 18.23
N GLU E 93 23.56 -5.04 17.30
CA GLU E 93 24.25 -6.29 17.04
C GLU E 93 25.40 -6.50 18.01
N ASP F 20 -18.95 -44.33 -32.84
CA ASP F 20 -18.95 -45.26 -31.72
C ASP F 20 -17.52 -45.66 -31.35
N ARG F 21 -16.55 -45.10 -32.06
CA ARG F 21 -15.14 -45.35 -31.83
C ARG F 21 -14.54 -44.15 -31.11
N ALA F 22 -14.00 -44.38 -29.92
CA ALA F 22 -13.38 -43.33 -29.12
C ALA F 22 -11.96 -43.76 -28.78
N THR F 23 -11.00 -42.86 -29.00
CA THR F 23 -9.58 -43.14 -28.79
C THR F 23 -9.11 -42.41 -27.54
N PHE F 24 -8.61 -43.18 -26.57
CA PHE F 24 -8.05 -42.63 -25.34
C PHE F 24 -6.56 -42.89 -25.35
N ILE F 25 -5.78 -41.82 -25.51
CA ILE F 25 -4.34 -41.92 -25.69
C ILE F 25 -3.65 -41.22 -24.52
N TYR F 26 -2.71 -41.90 -23.89
CA TYR F 26 -1.96 -41.39 -22.75
C TYR F 26 -0.57 -40.97 -23.22
N ILE F 27 -0.21 -39.72 -22.96
CA ILE F 27 1.09 -39.18 -23.32
C ILE F 27 1.73 -38.60 -22.08
N GLU F 28 2.94 -39.05 -21.77
CA GLU F 28 3.70 -38.53 -20.63
C GLU F 28 5.17 -38.43 -21.02
N HIS F 29 5.87 -37.48 -20.38
CA HIS F 29 7.30 -37.29 -20.58
C HIS F 29 7.63 -37.06 -22.06
N ALA F 30 6.79 -36.28 -22.73
CA ALA F 30 6.94 -36.08 -24.16
C ALA F 30 6.64 -34.62 -24.50
N LYS F 31 6.53 -34.33 -25.79
CA LYS F 31 6.23 -33.00 -26.29
C LYS F 31 5.46 -33.14 -27.59
N ILE F 32 4.46 -32.30 -27.80
CA ILE F 32 3.55 -32.40 -28.92
C ILE F 32 3.63 -31.13 -29.76
N ASN F 33 3.78 -31.30 -31.07
CA ASN F 33 3.75 -30.17 -32.00
C ASN F 33 2.89 -30.52 -33.21
N ARG F 34 2.88 -29.66 -34.21
CA ARG F 34 2.12 -29.89 -35.44
C ARG F 34 2.98 -29.54 -36.65
N VAL F 35 2.88 -30.35 -37.71
CA VAL F 35 3.59 -30.04 -38.95
C VAL F 35 2.60 -29.62 -40.04
N ASP F 36 1.71 -30.52 -40.46
CA ASP F 36 0.66 -30.17 -41.41
C ASP F 36 -0.73 -30.44 -40.88
N SER F 37 -1.03 -31.68 -40.48
CA SER F 37 -2.36 -32.04 -40.00
C SER F 37 -2.34 -33.03 -38.85
N ALA F 38 -1.17 -33.41 -38.33
CA ALA F 38 -1.07 -34.45 -37.34
C ALA F 38 -0.20 -33.99 -36.18
N VAL F 39 -0.54 -34.47 -34.98
CA VAL F 39 0.27 -34.17 -33.80
C VAL F 39 1.59 -34.92 -33.89
N THR F 40 2.65 -34.29 -33.39
CA THR F 40 3.99 -34.85 -33.45
C THR F 40 4.51 -35.03 -32.03
N VAL F 41 4.45 -36.26 -31.54
CA VAL F 41 4.98 -36.59 -30.22
C VAL F 41 6.50 -36.68 -30.33
N ALA F 42 7.20 -35.97 -29.45
CA ALA F 42 8.65 -35.90 -29.48
C ALA F 42 9.26 -36.53 -28.23
N GLU F 43 8.74 -37.69 -27.84
CA GLU F 43 9.24 -38.38 -26.67
C GLU F 43 10.66 -38.90 -26.94
N ALA F 44 11.37 -39.19 -25.85
CA ALA F 44 12.79 -39.54 -25.96
C ALA F 44 13.04 -40.72 -26.89
N LYS F 45 12.09 -41.66 -26.99
CA LYS F 45 12.27 -42.80 -27.88
C LYS F 45 12.33 -42.35 -29.34
N GLY F 46 11.46 -41.44 -29.74
CA GLY F 46 11.45 -40.99 -31.12
C GLY F 46 10.27 -40.08 -31.39
N VAL F 47 9.95 -39.95 -32.68
CA VAL F 47 8.92 -39.05 -33.17
C VAL F 47 7.73 -39.87 -33.63
N VAL F 48 6.54 -39.51 -33.17
CA VAL F 48 5.31 -40.19 -33.50
C VAL F 48 4.40 -39.23 -34.25
N ARG F 49 3.73 -39.72 -35.29
CA ARG F 49 2.98 -38.86 -36.20
C ARG F 49 1.50 -39.23 -36.24
N ILE F 50 0.87 -39.38 -35.08
CA ILE F 50 -0.55 -39.75 -35.03
C ILE F 50 -1.39 -38.70 -35.76
N PRO F 51 -2.18 -39.09 -36.75
CA PRO F 51 -3.14 -38.14 -37.34
C PRO F 51 -4.18 -37.73 -36.31
N ALA F 52 -4.63 -36.48 -36.41
CA ALA F 52 -5.61 -35.94 -35.49
C ALA F 52 -7.05 -36.12 -35.95
N ALA F 53 -7.26 -36.62 -37.17
CA ALA F 53 -8.60 -36.78 -37.72
C ALA F 53 -9.40 -37.88 -37.03
N MET F 54 -8.75 -38.72 -36.23
CA MET F 54 -9.43 -39.84 -35.56
C MET F 54 -9.08 -39.91 -34.08
N ILE F 55 -8.67 -38.77 -33.50
CA ILE F 55 -8.28 -38.70 -32.10
C ILE F 55 -9.34 -37.93 -31.32
N GLY F 56 -9.72 -38.47 -30.17
CA GLY F 56 -10.76 -37.86 -29.37
C GLY F 56 -10.32 -37.37 -28.00
N VAL F 57 -9.32 -38.02 -27.41
CA VAL F 57 -8.88 -37.70 -26.05
C VAL F 57 -7.36 -37.65 -26.02
N LEU F 58 -6.82 -36.65 -25.32
CA LEU F 58 -5.39 -36.53 -25.06
C LEU F 58 -5.19 -36.56 -23.55
N LEU F 59 -4.98 -37.75 -22.99
CA LEU F 59 -4.68 -37.90 -21.57
C LEU F 59 -3.24 -37.43 -21.33
N LEU F 60 -3.08 -36.12 -21.23
CA LEU F 60 -1.76 -35.51 -21.12
C LEU F 60 -1.22 -35.73 -19.72
N GLY F 61 -0.14 -36.49 -19.61
CA GLY F 61 0.43 -36.85 -18.34
C GLY F 61 1.36 -35.80 -17.78
N PRO F 62 2.07 -36.14 -16.71
CA PRO F 62 3.00 -35.18 -16.10
C PRO F 62 4.16 -34.87 -17.05
N GLY F 63 4.65 -33.64 -16.96
CA GLY F 63 5.81 -33.23 -17.74
C GLY F 63 5.62 -33.32 -19.24
N THR F 64 4.49 -32.81 -19.73
CA THR F 64 4.23 -32.77 -21.16
C THR F 64 4.10 -31.33 -21.62
N ASP F 65 4.51 -31.09 -22.86
CA ASP F 65 4.42 -29.77 -23.48
C ASP F 65 3.50 -29.86 -24.70
N ILE F 66 2.53 -28.97 -24.77
CA ILE F 66 1.61 -28.89 -25.88
C ILE F 66 1.84 -27.56 -26.60
N SER F 67 1.82 -27.60 -27.93
CA SER F 67 1.96 -26.41 -28.75
C SER F 67 0.59 -25.87 -29.10
N HIS F 68 0.48 -24.54 -29.15
CA HIS F 68 -0.77 -23.92 -29.55
C HIS F 68 -1.21 -24.40 -30.92
N ARG F 69 -0.24 -24.61 -31.82
CA ARG F 69 -0.56 -25.09 -33.15
C ARG F 69 -1.20 -26.47 -33.10
N ALA F 70 -0.73 -27.32 -32.18
CA ALA F 70 -1.37 -28.63 -31.99
C ALA F 70 -2.79 -28.47 -31.48
N VAL F 71 -3.01 -27.55 -30.53
CA VAL F 71 -4.36 -27.29 -30.04
C VAL F 71 -5.24 -26.74 -31.16
N GLU F 72 -4.64 -26.07 -32.14
CA GLU F 72 -5.39 -25.53 -33.26
C GLU F 72 -6.16 -26.63 -33.99
N LEU F 73 -5.50 -27.75 -34.27
CA LEU F 73 -6.16 -28.82 -34.99
C LEU F 73 -7.16 -29.58 -34.11
N LEU F 74 -6.79 -29.84 -32.86
CA LEU F 74 -7.62 -30.68 -31.99
C LEU F 74 -9.01 -30.08 -31.80
N GLY F 75 -9.11 -28.75 -31.85
CA GLY F 75 -10.44 -28.12 -31.81
C GLY F 75 -11.27 -28.44 -33.03
N ASP F 76 -10.63 -28.54 -34.20
CA ASP F 76 -11.38 -28.79 -35.43
C ASP F 76 -12.05 -30.16 -35.41
N THR F 77 -11.35 -31.17 -34.90
CA THR F 77 -11.85 -32.54 -34.91
C THR F 77 -12.77 -32.85 -33.73
N GLY F 78 -13.01 -31.88 -32.85
CA GLY F 78 -13.78 -32.15 -31.65
C GLY F 78 -13.01 -32.90 -30.58
N THR F 79 -11.71 -33.05 -30.74
CA THR F 79 -10.89 -33.77 -29.78
C THR F 79 -10.85 -33.04 -28.45
N ALA F 80 -10.97 -33.79 -27.35
CA ALA F 80 -10.99 -33.22 -26.02
C ALA F 80 -9.60 -33.34 -25.38
N LEU F 81 -9.21 -32.29 -24.66
CA LEU F 81 -7.94 -32.25 -23.96
C LEU F 81 -8.18 -32.38 -22.46
N VAL F 82 -7.43 -33.27 -21.81
CA VAL F 82 -7.50 -33.46 -20.37
C VAL F 82 -6.08 -33.52 -19.82
N TRP F 83 -5.83 -32.77 -18.77
CA TRP F 83 -4.52 -32.76 -18.10
C TRP F 83 -4.65 -33.52 -16.79
N VAL F 84 -3.92 -34.64 -16.69
CA VAL F 84 -4.00 -35.52 -15.54
C VAL F 84 -2.58 -35.87 -15.09
N GLY F 85 -2.50 -36.58 -13.97
CA GLY F 85 -1.22 -37.07 -13.49
C GLY F 85 -0.83 -38.37 -14.15
N GLU F 86 -0.45 -39.36 -13.36
CA GLU F 86 -0.06 -40.67 -13.88
C GLU F 86 -1.32 -41.39 -14.37
N GLN F 87 -1.57 -41.29 -15.67
CA GLN F 87 -2.76 -41.82 -16.35
C GLN F 87 -4.03 -41.68 -15.53
N GLY F 88 -4.25 -40.50 -14.96
CA GLY F 88 -5.49 -40.22 -14.27
C GLY F 88 -5.50 -40.51 -12.79
N VAL F 89 -4.34 -40.71 -12.17
CA VAL F 89 -4.31 -40.91 -10.72
C VAL F 89 -4.84 -39.67 -10.01
N ARG F 90 -4.63 -38.49 -10.59
CA ARG F 90 -5.24 -37.26 -10.12
C ARG F 90 -5.73 -36.47 -11.32
N TYR F 91 -6.75 -35.65 -11.10
CA TYR F 91 -7.35 -34.82 -12.14
C TYR F 91 -6.97 -33.37 -11.93
N TYR F 92 -6.51 -32.71 -12.98
CA TYR F 92 -6.07 -31.32 -12.90
C TYR F 92 -6.95 -30.39 -13.70
N ALA F 93 -7.13 -30.64 -15.00
CA ALA F 93 -7.94 -29.76 -15.83
C ALA F 93 -8.36 -30.50 -17.09
N SER F 94 -9.39 -29.98 -17.74
CA SER F 94 -9.90 -30.55 -18.98
C SER F 94 -10.32 -29.41 -19.90
N GLY F 95 -11.00 -29.77 -20.99
CA GLY F 95 -11.43 -28.80 -21.97
C GLY F 95 -12.79 -29.12 -22.58
N ARG F 96 -12.86 -29.09 -23.91
CA ARG F 96 -14.09 -29.37 -24.62
C ARG F 96 -14.44 -30.87 -24.47
N ALA F 97 -15.56 -31.27 -25.07
CA ALA F 97 -16.04 -32.64 -25.01
C ALA F 97 -15.77 -33.34 -26.33
N LEU F 98 -16.12 -34.63 -26.38
CA LEU F 98 -15.90 -35.44 -27.56
C LEU F 98 -16.76 -34.95 -28.73
N ALA F 99 -16.10 -34.55 -29.82
CA ALA F 99 -16.76 -34.24 -31.09
C ALA F 99 -17.83 -33.15 -30.92
N ARG F 100 -17.60 -32.23 -29.99
CA ARG F 100 -18.52 -31.11 -29.74
C ARG F 100 -19.93 -31.61 -29.46
N SER F 101 -20.04 -32.62 -28.60
CA SER F 101 -21.32 -33.26 -28.29
C SER F 101 -21.69 -32.97 -26.85
N THR F 102 -22.90 -32.46 -26.64
CA THR F 102 -23.41 -32.17 -25.31
C THR F 102 -24.67 -32.99 -24.98
N ARG F 103 -25.04 -33.93 -25.84
CA ARG F 103 -26.26 -34.70 -25.61
C ARG F 103 -26.16 -35.51 -24.33
N PHE F 104 -24.97 -36.03 -24.02
CA PHE F 104 -24.80 -36.84 -22.82
C PHE F 104 -25.13 -36.05 -21.57
N LEU F 105 -24.64 -34.80 -21.50
CA LEU F 105 -24.95 -33.95 -20.36
C LEU F 105 -26.44 -33.60 -20.34
N VAL F 106 -27.04 -33.40 -21.50
CA VAL F 106 -28.46 -33.04 -21.57
C VAL F 106 -29.30 -34.14 -20.94
N LYS F 107 -28.99 -35.40 -21.25
CA LYS F 107 -29.73 -36.51 -20.64
C LYS F 107 -29.47 -36.57 -19.14
N GLN F 108 -28.26 -36.24 -18.70
CA GLN F 108 -27.99 -36.18 -17.27
C GLN F 108 -28.87 -35.15 -16.59
N ALA F 109 -29.03 -33.98 -17.20
CA ALA F 109 -29.90 -32.96 -16.64
C ALA F 109 -31.34 -33.44 -16.59
N GLU F 110 -31.80 -34.09 -17.67
CA GLU F 110 -33.17 -34.61 -17.68
C GLU F 110 -33.36 -35.69 -16.61
N LEU F 111 -32.36 -36.55 -16.44
CA LEU F 111 -32.48 -37.67 -15.52
C LEU F 111 -32.39 -37.27 -14.06
N VAL F 112 -32.01 -36.02 -13.76
CA VAL F 112 -31.79 -35.61 -12.38
C VAL F 112 -32.89 -34.69 -11.85
N THR F 113 -33.61 -33.97 -12.72
CA THR F 113 -34.62 -33.02 -12.25
C THR F 113 -35.78 -33.74 -11.57
N ASN F 114 -36.50 -34.57 -12.32
CA ASN F 114 -37.60 -35.32 -11.76
C ASN F 114 -37.09 -36.49 -10.93
N GLU F 115 -37.60 -36.61 -9.70
CA GLU F 115 -37.16 -37.66 -8.81
C GLU F 115 -37.48 -39.05 -9.34
N ARG F 116 -38.50 -39.17 -10.21
CA ARG F 116 -38.83 -40.46 -10.79
C ARG F 116 -37.66 -41.00 -11.60
N SER F 117 -37.05 -40.15 -12.41
CA SER F 117 -35.84 -40.56 -13.13
C SER F 117 -34.67 -40.72 -12.16
N ARG F 118 -34.57 -39.84 -11.17
CA ARG F 118 -33.47 -39.91 -10.21
C ARG F 118 -33.50 -41.22 -9.43
N LEU F 119 -34.68 -41.65 -8.99
CA LEU F 119 -34.78 -42.87 -8.21
C LEU F 119 -34.43 -44.10 -9.06
N ARG F 120 -34.76 -44.06 -10.35
CA ARG F 120 -34.50 -45.22 -11.21
C ARG F 120 -33.00 -45.44 -11.38
N VAL F 121 -32.26 -44.38 -11.74
CA VAL F 121 -30.83 -44.52 -11.92
C VAL F 121 -30.13 -44.79 -10.59
N ALA F 122 -30.61 -44.18 -9.50
CA ALA F 122 -30.05 -44.47 -8.19
C ALA F 122 -30.21 -45.94 -7.83
N ARG F 123 -31.39 -46.49 -8.09
CA ARG F 123 -31.58 -47.93 -7.90
C ARG F 123 -30.72 -48.73 -8.86
N ARG F 124 -30.57 -48.25 -10.10
CA ARG F 124 -29.69 -48.91 -11.05
C ARG F 124 -28.25 -48.89 -10.57
N MET F 125 -27.84 -47.80 -9.91
CA MET F 125 -26.48 -47.73 -9.40
C MET F 125 -26.24 -48.78 -8.32
N TYR F 126 -27.23 -48.99 -7.45
CA TYR F 126 -27.07 -49.97 -6.37
C TYR F 126 -26.97 -51.39 -6.92
N GLN F 127 -27.83 -51.74 -7.89
CA GLN F 127 -27.79 -53.07 -8.46
C GLN F 127 -26.52 -53.29 -9.28
N MET F 128 -25.90 -52.22 -9.78
CA MET F 128 -24.61 -52.38 -10.46
C MET F 128 -23.55 -52.86 -9.48
N ARG F 129 -23.58 -52.37 -8.24
CA ARG F 129 -22.65 -52.85 -7.23
C ARG F 129 -22.95 -54.29 -6.83
N ASP F 134 -32.11 -57.36 -4.05
CA ASP F 134 -33.28 -56.72 -4.64
C ASP F 134 -33.15 -55.20 -4.54
N VAL F 135 -33.59 -54.51 -5.59
CA VAL F 135 -33.49 -53.06 -5.65
C VAL F 135 -34.79 -52.36 -6.01
N SER F 136 -35.80 -53.06 -6.54
CA SER F 136 -36.95 -52.39 -7.14
C SER F 136 -37.84 -51.69 -6.11
N LYS F 137 -37.71 -52.04 -4.82
CA LYS F 137 -38.55 -51.45 -3.79
C LYS F 137 -37.82 -50.55 -2.81
N LEU F 138 -36.48 -50.62 -2.77
CA LEU F 138 -35.73 -49.78 -1.84
C LEU F 138 -35.81 -48.32 -2.26
N THR F 139 -36.04 -47.44 -1.30
CA THR F 139 -36.08 -46.01 -1.57
C THR F 139 -34.70 -45.40 -1.29
N MET F 140 -34.60 -44.07 -1.45
CA MET F 140 -33.31 -43.41 -1.42
C MET F 140 -32.61 -43.57 -0.08
N GLN F 141 -33.34 -43.34 1.02
CA GLN F 141 -32.75 -43.58 2.34
C GLN F 141 -32.59 -45.07 2.59
N GLN F 142 -33.56 -45.87 2.12
CA GLN F 142 -33.49 -47.31 2.27
C GLN F 142 -32.28 -47.88 1.54
N LEU F 143 -32.02 -47.39 0.33
CA LEU F 143 -30.84 -47.81 -0.44
C LEU F 143 -29.56 -47.41 0.28
N ARG F 144 -29.53 -46.19 0.83
CA ARG F 144 -28.31 -45.67 1.42
C ARG F 144 -27.86 -46.49 2.62
N SER F 145 -28.80 -46.91 3.46
CA SER F 145 -28.44 -47.70 4.64
C SER F 145 -27.80 -49.03 4.25
N HIS F 146 -28.36 -49.70 3.24
CA HIS F 146 -27.78 -50.96 2.81
C HIS F 146 -26.36 -50.79 2.30
N GLU F 147 -26.10 -49.73 1.54
CA GLU F 147 -24.76 -49.51 1.03
C GLU F 147 -23.76 -49.33 2.16
N GLY F 148 -24.16 -48.63 3.22
CA GLY F 148 -23.32 -48.57 4.41
C GLY F 148 -23.16 -49.93 5.06
N ALA F 149 -24.21 -50.75 5.01
CA ALA F 149 -24.09 -52.10 5.59
C ALA F 149 -23.16 -52.98 4.76
N ARG F 150 -23.34 -53.00 3.44
CA ARG F 150 -22.48 -53.82 2.59
C ARG F 150 -21.03 -53.35 2.64
N VAL F 151 -20.80 -52.03 2.63
CA VAL F 151 -19.43 -51.55 2.69
C VAL F 151 -18.82 -51.89 4.05
N ARG F 152 -19.63 -51.90 5.11
CA ARG F 152 -19.12 -52.28 6.42
C ARG F 152 -18.69 -53.74 6.43
N ARG F 153 -19.47 -54.62 5.81
CA ARG F 153 -19.08 -56.02 5.72
C ARG F 153 -17.83 -56.20 4.88
N LYS F 154 -17.70 -55.39 3.82
CA LYS F 154 -16.53 -55.51 2.95
C LYS F 154 -15.24 -55.19 3.69
N TYR F 155 -15.26 -54.15 4.52
CA TYR F 155 -14.11 -53.86 5.37
C TYR F 155 -13.83 -55.01 6.33
N ARG F 156 -14.88 -55.57 6.93
CA ARG F 156 -14.70 -56.69 7.84
C ARG F 156 -14.12 -57.91 7.13
N GLU F 157 -14.58 -58.18 5.91
CA GLU F 157 -14.12 -59.36 5.18
C GLU F 157 -12.64 -59.25 4.84
N LEU F 158 -12.22 -58.13 4.26
CA LEU F 158 -10.84 -57.97 3.84
C LEU F 158 -9.89 -57.87 5.03
N SER F 159 -10.38 -57.37 6.17
CA SER F 159 -9.54 -57.30 7.35
C SER F 159 -9.09 -58.69 7.79
N LYS F 160 -10.03 -59.65 7.79
CA LYS F 160 -9.67 -61.04 8.05
C LYS F 160 -9.01 -61.69 6.85
N LYS F 161 -9.43 -61.31 5.64
CA LYS F 161 -8.85 -61.92 4.43
C LYS F 161 -7.36 -61.59 4.32
N TYR F 162 -6.98 -60.35 4.59
CA TYR F 162 -5.59 -59.93 4.51
C TYR F 162 -4.90 -59.96 5.87
N ASN F 163 -5.59 -60.39 6.93
CA ASN F 163 -5.00 -60.54 8.26
C ASN F 163 -4.35 -59.25 8.74
N VAL F 164 -5.05 -58.14 8.55
CA VAL F 164 -4.55 -56.83 8.96
C VAL F 164 -5.44 -56.29 10.08
N PRO F 165 -4.90 -55.53 11.02
CA PRO F 165 -5.71 -55.00 12.15
C PRO F 165 -6.43 -53.70 11.81
N TRP F 166 -7.54 -53.81 11.10
CA TRP F 166 -8.37 -52.66 10.79
C TRP F 166 -9.34 -52.44 11.95
N LYS F 167 -9.11 -51.37 12.72
CA LYS F 167 -10.02 -51.04 13.81
C LYS F 167 -11.32 -50.47 13.27
N LYS F 168 -11.25 -49.31 12.61
CA LYS F 168 -12.40 -48.69 11.98
C LYS F 168 -11.91 -47.54 11.11
N ARG F 169 -12.74 -47.14 10.16
CA ARG F 169 -12.45 -46.01 9.27
C ARG F 169 -12.57 -44.72 10.06
N VAL F 170 -11.46 -44.25 10.59
CA VAL F 170 -11.37 -42.96 11.27
C VAL F 170 -10.34 -42.11 10.55
N TYR F 171 -10.73 -40.90 10.15
CA TYR F 171 -9.91 -40.08 9.28
C TYR F 171 -10.12 -38.62 9.60
N ASN F 172 -9.04 -37.84 9.50
CA ASN F 172 -9.12 -36.40 9.64
C ASN F 172 -9.00 -35.77 8.26
N PRO F 173 -10.03 -35.10 7.74
CA PRO F 173 -9.93 -34.54 6.39
C PRO F 173 -8.81 -33.52 6.24
N ASP F 174 -8.49 -32.77 7.29
CA ASP F 174 -7.45 -31.75 7.22
C ASP F 174 -6.16 -32.17 7.91
N ASP F 175 -6.04 -33.44 8.31
CA ASP F 175 -4.81 -33.95 8.92
C ASP F 175 -4.61 -35.38 8.42
N PHE F 176 -3.84 -35.52 7.33
CA PHE F 176 -3.58 -36.83 6.77
C PHE F 176 -2.39 -37.51 7.44
N ALA F 177 -1.41 -36.72 7.88
CA ALA F 177 -0.22 -37.29 8.49
C ALA F 177 -0.56 -38.04 9.77
N GLY F 178 -1.44 -37.49 10.59
CA GLY F 178 -1.88 -38.18 11.78
C GLY F 178 -3.07 -39.07 11.53
N GLY F 179 -2.82 -40.36 11.36
CA GLY F 179 -3.89 -41.30 11.08
C GLY F 179 -3.35 -42.71 11.00
N ASP F 180 -4.27 -43.66 10.99
CA ASP F 180 -3.88 -45.06 10.91
C ASP F 180 -3.35 -45.39 9.51
N PRO F 181 -2.33 -46.26 9.41
CA PRO F 181 -1.84 -46.64 8.08
C PRO F 181 -2.91 -47.20 7.16
N ILE F 182 -3.79 -48.06 7.69
CA ILE F 182 -4.88 -48.57 6.86
C ILE F 182 -5.80 -47.44 6.45
N ASN F 183 -6.12 -46.54 7.39
CA ASN F 183 -6.96 -45.40 7.06
C ASN F 183 -6.30 -44.51 6.01
N GLN F 184 -5.00 -44.26 6.15
CA GLN F 184 -4.28 -43.50 5.13
C GLN F 184 -4.26 -44.25 3.81
N ALA F 185 -4.13 -45.58 3.85
CA ALA F 185 -4.11 -46.37 2.63
C ALA F 185 -5.42 -46.22 1.87
N LEU F 186 -6.55 -46.37 2.56
CA LEU F 186 -7.84 -46.19 1.92
C LEU F 186 -8.01 -44.76 1.40
N SER F 187 -7.59 -43.77 2.20
CA SER F 187 -7.71 -42.39 1.77
C SER F 187 -6.88 -42.13 0.52
N ALA F 188 -5.64 -42.61 0.50
CA ALA F 188 -4.79 -42.45 -0.68
C ALA F 188 -5.34 -43.24 -1.86
N ALA F 189 -5.80 -44.47 -1.62
CA ALA F 189 -6.32 -45.28 -2.71
C ALA F 189 -7.59 -44.67 -3.30
N HIS F 190 -8.50 -44.20 -2.43
CA HIS F 190 -9.76 -43.66 -2.92
C HIS F 190 -9.55 -42.43 -3.79
N VAL F 191 -8.73 -41.48 -3.32
CA VAL F 191 -8.58 -40.21 -4.02
C VAL F 191 -8.05 -40.42 -5.43
N ALA F 192 -7.30 -41.51 -5.64
CA ALA F 192 -6.87 -41.84 -7.00
C ALA F 192 -8.07 -42.15 -7.89
N LEU F 193 -9.05 -42.87 -7.36
CA LEU F 193 -10.18 -43.30 -8.18
C LEU F 193 -11.01 -42.11 -8.66
N TYR F 194 -11.28 -41.15 -7.77
CA TYR F 194 -12.09 -40.00 -8.17
C TYR F 194 -11.40 -39.21 -9.27
N GLY F 195 -10.07 -39.11 -9.21
CA GLY F 195 -9.35 -38.42 -10.26
C GLY F 195 -9.54 -39.06 -11.62
N LEU F 196 -9.50 -40.40 -11.66
CA LEU F 196 -9.66 -41.10 -12.93
C LEU F 196 -11.05 -40.89 -13.50
N VAL F 197 -12.09 -41.10 -12.68
CA VAL F 197 -13.44 -40.93 -13.18
C VAL F 197 -13.72 -39.48 -13.54
N HIS F 198 -13.18 -38.53 -12.77
CA HIS F 198 -13.36 -37.13 -13.10
C HIS F 198 -12.73 -36.79 -14.43
N SER F 199 -11.54 -37.32 -14.69
CA SER F 199 -10.92 -37.15 -16.00
C SER F 199 -11.76 -37.78 -17.09
N VAL F 200 -12.28 -38.98 -16.83
CA VAL F 200 -13.09 -39.68 -17.82
C VAL F 200 -14.40 -38.92 -18.07
N VAL F 201 -15.08 -38.55 -16.99
CA VAL F 201 -16.41 -37.95 -17.13
C VAL F 201 -16.31 -36.59 -17.78
N ALA F 202 -15.24 -35.83 -17.49
CA ALA F 202 -15.08 -34.52 -18.10
C ALA F 202 -14.90 -34.63 -19.61
N ALA F 203 -14.12 -35.63 -20.05
CA ALA F 203 -13.94 -35.83 -21.48
C ALA F 203 -15.26 -36.17 -22.17
N LEU F 204 -16.06 -37.04 -21.55
CA LEU F 204 -17.32 -37.47 -22.14
C LEU F 204 -18.31 -36.33 -22.30
N GLY F 205 -18.12 -35.22 -21.59
CA GLY F 205 -19.00 -34.08 -21.72
C GLY F 205 -20.05 -33.94 -20.64
N LEU F 206 -19.99 -34.76 -19.59
CA LEU F 206 -20.97 -34.69 -18.51
C LEU F 206 -20.55 -33.56 -17.56
N SER F 207 -21.20 -33.50 -16.40
CA SER F 207 -20.88 -32.50 -15.39
C SER F 207 -20.78 -33.19 -14.03
N PRO F 208 -19.65 -33.07 -13.34
CA PRO F 208 -19.51 -33.73 -12.03
C PRO F 208 -20.46 -33.18 -10.97
N GLY F 209 -20.99 -31.97 -11.16
CA GLY F 209 -21.89 -31.41 -10.16
C GLY F 209 -23.20 -32.16 -10.05
N LEU F 210 -23.77 -32.58 -11.18
CA LEU F 210 -25.06 -33.24 -11.17
C LEU F 210 -24.95 -34.68 -10.69
N GLY F 211 -25.04 -34.88 -9.38
CA GLY F 211 -25.02 -36.21 -8.80
C GLY F 211 -26.42 -36.75 -8.59
N PHE F 212 -26.53 -38.07 -8.60
CA PHE F 212 -27.83 -38.72 -8.45
C PHE F 212 -28.12 -39.07 -6.99
N VAL F 213 -27.27 -39.89 -6.38
CA VAL F 213 -27.38 -40.17 -4.95
C VAL F 213 -26.68 -39.11 -4.13
N HIS F 214 -25.42 -38.84 -4.44
CA HIS F 214 -24.71 -37.74 -3.81
C HIS F 214 -25.13 -36.42 -4.43
N THR F 215 -25.28 -35.40 -3.59
CA THR F 215 -25.71 -34.09 -4.06
C THR F 215 -25.16 -33.03 -3.10
N GLY F 216 -24.91 -31.84 -3.63
CA GLY F 216 -24.41 -30.74 -2.84
C GLY F 216 -22.94 -30.45 -2.97
N HIS F 217 -22.24 -31.10 -3.90
CA HIS F 217 -20.81 -30.84 -4.10
C HIS F 217 -20.54 -30.74 -5.59
N ASP F 218 -19.46 -30.05 -5.93
CA ASP F 218 -19.07 -29.90 -7.33
C ASP F 218 -18.70 -31.25 -7.97
N ARG F 219 -18.29 -32.22 -7.16
CA ARG F 219 -17.99 -33.56 -7.64
C ARG F 219 -19.05 -34.58 -7.20
N SER F 220 -20.30 -34.14 -7.10
CA SER F 220 -21.36 -35.03 -6.63
C SER F 220 -21.50 -36.25 -7.53
N PHE F 221 -21.50 -36.03 -8.85
CA PHE F 221 -21.56 -37.15 -9.79
C PHE F 221 -20.32 -38.03 -9.67
N ILE F 222 -19.19 -37.46 -9.26
CA ILE F 222 -17.96 -38.23 -9.15
C ILE F 222 -18.09 -39.30 -8.09
N TYR F 223 -18.54 -38.91 -6.88
CA TYR F 223 -18.60 -39.87 -5.78
C TYR F 223 -19.71 -40.88 -6.00
N ASP F 224 -20.73 -40.52 -6.78
CA ASP F 224 -21.77 -41.49 -7.12
C ASP F 224 -21.24 -42.56 -8.06
N VAL F 225 -20.56 -42.18 -9.12
CA VAL F 225 -20.03 -43.14 -10.09
C VAL F 225 -18.87 -43.93 -9.51
N ALA F 226 -17.98 -43.27 -8.78
CA ALA F 226 -16.80 -43.95 -8.24
C ALA F 226 -17.15 -45.05 -7.27
N ASP F 227 -18.35 -45.02 -6.68
CA ASP F 227 -18.77 -46.08 -5.78
C ASP F 227 -18.88 -47.42 -6.49
N LEU F 228 -18.96 -47.42 -7.82
CA LEU F 228 -19.07 -48.67 -8.56
C LEU F 228 -17.82 -49.53 -8.40
N TYR F 229 -16.65 -48.90 -8.38
CA TYR F 229 -15.39 -49.62 -8.44
C TYR F 229 -14.57 -49.54 -7.16
N LYS F 230 -15.08 -48.91 -6.11
CA LYS F 230 -14.34 -48.85 -4.85
C LYS F 230 -14.11 -50.25 -4.28
N ALA F 231 -15.15 -51.07 -4.26
CA ALA F 231 -15.02 -52.42 -3.73
C ALA F 231 -14.20 -53.33 -4.64
N GLU F 232 -14.34 -53.17 -5.95
CA GLU F 232 -13.67 -54.07 -6.89
C GLU F 232 -12.18 -53.75 -7.05
N ILE F 233 -11.79 -52.49 -6.98
CA ILE F 233 -10.43 -52.11 -7.34
C ILE F 233 -9.67 -51.48 -6.17
N THR F 234 -10.15 -50.33 -5.70
CA THR F 234 -9.32 -49.52 -4.80
C THR F 234 -9.19 -50.15 -3.42
N VAL F 235 -10.30 -50.65 -2.86
CA VAL F 235 -10.24 -51.22 -1.51
C VAL F 235 -9.27 -52.38 -1.41
N PRO F 236 -9.27 -53.36 -2.31
CA PRO F 236 -8.22 -54.40 -2.23
C PRO F 236 -6.81 -53.83 -2.36
N ILE F 237 -6.62 -52.81 -3.19
CA ILE F 237 -5.30 -52.20 -3.33
C ILE F 237 -4.86 -51.57 -2.02
N ALA F 238 -5.76 -50.81 -1.39
CA ALA F 238 -5.42 -50.16 -0.13
C ALA F 238 -5.11 -51.17 0.96
N PHE F 239 -5.87 -52.27 1.00
CA PHE F 239 -5.60 -53.30 1.99
C PHE F 239 -4.33 -54.06 1.66
N ALA F 240 -4.04 -54.24 0.37
CA ALA F 240 -2.83 -54.95 -0.03
C ALA F 240 -1.57 -54.19 0.39
N VAL F 241 -1.51 -52.89 0.07
CA VAL F 241 -0.33 -52.10 0.42
C VAL F 241 -0.20 -52.00 1.94
N ALA F 242 -1.32 -51.87 2.64
CA ALA F 242 -1.28 -51.83 4.10
C ALA F 242 -0.78 -53.16 4.67
N ALA F 243 -1.15 -54.27 4.04
CA ALA F 243 -0.71 -55.58 4.51
C ALA F 243 0.80 -55.70 4.45
N GLU F 244 1.40 -55.26 3.34
CA GLU F 244 2.85 -55.29 3.18
C GLU F 244 3.51 -53.99 3.63
N ALA F 245 2.75 -53.05 4.18
CA ALA F 245 3.32 -51.79 4.63
C ALA F 245 4.30 -52.02 5.77
N GLU F 246 5.44 -51.34 5.71
CA GLU F 246 6.44 -51.36 6.76
C GLU F 246 6.54 -49.97 7.38
N GLU F 247 6.60 -49.92 8.71
CA GLU F 247 6.71 -48.63 9.40
C GLU F 247 8.04 -47.97 9.05
N GLY F 248 7.98 -46.68 8.74
CA GLY F 248 9.18 -45.92 8.43
C GLY F 248 9.16 -45.23 7.08
N GLN F 249 8.03 -45.28 6.38
CA GLN F 249 7.91 -44.60 5.11
C GLN F 249 6.46 -44.23 4.86
N ASP F 250 6.26 -43.23 4.00
CA ASP F 250 4.92 -42.84 3.62
C ASP F 250 4.30 -43.89 2.71
N ILE F 251 2.97 -43.93 2.69
CA ILE F 251 2.24 -44.92 1.92
C ILE F 251 1.33 -44.30 0.86
N GLY F 252 1.03 -43.01 0.95
CA GLY F 252 0.28 -42.37 -0.12
C GLY F 252 0.99 -42.49 -1.45
N GLN F 253 2.33 -42.34 -1.43
CA GLN F 253 3.11 -42.63 -2.62
C GLN F 253 3.01 -44.10 -3.00
N LEU F 254 3.11 -44.99 -2.02
CA LEU F 254 3.03 -46.42 -2.29
C LEU F 254 1.66 -46.79 -2.85
N ALA F 255 0.60 -46.27 -2.24
CA ALA F 255 -0.75 -46.55 -2.74
C ALA F 255 -0.95 -45.97 -4.13
N ARG F 256 -0.36 -44.80 -4.39
CA ARG F 256 -0.48 -44.19 -5.71
C ARG F 256 0.12 -45.07 -6.79
N LEU F 257 1.32 -45.61 -6.54
CA LEU F 257 1.97 -46.48 -7.52
C LEU F 257 1.20 -47.79 -7.68
N ARG F 258 0.72 -48.36 -6.57
CA ARG F 258 -0.08 -49.57 -6.66
C ARG F 258 -1.38 -49.34 -7.42
N THR F 259 -1.83 -48.10 -7.54
CA THR F 259 -2.94 -47.76 -8.42
C THR F 259 -2.45 -47.42 -9.81
N ARG F 260 -1.22 -46.89 -9.93
CA ARG F 260 -0.68 -46.53 -11.23
C ARG F 260 -0.61 -47.74 -12.16
N ASP F 261 0.01 -48.82 -11.70
CA ASP F 261 0.15 -50.01 -12.54
C ASP F 261 -1.20 -50.66 -12.79
N ALA F 262 -2.09 -50.64 -11.81
CA ALA F 262 -3.43 -51.15 -12.02
C ALA F 262 -4.16 -50.36 -13.09
N PHE F 263 -3.88 -49.06 -13.19
CA PHE F 263 -4.53 -48.24 -14.20
C PHE F 263 -3.81 -48.30 -15.55
N VAL F 264 -2.61 -48.89 -15.59
CA VAL F 264 -1.86 -48.95 -16.85
C VAL F 264 -2.60 -49.78 -17.89
N ASP F 265 -3.23 -50.87 -17.46
CA ASP F 265 -3.87 -51.78 -18.41
C ASP F 265 -4.93 -51.08 -19.24
N GLY F 266 -5.74 -50.24 -18.60
CA GLY F 266 -6.77 -49.52 -19.30
C GLY F 266 -8.08 -50.25 -19.46
N LYS F 267 -8.16 -51.51 -19.03
CA LYS F 267 -9.44 -52.21 -19.06
C LYS F 267 -10.45 -51.58 -18.12
N ILE F 268 -9.98 -50.87 -17.09
CA ILE F 268 -10.88 -50.16 -16.20
C ILE F 268 -11.61 -49.07 -16.95
N LEU F 269 -10.88 -48.30 -17.76
CA LEU F 269 -11.52 -47.23 -18.54
C LEU F 269 -12.55 -47.79 -19.51
N LYS F 270 -12.26 -48.95 -20.11
CA LYS F 270 -13.22 -49.58 -21.01
C LYS F 270 -14.51 -49.92 -20.29
N ARG F 271 -14.40 -50.46 -19.07
CA ARG F 271 -15.59 -50.76 -18.28
C ARG F 271 -16.35 -49.50 -17.91
N MET F 272 -15.63 -48.44 -17.54
CA MET F 272 -16.27 -47.24 -17.00
C MET F 272 -17.09 -46.51 -18.06
N VAL F 273 -16.54 -46.35 -19.27
CA VAL F 273 -17.26 -45.64 -20.31
C VAL F 273 -18.56 -46.37 -20.67
N LYS F 274 -18.53 -47.70 -20.66
CA LYS F 274 -19.75 -48.46 -20.89
C LYS F 274 -20.73 -48.28 -19.74
N ASP F 275 -20.23 -48.25 -18.51
CA ASP F 275 -21.11 -48.10 -17.35
C ASP F 275 -21.85 -46.77 -17.37
N LEU F 276 -21.16 -45.70 -17.76
CA LEU F 276 -21.82 -44.39 -17.85
C LEU F 276 -22.95 -44.43 -18.86
N GLN F 277 -22.74 -45.08 -20.01
CA GLN F 277 -23.80 -45.21 -20.99
C GLN F 277 -24.97 -46.01 -20.45
N THR F 278 -24.68 -47.10 -19.72
CA THR F 278 -25.74 -47.87 -19.08
C THR F 278 -26.42 -47.04 -17.99
N LEU F 279 -25.65 -46.29 -17.21
CA LEU F 279 -26.23 -45.47 -16.16
C LEU F 279 -27.13 -44.38 -16.71
N LEU F 280 -26.85 -43.90 -17.92
CA LEU F 280 -27.65 -42.88 -18.56
C LEU F 280 -28.70 -43.45 -19.50
N GLU F 281 -28.86 -44.77 -19.52
CA GLU F 281 -29.83 -45.45 -20.38
C GLU F 281 -29.59 -45.11 -21.85
N ILE F 282 -28.33 -45.00 -22.22
CA ILE F 282 -27.97 -44.71 -23.62
C ILE F 282 -28.30 -45.93 -24.48
N PRO F 283 -28.98 -45.76 -25.61
CA PRO F 283 -29.25 -46.91 -26.48
C PRO F 283 -27.97 -47.56 -26.96
N GLU F 284 -28.02 -48.89 -27.11
CA GLU F 284 -26.82 -49.65 -27.50
C GLU F 284 -26.28 -49.17 -28.84
N GLU F 285 -27.17 -48.85 -29.78
CA GLU F 285 -26.72 -48.31 -31.07
C GLU F 285 -26.00 -46.98 -30.89
N GLY F 286 -26.52 -46.11 -30.03
CA GLY F 286 -25.88 -44.84 -29.76
C GLY F 286 -24.74 -44.90 -28.77
N GLN F 287 -24.53 -46.06 -28.13
CA GLN F 287 -23.42 -46.21 -27.19
C GLN F 287 -22.09 -46.18 -27.94
N ILE F 288 -21.12 -45.46 -27.36
CA ILE F 288 -19.81 -45.31 -27.96
C ILE F 288 -18.81 -46.13 -27.16
N GLU F 289 -17.96 -46.88 -27.87
CA GLU F 289 -16.96 -47.73 -27.23
C GLU F 289 -15.62 -47.02 -27.21
N ALA F 290 -15.00 -46.97 -26.03
CA ALA F 290 -13.72 -46.31 -25.85
C ALA F 290 -12.67 -47.33 -25.45
N GLU F 291 -11.49 -47.24 -26.06
CA GLU F 291 -10.39 -48.14 -25.77
C GLU F 291 -9.10 -47.35 -25.59
N PRO F 292 -8.19 -47.82 -24.75
CA PRO F 292 -6.91 -47.15 -24.58
C PRO F 292 -5.99 -47.39 -25.76
N LEU F 293 -5.07 -46.45 -25.95
CA LEU F 293 -4.05 -46.53 -27.00
C LEU F 293 -2.71 -46.16 -26.41
N SER F 294 -1.87 -47.16 -26.15
CA SER F 294 -0.51 -46.92 -25.68
C SER F 294 0.40 -46.81 -26.90
N LEU F 295 1.00 -45.63 -27.07
CA LEU F 295 1.73 -45.35 -28.30
C LEU F 295 2.95 -46.25 -28.46
N TRP F 296 3.69 -46.45 -27.37
CA TRP F 296 4.90 -47.26 -27.40
C TRP F 296 4.62 -48.74 -27.14
N ASP F 297 3.37 -49.12 -26.90
CA ASP F 297 3.00 -50.51 -26.68
C ASP F 297 2.04 -51.07 -27.71
N ASP F 298 1.31 -50.22 -28.44
CA ASP F 298 0.38 -50.66 -29.47
C ASP F 298 0.81 -50.14 -30.84
N LYS F 299 2.10 -50.24 -31.12
CA LYS F 299 2.62 -49.76 -32.40
C LYS F 299 2.03 -50.54 -33.56
N GLU F 300 1.94 -51.86 -33.43
CA GLU F 300 1.48 -52.70 -34.54
C GLU F 300 0.05 -52.37 -34.93
N LYS F 301 -0.77 -51.90 -33.98
CA LYS F 301 -2.14 -51.54 -34.31
C LYS F 301 -2.23 -50.20 -35.01
N LEU F 302 -1.38 -49.24 -34.63
CA LEU F 302 -1.50 -47.88 -35.15
C LEU F 302 -0.90 -47.71 -36.54
N VAL F 303 0.10 -48.54 -36.90
CA VAL F 303 0.74 -48.39 -38.20
C VAL F 303 -0.24 -48.52 -39.36
N PRO F 304 -1.14 -49.51 -39.40
CA PRO F 304 -2.08 -49.58 -40.54
C PRO F 304 -3.00 -48.40 -40.68
N TYR F 305 -3.21 -47.61 -39.62
CA TYR F 305 -4.09 -46.45 -39.68
C TYR F 305 -3.41 -45.20 -40.23
N GLY F 306 -2.14 -45.27 -40.59
CA GLY F 306 -1.47 -44.15 -41.21
C GLY F 306 -0.57 -43.36 -40.27
N VAL F 307 0.22 -44.06 -39.47
CA VAL F 307 1.10 -43.42 -38.49
C VAL F 307 2.55 -43.70 -38.85
N ASN F 308 3.36 -42.66 -38.86
CA ASN F 308 4.80 -42.77 -39.09
C ASN F 308 5.53 -42.81 -37.76
N TYR F 309 6.38 -43.82 -37.58
CA TYR F 309 7.14 -43.99 -36.34
C TYR F 309 8.62 -43.77 -36.62
N SER F 310 9.27 -43.03 -35.73
CA SER F 310 10.70 -42.74 -35.86
C SER F 310 11.38 -42.99 -34.52
N GLU F 311 12.69 -43.19 -34.58
CA GLU F 311 13.48 -43.44 -33.38
C GLU F 311 14.66 -42.48 -33.29
N ALA G 2 -6.34 -24.44 9.91
CA ALA G 2 -6.63 -25.58 9.04
C ALA G 2 -5.43 -26.50 8.93
N GLY G 3 -5.43 -27.35 7.90
CA GLY G 3 -4.35 -28.27 7.68
C GLY G 3 -3.13 -27.57 7.10
N PRO G 4 -2.08 -28.35 6.87
CA PRO G 4 -0.85 -27.77 6.29
C PRO G 4 -1.12 -27.16 4.92
N ILE G 5 -0.48 -26.02 4.68
CA ILE G 5 -0.58 -25.32 3.39
C ILE G 5 0.72 -25.54 2.64
N ILE G 6 0.63 -26.00 1.40
CA ILE G 6 1.79 -26.31 0.58
C ILE G 6 1.74 -25.47 -0.68
N ALA G 7 2.90 -25.30 -1.30
CA ALA G 7 3.01 -24.47 -2.49
C ALA G 7 2.15 -25.03 -3.62
N GLY G 8 1.39 -24.14 -4.26
CA GLY G 8 0.53 -24.51 -5.36
C GLY G 8 -0.84 -25.02 -4.97
N LYS G 9 -1.06 -25.35 -3.70
CA LYS G 9 -2.34 -25.85 -3.22
C LYS G 9 -2.91 -24.89 -2.20
N SER G 10 -4.19 -24.56 -2.35
CA SER G 10 -4.84 -23.64 -1.44
C SER G 10 -6.35 -23.81 -1.53
N GLU G 11 -7.04 -23.62 -0.41
CA GLU G 11 -8.48 -23.67 -0.41
C GLU G 11 -9.06 -22.44 -1.10
N SER G 12 -10.31 -22.56 -1.54
CA SER G 12 -10.98 -21.45 -2.22
C SER G 12 -11.09 -20.23 -1.31
N SER G 13 -11.12 -20.44 0.02
CA SER G 13 -11.19 -19.32 0.94
C SER G 13 -9.95 -18.45 0.87
N GLU G 14 -8.77 -19.06 0.70
CA GLU G 14 -7.53 -18.31 0.60
C GLU G 14 -7.41 -17.52 -0.70
N LEU G 15 -8.31 -17.76 -1.66
CA LEU G 15 -8.19 -17.19 -2.98
C LEU G 15 -9.31 -16.20 -3.23
N PRO G 16 -9.04 -15.09 -3.93
CA PRO G 16 -10.06 -14.05 -4.08
C PRO G 16 -11.29 -14.55 -4.82
N ARG G 17 -12.44 -13.99 -4.46
CA ARG G 17 -13.68 -14.37 -5.12
C ARG G 17 -13.66 -13.92 -6.57
N VAL G 18 -14.62 -14.44 -7.34
CA VAL G 18 -14.64 -14.21 -8.77
C VAL G 18 -14.78 -12.72 -9.11
N GLU G 19 -15.34 -11.92 -8.21
CA GLU G 19 -15.57 -10.52 -8.53
C GLU G 19 -14.30 -9.69 -8.38
N ASP G 20 -13.43 -10.03 -7.43
CA ASP G 20 -12.30 -9.18 -7.07
C ASP G 20 -11.07 -9.44 -7.93
N ARG G 21 -11.23 -10.06 -9.08
CA ARG G 21 -10.11 -10.42 -9.94
C ARG G 21 -10.11 -9.59 -11.22
N ALA G 22 -8.94 -9.54 -11.87
CA ALA G 22 -8.79 -8.77 -13.09
C ALA G 22 -9.47 -9.47 -14.25
N THR G 23 -9.44 -8.83 -15.43
CA THR G 23 -10.22 -9.33 -16.55
C THR G 23 -9.49 -10.42 -17.33
N PHE G 24 -8.36 -10.10 -17.94
CA PHE G 24 -7.61 -11.10 -18.70
C PHE G 24 -6.22 -10.55 -19.03
N ILE G 25 -5.38 -11.42 -19.59
CA ILE G 25 -4.09 -11.05 -20.15
C ILE G 25 -3.92 -11.76 -21.48
N TYR G 26 -3.52 -11.03 -22.51
CA TYR G 26 -3.21 -11.61 -23.81
C TYR G 26 -1.75 -12.06 -23.82
N ILE G 27 -1.49 -13.22 -24.41
CA ILE G 27 -0.14 -13.79 -24.48
C ILE G 27 0.12 -14.19 -25.92
N GLU G 28 1.36 -14.00 -26.38
CA GLU G 28 1.74 -14.37 -27.72
C GLU G 28 3.23 -14.67 -27.77
N HIS G 29 3.60 -15.77 -28.41
CA HIS G 29 4.98 -16.17 -28.62
C HIS G 29 5.74 -16.27 -27.29
N ALA G 30 5.30 -17.20 -26.46
CA ALA G 30 5.93 -17.40 -25.16
C ALA G 30 5.69 -18.82 -24.68
N LYS G 31 6.53 -19.26 -23.76
CA LYS G 31 6.43 -20.58 -23.15
C LYS G 31 5.97 -20.41 -21.70
N ILE G 32 4.90 -21.10 -21.34
CA ILE G 32 4.34 -21.04 -19.99
C ILE G 32 4.89 -22.24 -19.23
N ASN G 33 5.86 -21.99 -18.37
CA ASN G 33 6.48 -23.02 -17.56
C ASN G 33 6.39 -22.65 -16.09
N ARG G 34 6.26 -23.66 -15.24
CA ARG G 34 6.16 -23.47 -13.80
C ARG G 34 7.52 -23.74 -13.16
N VAL G 35 8.12 -22.71 -12.57
CA VAL G 35 9.39 -22.82 -11.86
C VAL G 35 9.21 -22.24 -10.47
N ASP G 36 9.80 -22.92 -9.47
CA ASP G 36 9.66 -22.53 -8.07
C ASP G 36 8.20 -22.39 -7.67
N SER G 37 7.37 -23.30 -8.20
CA SER G 37 5.94 -23.31 -7.92
C SER G 37 5.29 -21.97 -8.26
N ALA G 38 5.51 -21.51 -9.48
CA ALA G 38 4.97 -20.23 -9.94
C ALA G 38 4.78 -20.27 -11.45
N VAL G 39 3.63 -19.81 -11.91
CA VAL G 39 3.42 -19.66 -13.34
C VAL G 39 4.36 -18.58 -13.87
N THR G 40 5.10 -18.91 -14.92
CA THR G 40 6.09 -18.00 -15.49
C THR G 40 5.98 -18.03 -16.99
N VAL G 41 5.41 -16.97 -17.57
CA VAL G 41 5.37 -16.81 -19.01
C VAL G 41 6.74 -16.33 -19.46
N ALA G 42 7.44 -17.16 -20.23
CA ALA G 42 8.81 -16.88 -20.63
C ALA G 42 8.85 -16.46 -22.09
N GLU G 43 9.48 -15.32 -22.36
CA GLU G 43 9.71 -14.84 -23.71
C GLU G 43 11.20 -14.83 -24.00
N ALA G 44 11.55 -14.36 -25.20
CA ALA G 44 12.95 -14.35 -25.62
C ALA G 44 13.79 -13.45 -24.74
N LYS G 45 13.29 -12.25 -24.44
CA LYS G 45 14.09 -11.31 -23.65
C LYS G 45 14.16 -11.72 -22.19
N GLY G 46 13.07 -12.21 -21.63
CA GLY G 46 13.05 -12.58 -20.23
C GLY G 46 11.76 -13.25 -19.84
N VAL G 47 11.50 -13.25 -18.53
CA VAL G 47 10.37 -13.97 -17.96
C VAL G 47 9.50 -12.98 -17.18
N VAL G 48 8.19 -13.22 -17.22
CA VAL G 48 7.21 -12.42 -16.48
C VAL G 48 6.35 -13.37 -15.66
N ARG G 49 6.17 -13.03 -14.38
CA ARG G 49 5.38 -13.87 -13.47
C ARG G 49 3.97 -13.34 -13.40
N ILE G 50 3.05 -14.01 -14.07
CA ILE G 50 1.64 -13.58 -14.06
C ILE G 50 1.06 -13.81 -12.66
N PRO G 51 0.45 -12.81 -12.04
CA PRO G 51 -0.19 -13.02 -10.74
C PRO G 51 -1.51 -13.74 -10.89
N ALA G 52 -1.46 -15.08 -10.99
CA ALA G 52 -2.62 -15.86 -11.36
C ALA G 52 -3.81 -15.65 -10.43
N ALA G 53 -3.56 -15.30 -9.16
CA ALA G 53 -4.63 -15.28 -8.17
C ALA G 53 -5.74 -14.30 -8.53
N MET G 54 -5.42 -13.24 -9.25
CA MET G 54 -6.42 -12.24 -9.62
C MET G 54 -6.57 -12.12 -11.13
N ILE G 55 -6.60 -13.25 -11.84
CA ILE G 55 -6.76 -13.26 -13.29
C ILE G 55 -8.11 -13.90 -13.60
N GLY G 56 -8.92 -13.21 -14.41
CA GLY G 56 -10.19 -13.78 -14.81
C GLY G 56 -9.98 -14.97 -15.73
N VAL G 57 -9.47 -14.71 -16.92
CA VAL G 57 -9.11 -15.75 -17.87
C VAL G 57 -7.73 -15.43 -18.42
N LEU G 58 -6.90 -16.45 -18.60
CA LEU G 58 -5.55 -16.28 -19.14
C LEU G 58 -5.63 -16.63 -20.62
N LEU G 59 -5.87 -15.62 -21.45
CA LEU G 59 -5.95 -15.83 -22.88
C LEU G 59 -4.62 -16.32 -23.42
N LEU G 60 -4.67 -17.19 -24.43
CA LEU G 60 -3.48 -17.79 -25.01
C LEU G 60 -3.52 -17.60 -26.51
N GLY G 61 -2.47 -17.00 -27.06
CA GLY G 61 -2.44 -16.62 -28.46
C GLY G 61 -1.71 -17.60 -29.34
N PRO G 62 -1.15 -17.10 -30.44
CA PRO G 62 -0.46 -17.98 -31.40
C PRO G 62 1.01 -18.17 -31.06
N GLY G 63 1.53 -19.30 -31.52
CA GLY G 63 2.94 -19.61 -31.35
C GLY G 63 3.41 -19.70 -29.91
N THR G 64 2.60 -20.31 -29.05
CA THR G 64 2.92 -20.40 -27.63
C THR G 64 2.85 -21.85 -27.17
N ASP G 65 3.68 -22.17 -26.19
CA ASP G 65 3.74 -23.50 -25.60
C ASP G 65 3.44 -23.42 -24.11
N ILE G 66 2.65 -24.36 -23.61
CA ILE G 66 2.33 -24.44 -22.20
C ILE G 66 2.62 -25.87 -21.70
N SER G 67 3.25 -25.95 -20.53
CA SER G 67 3.64 -27.23 -19.96
C SER G 67 2.43 -27.84 -19.24
N HIS G 68 2.69 -28.91 -18.47
CA HIS G 68 1.62 -29.62 -17.77
C HIS G 68 1.37 -29.07 -16.37
N ARG G 69 2.42 -28.94 -15.55
CA ARG G 69 2.24 -28.38 -14.22
C ARG G 69 1.72 -26.95 -14.27
N ALA G 70 1.98 -26.24 -15.38
CA ALA G 70 1.44 -24.90 -15.52
C ALA G 70 -0.09 -24.92 -15.55
N VAL G 71 -0.67 -25.85 -16.30
CA VAL G 71 -2.12 -25.97 -16.35
C VAL G 71 -2.67 -26.37 -14.99
N GLU G 72 -2.00 -27.31 -14.30
CA GLU G 72 -2.43 -27.71 -12.98
C GLU G 72 -2.40 -26.53 -12.01
N LEU G 73 -1.33 -25.74 -12.04
CA LEU G 73 -1.24 -24.58 -11.16
C LEU G 73 -2.33 -23.57 -11.48
N LEU G 74 -2.58 -23.33 -12.77
CA LEU G 74 -3.64 -22.40 -13.16
C LEU G 74 -5.02 -22.95 -12.78
N GLY G 75 -5.21 -24.27 -12.94
CA GLY G 75 -6.48 -24.87 -12.56
C GLY G 75 -6.74 -24.77 -11.07
N ASP G 76 -5.69 -24.92 -10.26
CA ASP G 76 -5.84 -24.73 -8.82
C ASP G 76 -6.29 -23.31 -8.51
N THR G 77 -5.70 -22.33 -9.20
CA THR G 77 -6.12 -20.95 -9.03
C THR G 77 -7.52 -20.71 -9.57
N GLY G 78 -7.98 -21.54 -10.51
CA GLY G 78 -9.31 -21.40 -11.07
C GLY G 78 -9.39 -20.53 -12.29
N THR G 79 -8.29 -19.90 -12.71
CA THR G 79 -8.30 -19.10 -13.92
C THR G 79 -8.52 -19.99 -15.13
N ALA G 80 -9.46 -19.60 -16.00
CA ALA G 80 -9.73 -20.38 -17.19
C ALA G 80 -8.61 -20.19 -18.21
N LEU G 81 -8.51 -21.16 -19.10
CA LEU G 81 -7.53 -21.14 -20.19
C LEU G 81 -8.25 -21.28 -21.52
N VAL G 82 -8.02 -20.32 -22.41
CA VAL G 82 -8.72 -20.27 -23.70
C VAL G 82 -7.68 -20.06 -24.79
N TRP G 83 -7.71 -20.91 -25.80
CA TRP G 83 -6.78 -20.82 -26.92
C TRP G 83 -7.43 -20.00 -28.04
N VAL G 84 -6.79 -18.88 -28.40
CA VAL G 84 -7.30 -17.98 -29.42
C VAL G 84 -6.18 -17.68 -30.41
N GLY G 85 -6.55 -17.46 -31.66
CA GLY G 85 -5.65 -16.97 -32.67
C GLY G 85 -6.37 -16.02 -33.60
N GLU G 86 -5.98 -16.05 -34.87
CA GLU G 86 -6.70 -15.34 -35.90
C GLU G 86 -8.00 -16.09 -36.20
N GLN G 87 -8.85 -15.50 -37.04
CA GLN G 87 -10.11 -16.08 -37.52
C GLN G 87 -10.97 -16.65 -36.39
N GLY G 88 -10.82 -16.11 -35.19
CA GLY G 88 -11.73 -16.40 -34.09
C GLY G 88 -11.14 -17.25 -32.99
N VAL G 89 -11.98 -17.54 -32.00
CA VAL G 89 -11.57 -18.37 -30.88
C VAL G 89 -11.41 -19.83 -31.34
N ARG G 90 -10.57 -20.56 -30.62
CA ARG G 90 -10.22 -21.91 -31.05
C ARG G 90 -10.49 -22.98 -30.02
N TYR G 91 -10.15 -22.76 -28.75
CA TYR G 91 -10.31 -23.83 -27.77
C TYR G 91 -10.51 -23.25 -26.38
N TYR G 92 -11.07 -24.08 -25.50
CA TYR G 92 -11.40 -23.71 -24.12
C TYR G 92 -10.83 -24.75 -23.16
N ALA G 93 -10.61 -24.31 -21.93
CA ALA G 93 -10.16 -25.18 -20.85
C ALA G 93 -10.52 -24.53 -19.53
N SER G 94 -10.50 -25.34 -18.47
CA SER G 94 -10.84 -24.83 -17.14
C SER G 94 -10.29 -25.78 -16.09
N GLY G 95 -10.19 -25.25 -14.87
CA GLY G 95 -9.86 -26.06 -13.72
C GLY G 95 -11.06 -26.82 -13.23
N ARG G 96 -10.94 -27.34 -12.00
CA ARG G 96 -12.03 -28.11 -11.43
C ARG G 96 -13.22 -27.22 -11.09
N ALA G 97 -13.02 -26.29 -10.15
CA ALA G 97 -14.06 -25.36 -9.73
C ALA G 97 -13.51 -24.34 -8.75
N LEU G 98 -14.33 -23.39 -8.34
CA LEU G 98 -14.00 -22.46 -7.26
C LEU G 98 -14.98 -22.47 -6.12
N ALA G 99 -16.24 -22.83 -6.37
CA ALA G 99 -17.26 -22.93 -5.33
C ALA G 99 -17.62 -24.38 -5.10
N ARG G 100 -17.66 -24.78 -3.83
CA ARG G 100 -17.97 -26.17 -3.49
C ARG G 100 -19.46 -26.47 -3.49
N SER G 101 -20.31 -25.47 -3.66
CA SER G 101 -21.75 -25.66 -3.68
C SER G 101 -22.26 -25.70 -5.11
N THR G 102 -22.92 -26.79 -5.47
CA THR G 102 -23.51 -26.95 -6.79
C THR G 102 -24.95 -26.45 -6.86
N ARG G 103 -25.33 -25.55 -5.95
CA ARG G 103 -26.69 -25.03 -5.94
C ARG G 103 -27.02 -24.32 -7.24
N PHE G 104 -26.06 -23.54 -7.76
CA PHE G 104 -26.29 -22.86 -9.03
C PHE G 104 -26.50 -23.87 -10.16
N LEU G 105 -25.71 -24.93 -10.19
CA LEU G 105 -25.81 -25.90 -11.28
C LEU G 105 -27.14 -26.63 -11.24
N VAL G 106 -27.53 -27.13 -10.07
CA VAL G 106 -28.77 -27.92 -9.99
C VAL G 106 -29.97 -27.05 -10.30
N LYS G 107 -29.94 -25.78 -9.89
CA LYS G 107 -31.02 -24.86 -10.25
C LYS G 107 -31.08 -24.66 -11.75
N GLN G 108 -29.92 -24.54 -12.40
CA GLN G 108 -29.89 -24.46 -13.85
C GLN G 108 -30.45 -25.73 -14.49
N ALA G 109 -30.16 -26.88 -13.88
CA ALA G 109 -30.66 -28.15 -14.42
C ALA G 109 -32.18 -28.19 -14.40
N GLU G 110 -32.79 -27.68 -13.33
CA GLU G 110 -34.25 -27.61 -13.29
C GLU G 110 -34.79 -26.72 -14.40
N LEU G 111 -34.14 -25.57 -14.62
CA LEU G 111 -34.65 -24.58 -15.58
C LEU G 111 -34.57 -25.11 -17.01
N VAL G 112 -33.48 -25.80 -17.36
CA VAL G 112 -33.26 -26.17 -18.75
C VAL G 112 -34.25 -27.24 -19.21
N THR G 113 -34.53 -28.22 -18.34
CA THR G 113 -35.30 -29.39 -18.77
C THR G 113 -36.75 -29.02 -19.09
N ASN G 114 -37.38 -28.20 -18.25
CA ASN G 114 -38.77 -27.83 -18.48
C ASN G 114 -38.88 -26.94 -19.70
N GLU G 115 -39.71 -27.34 -20.66
CA GLU G 115 -39.94 -26.51 -21.84
C GLU G 115 -40.59 -25.19 -21.45
N ARG G 116 -41.54 -25.23 -20.50
CA ARG G 116 -42.15 -24.00 -20.00
C ARG G 116 -41.10 -23.09 -19.38
N SER G 117 -40.22 -23.68 -18.55
CA SER G 117 -39.17 -22.89 -17.92
C SER G 117 -38.18 -22.34 -18.94
N ARG G 118 -37.87 -23.12 -19.97
CA ARG G 118 -36.95 -22.65 -21.01
C ARG G 118 -37.51 -21.43 -21.73
N LEU G 119 -38.80 -21.45 -22.07
CA LEU G 119 -39.41 -20.30 -22.74
C LEU G 119 -39.44 -19.08 -21.83
N ARG G 120 -39.70 -19.28 -20.53
CA ARG G 120 -39.71 -18.16 -19.60
C ARG G 120 -38.35 -17.46 -19.58
N VAL G 121 -37.28 -18.23 -19.40
CA VAL G 121 -35.96 -17.63 -19.31
C VAL G 121 -35.51 -17.10 -20.68
N ALA G 122 -35.83 -17.81 -21.75
CA ALA G 122 -35.37 -17.40 -23.08
C ALA G 122 -35.92 -16.03 -23.46
N ARG G 123 -37.19 -15.78 -23.16
CA ARG G 123 -37.74 -14.44 -23.37
C ARG G 123 -37.02 -13.42 -22.50
N ARG G 124 -36.61 -13.82 -21.30
CA ARG G 124 -36.04 -12.87 -20.35
C ARG G 124 -34.62 -12.46 -20.75
N MET G 125 -33.98 -13.21 -21.64
CA MET G 125 -32.78 -12.70 -22.31
C MET G 125 -33.02 -11.36 -22.95
N TYR G 126 -34.19 -11.19 -23.59
CA TYR G 126 -34.38 -10.05 -24.48
C TYR G 126 -34.47 -8.74 -23.71
N GLN G 127 -35.28 -8.68 -22.65
CA GLN G 127 -35.42 -7.42 -21.93
C GLN G 127 -34.19 -7.07 -21.12
N MET G 128 -33.27 -8.01 -20.90
CA MET G 128 -31.94 -7.63 -20.44
C MET G 128 -31.11 -7.09 -21.59
N ARG G 129 -31.33 -7.60 -22.80
CA ARG G 129 -30.67 -7.03 -23.97
C ARG G 129 -31.36 -5.75 -24.41
N PHE G 130 -32.68 -5.79 -24.56
CA PHE G 130 -33.46 -4.64 -25.02
C PHE G 130 -34.59 -4.42 -24.01
N PRO G 131 -34.40 -3.55 -23.01
CA PRO G 131 -35.41 -3.38 -21.97
C PRO G 131 -36.66 -2.62 -22.42
N THR G 132 -36.70 -2.13 -23.65
CA THR G 132 -37.80 -1.31 -24.14
C THR G 132 -38.77 -2.10 -25.02
N GLU G 133 -38.65 -3.42 -25.10
CA GLU G 133 -39.50 -4.24 -25.94
C GLU G 133 -40.15 -5.34 -25.13
N ASP G 134 -41.32 -5.79 -25.60
CA ASP G 134 -42.10 -6.81 -24.93
C ASP G 134 -42.00 -8.13 -25.69
N VAL G 135 -41.66 -9.20 -24.99
CA VAL G 135 -41.48 -10.52 -25.60
C VAL G 135 -42.37 -11.50 -24.83
N SER G 136 -43.48 -10.99 -24.28
CA SER G 136 -44.37 -11.84 -23.48
C SER G 136 -45.15 -12.83 -24.32
N LYS G 137 -45.29 -12.59 -25.63
CA LYS G 137 -46.04 -13.48 -26.51
C LYS G 137 -45.26 -13.76 -27.79
N LEU G 138 -43.98 -14.06 -27.65
CA LEU G 138 -43.11 -14.34 -28.78
C LEU G 138 -42.52 -15.74 -28.59
N THR G 139 -42.63 -16.57 -29.62
CA THR G 139 -42.31 -17.99 -29.50
C THR G 139 -40.80 -18.22 -29.58
N MET G 140 -40.41 -19.47 -29.29
CA MET G 140 -39.00 -19.83 -29.28
C MET G 140 -38.38 -19.70 -30.66
N GLN G 141 -39.09 -20.13 -31.70
CA GLN G 141 -38.56 -20.03 -33.06
C GLN G 141 -38.38 -18.58 -33.46
N GLN G 142 -39.35 -17.72 -33.12
CA GLN G 142 -39.23 -16.31 -33.44
C GLN G 142 -38.08 -15.66 -32.67
N LEU G 143 -37.75 -16.21 -31.49
CA LEU G 143 -36.63 -15.68 -30.72
C LEU G 143 -35.33 -15.75 -31.51
N ARG G 144 -35.10 -16.87 -32.18
CA ARG G 144 -33.88 -17.01 -32.99
C ARG G 144 -33.87 -16.00 -34.12
N SER G 145 -35.00 -15.84 -34.81
CA SER G 145 -35.07 -14.93 -35.95
C SER G 145 -35.09 -13.48 -35.51
N HIS G 146 -35.92 -13.15 -34.51
CA HIS G 146 -36.06 -11.75 -34.11
C HIS G 146 -34.76 -11.20 -33.52
N GLU G 147 -34.11 -11.98 -32.65
CA GLU G 147 -32.82 -11.54 -32.12
C GLU G 147 -31.74 -11.58 -33.18
N GLY G 148 -31.89 -12.47 -34.17
CA GLY G 148 -30.94 -12.51 -35.27
C GLY G 148 -30.97 -11.25 -36.12
N ALA G 149 -32.16 -10.65 -36.29
CA ALA G 149 -32.25 -9.39 -37.00
C ALA G 149 -31.76 -8.23 -36.15
N ARG G 150 -32.06 -8.25 -34.84
CA ARG G 150 -31.68 -7.16 -33.96
C ARG G 150 -30.17 -7.02 -33.85
N VAL G 151 -29.44 -8.14 -33.78
CA VAL G 151 -27.98 -8.06 -33.71
C VAL G 151 -27.42 -7.49 -35.01
N ARG G 152 -28.06 -7.79 -36.15
CA ARG G 152 -27.64 -7.21 -37.41
C ARG G 152 -27.98 -5.72 -37.49
N ARG G 153 -29.11 -5.32 -36.91
CA ARG G 153 -29.50 -3.90 -36.94
C ARG G 153 -28.49 -3.04 -36.20
N LYS G 154 -27.98 -3.52 -35.07
CA LYS G 154 -27.03 -2.74 -34.28
C LYS G 154 -25.75 -2.51 -35.08
N TYR G 155 -25.28 -3.53 -35.78
CA TYR G 155 -24.09 -3.37 -36.63
C TYR G 155 -24.37 -2.41 -37.78
N ARG G 156 -25.55 -2.51 -38.39
CA ARG G 156 -25.88 -1.62 -39.50
C ARG G 156 -25.94 -0.17 -39.05
N GLU G 157 -26.48 0.07 -37.86
CA GLU G 157 -26.47 1.42 -37.30
C GLU G 157 -25.05 1.93 -37.12
N LEU G 158 -24.12 1.03 -36.76
CA LEU G 158 -22.74 1.42 -36.54
C LEU G 158 -22.08 1.91 -37.81
N SER G 159 -22.34 1.24 -38.94
CA SER G 159 -21.59 1.51 -40.16
C SER G 159 -21.78 2.96 -40.61
N LYS G 160 -23.01 3.46 -40.58
CA LYS G 160 -23.26 4.85 -40.93
C LYS G 160 -22.86 5.81 -39.82
N LYS G 161 -22.55 5.30 -38.62
CA LYS G 161 -22.30 6.18 -37.48
C LYS G 161 -20.83 6.58 -37.40
N TYR G 162 -19.93 5.61 -37.34
CA TYR G 162 -18.52 5.89 -37.08
C TYR G 162 -17.68 6.05 -38.34
N ASN G 163 -18.31 6.01 -39.52
CA ASN G 163 -17.64 6.30 -40.79
C ASN G 163 -16.46 5.37 -41.03
N VAL G 164 -16.77 4.08 -41.18
CA VAL G 164 -15.77 3.07 -41.53
C VAL G 164 -16.48 1.91 -42.23
N PRO G 165 -15.93 1.37 -43.31
CA PRO G 165 -16.62 0.29 -44.03
C PRO G 165 -16.88 -0.91 -43.15
N TRP G 166 -18.03 -1.56 -43.37
CA TRP G 166 -18.45 -2.72 -42.62
C TRP G 166 -18.70 -3.87 -43.58
N LYS G 167 -18.15 -5.04 -43.27
CA LYS G 167 -18.21 -6.20 -44.15
C LYS G 167 -19.54 -6.93 -44.12
N LYS G 168 -20.42 -6.60 -43.17
CA LYS G 168 -21.71 -7.26 -42.98
C LYS G 168 -21.49 -8.77 -42.74
N ARG G 169 -20.85 -9.03 -41.60
CA ARG G 169 -20.54 -10.39 -41.16
C ARG G 169 -20.76 -10.47 -39.64
N VAL G 170 -21.90 -11.01 -39.24
CA VAL G 170 -22.17 -11.23 -37.83
C VAL G 170 -21.20 -12.29 -37.31
N TYR G 171 -20.64 -12.03 -36.13
CA TYR G 171 -19.57 -12.87 -35.60
C TYR G 171 -20.07 -14.29 -35.36
N ASN G 172 -19.53 -15.24 -36.12
CA ASN G 172 -19.69 -16.66 -35.84
C ASN G 172 -18.31 -17.21 -35.49
N PRO G 173 -18.07 -17.62 -34.24
CA PRO G 173 -16.71 -18.03 -33.85
C PRO G 173 -16.18 -19.23 -34.62
N ASP G 174 -17.04 -20.02 -35.24
CA ASP G 174 -16.61 -21.21 -35.97
C ASP G 174 -16.11 -20.79 -37.35
N ASP G 175 -14.79 -20.78 -37.54
CA ASP G 175 -14.15 -20.50 -38.82
C ASP G 175 -14.58 -19.14 -39.37
N PHE G 176 -14.31 -18.11 -38.57
CA PHE G 176 -14.73 -16.75 -38.89
C PHE G 176 -13.74 -16.10 -39.86
N ALA G 177 -14.20 -15.08 -40.58
CA ALA G 177 -13.41 -14.41 -41.62
C ALA G 177 -12.76 -13.17 -41.02
N GLY G 178 -11.48 -13.28 -40.69
CA GLY G 178 -10.74 -12.19 -40.08
C GLY G 178 -9.69 -11.56 -40.97
N GLY G 179 -10.02 -11.33 -42.25
CA GLY G 179 -9.07 -10.75 -43.17
C GLY G 179 -8.83 -9.27 -42.97
N ASP G 180 -9.87 -8.46 -43.19
CA ASP G 180 -9.77 -7.02 -43.04
C ASP G 180 -9.51 -6.67 -41.57
N PRO G 181 -8.58 -5.75 -41.31
CA PRO G 181 -8.28 -5.35 -39.93
C PRO G 181 -9.50 -5.02 -39.07
N ILE G 182 -10.64 -4.71 -39.67
CA ILE G 182 -11.84 -4.44 -38.88
C ILE G 182 -12.28 -5.71 -38.15
N ASN G 183 -12.10 -6.86 -38.78
CA ASN G 183 -12.67 -8.09 -38.26
C ASN G 183 -11.92 -8.58 -37.02
N GLN G 184 -10.59 -8.56 -37.05
CA GLN G 184 -9.84 -9.01 -35.89
C GLN G 184 -10.09 -8.11 -34.68
N ALA G 185 -10.30 -6.81 -34.91
CA ALA G 185 -10.56 -5.89 -33.81
C ALA G 185 -11.81 -6.29 -33.04
N LEU G 186 -12.89 -6.60 -33.76
CA LEU G 186 -14.12 -7.03 -33.08
C LEU G 186 -13.97 -8.43 -32.51
N SER G 187 -13.27 -9.32 -33.23
CA SER G 187 -13.11 -10.69 -32.76
C SER G 187 -12.22 -10.75 -31.53
N ALA G 188 -11.09 -10.04 -31.54
CA ALA G 188 -10.23 -9.99 -30.37
C ALA G 188 -10.96 -9.38 -29.18
N ALA G 189 -11.82 -8.38 -29.45
CA ALA G 189 -12.71 -7.88 -28.41
C ALA G 189 -13.70 -8.94 -27.98
N HIS G 190 -14.25 -9.70 -28.94
CA HIS G 190 -15.26 -10.69 -28.62
C HIS G 190 -14.68 -11.84 -27.80
N VAL G 191 -13.48 -12.30 -28.15
CA VAL G 191 -12.90 -13.43 -27.43
C VAL G 191 -12.53 -13.02 -26.01
N ALA G 192 -12.34 -11.71 -25.77
CA ALA G 192 -12.03 -11.25 -24.42
C ALA G 192 -13.15 -11.58 -23.45
N LEU G 193 -14.40 -11.33 -23.85
CA LEU G 193 -15.53 -11.70 -23.00
C LEU G 193 -15.80 -13.20 -23.09
N TYR G 194 -15.57 -13.80 -24.26
CA TYR G 194 -15.76 -15.24 -24.40
C TYR G 194 -14.92 -16.01 -23.40
N GLY G 195 -13.64 -15.61 -23.25
CA GLY G 195 -12.84 -16.17 -22.18
C GLY G 195 -13.37 -15.79 -20.81
N LEU G 196 -13.80 -14.54 -20.65
CA LEU G 196 -14.34 -14.09 -19.37
C LEU G 196 -15.60 -14.88 -19.00
N VAL G 197 -16.51 -15.07 -19.95
CA VAL G 197 -17.74 -15.80 -19.65
C VAL G 197 -17.42 -17.22 -19.24
N HIS G 198 -16.52 -17.88 -19.95
CA HIS G 198 -16.11 -19.23 -19.58
C HIS G 198 -15.41 -19.25 -18.22
N SER G 199 -14.70 -18.17 -17.90
CA SER G 199 -13.96 -18.12 -16.64
C SER G 199 -14.90 -18.16 -15.44
N VAL G 200 -15.92 -17.30 -15.44
CA VAL G 200 -16.83 -17.23 -14.30
C VAL G 200 -17.69 -18.49 -14.20
N VAL G 201 -18.09 -19.04 -15.36
CA VAL G 201 -19.02 -20.16 -15.36
C VAL G 201 -18.40 -21.37 -14.66
N ALA G 202 -17.14 -21.66 -14.96
CA ALA G 202 -16.45 -22.74 -14.24
C ALA G 202 -16.22 -22.37 -12.79
N ALA G 203 -16.03 -21.09 -12.49
CA ALA G 203 -15.81 -20.66 -11.11
C ALA G 203 -17.04 -20.90 -10.25
N LEU G 204 -18.23 -20.60 -10.78
CA LEU G 204 -19.46 -20.72 -10.00
C LEU G 204 -20.05 -22.12 -10.06
N GLY G 205 -19.46 -23.03 -10.82
CA GLY G 205 -19.96 -24.39 -10.93
C GLY G 205 -20.98 -24.61 -12.03
N LEU G 206 -21.39 -23.57 -12.74
CA LEU G 206 -22.33 -23.74 -13.84
C LEU G 206 -21.70 -24.55 -14.96
N SER G 207 -22.54 -25.31 -15.66
CA SER G 207 -22.02 -26.12 -16.76
C SER G 207 -22.33 -25.45 -18.09
N PRO G 208 -21.34 -25.25 -18.96
CA PRO G 208 -21.59 -24.59 -20.25
C PRO G 208 -22.46 -25.41 -21.19
N GLY G 209 -22.64 -26.70 -20.94
CA GLY G 209 -23.40 -27.53 -21.88
C GLY G 209 -24.88 -27.22 -21.91
N LEU G 210 -25.45 -26.80 -20.78
CA LEU G 210 -26.88 -26.58 -20.66
C LEU G 210 -27.26 -25.34 -21.46
N GLY G 211 -27.91 -25.56 -22.62
CA GLY G 211 -28.18 -24.47 -23.54
C GLY G 211 -29.51 -23.78 -23.29
N PHE G 212 -29.57 -22.52 -23.69
CA PHE G 212 -30.77 -21.69 -23.58
C PHE G 212 -31.30 -21.30 -24.95
N VAL G 213 -30.48 -20.62 -25.75
CA VAL G 213 -30.84 -20.31 -27.13
C VAL G 213 -29.94 -21.01 -28.14
N HIS G 214 -28.64 -21.15 -27.86
CA HIS G 214 -27.77 -21.98 -28.67
C HIS G 214 -27.82 -23.41 -28.17
N THR G 215 -27.89 -24.36 -29.11
CA THR G 215 -27.95 -25.77 -28.77
C THR G 215 -27.08 -26.55 -29.75
N GLY G 216 -26.71 -27.76 -29.35
CA GLY G 216 -25.95 -28.66 -30.19
C GLY G 216 -24.49 -28.80 -29.82
N HIS G 217 -23.95 -27.94 -28.96
CA HIS G 217 -22.55 -28.02 -28.57
C HIS G 217 -22.43 -27.79 -27.07
N ASP G 218 -21.33 -28.28 -26.50
CA ASP G 218 -21.14 -28.20 -25.05
C ASP G 218 -20.83 -26.79 -24.58
N ARG G 219 -20.61 -25.84 -25.48
CA ARG G 219 -20.40 -24.45 -25.10
C ARG G 219 -21.65 -23.61 -25.36
N SER G 220 -22.82 -24.23 -25.24
CA SER G 220 -24.07 -23.54 -25.53
C SER G 220 -24.36 -22.44 -24.51
N PHE G 221 -24.21 -22.75 -23.22
CA PHE G 221 -24.50 -21.76 -22.18
C PHE G 221 -23.57 -20.56 -22.30
N ILE G 222 -22.31 -20.80 -22.65
CA ILE G 222 -21.36 -19.69 -22.83
C ILE G 222 -21.83 -18.79 -23.97
N TYR G 223 -22.24 -19.39 -25.08
CA TYR G 223 -22.66 -18.60 -26.23
C TYR G 223 -23.94 -17.83 -25.98
N ASP G 224 -24.66 -18.15 -24.91
CA ASP G 224 -25.89 -17.43 -24.57
C ASP G 224 -25.62 -16.31 -23.56
N VAL G 225 -24.88 -16.62 -22.49
CA VAL G 225 -24.54 -15.58 -21.52
C VAL G 225 -23.68 -14.51 -22.17
N ALA G 226 -22.72 -14.91 -23.00
CA ALA G 226 -21.91 -13.93 -23.72
C ALA G 226 -22.76 -13.10 -24.67
N ASP G 227 -23.81 -13.71 -25.23
CA ASP G 227 -24.69 -12.98 -26.14
C ASP G 227 -25.47 -11.89 -25.41
N LEU G 228 -25.64 -12.03 -24.09
CA LEU G 228 -26.36 -11.02 -23.33
C LEU G 228 -25.64 -9.68 -23.38
N TYR G 229 -24.32 -9.70 -23.21
CA TYR G 229 -23.50 -8.50 -23.29
C TYR G 229 -22.77 -8.38 -24.62
N LYS G 230 -23.21 -9.12 -25.64
CA LYS G 230 -22.49 -9.17 -26.90
C LYS G 230 -22.39 -7.80 -27.54
N ALA G 231 -23.54 -7.13 -27.72
CA ALA G 231 -23.59 -5.86 -28.43
C ALA G 231 -23.68 -4.65 -27.52
N GLU G 232 -23.93 -4.83 -26.22
CA GLU G 232 -24.15 -3.68 -25.35
C GLU G 232 -22.85 -2.96 -25.05
N ILE G 233 -21.77 -3.69 -24.75
CA ILE G 233 -20.52 -3.10 -24.26
C ILE G 233 -19.43 -3.17 -25.32
N THR G 234 -19.03 -4.39 -25.71
CA THR G 234 -17.80 -4.52 -26.49
C THR G 234 -17.97 -4.06 -27.92
N VAL G 235 -19.15 -4.28 -28.52
CA VAL G 235 -19.34 -3.95 -29.92
C VAL G 235 -19.21 -2.45 -30.18
N PRO G 236 -19.88 -1.55 -29.46
CA PRO G 236 -19.65 -0.12 -29.72
C PRO G 236 -18.24 0.33 -29.45
N ILE G 237 -17.61 -0.21 -28.40
CA ILE G 237 -16.25 0.21 -28.05
C ILE G 237 -15.26 -0.27 -29.09
N ALA G 238 -15.34 -1.57 -29.45
CA ALA G 238 -14.40 -2.11 -30.43
C ALA G 238 -14.61 -1.48 -31.81
N PHE G 239 -15.86 -1.25 -32.20
CA PHE G 239 -16.12 -0.65 -33.50
C PHE G 239 -15.68 0.81 -33.53
N ALA G 240 -15.85 1.51 -32.40
CA ALA G 240 -15.31 2.87 -32.30
C ALA G 240 -13.79 2.87 -32.37
N VAL G 241 -13.14 1.81 -31.88
CA VAL G 241 -11.70 1.65 -32.07
C VAL G 241 -11.38 1.56 -33.55
N ALA G 242 -12.20 0.83 -34.30
CA ALA G 242 -12.02 0.72 -35.74
C ALA G 242 -12.08 2.09 -36.41
N ALA G 243 -12.94 2.98 -35.91
CA ALA G 243 -12.98 4.34 -36.44
C ALA G 243 -11.69 5.09 -36.15
N GLU G 244 -11.14 4.94 -34.94
CA GLU G 244 -9.92 5.64 -34.54
C GLU G 244 -8.69 4.77 -34.81
N ALA G 245 -8.58 4.32 -36.06
CA ALA G 245 -7.52 3.43 -36.49
C ALA G 245 -6.42 4.21 -37.21
N GLU G 246 -5.18 3.94 -36.84
CA GLU G 246 -4.01 4.52 -37.47
C GLU G 246 -3.12 3.41 -38.01
N GLU G 247 -2.20 3.78 -38.89
CA GLU G 247 -1.28 2.84 -39.51
C GLU G 247 0.08 2.91 -38.84
N GLY G 248 0.75 1.76 -38.78
CA GLY G 248 2.04 1.65 -38.16
C GLY G 248 2.04 1.05 -36.77
N GLN G 249 0.88 0.65 -36.25
CA GLN G 249 0.76 0.06 -34.93
C GLN G 249 -0.17 -1.16 -35.00
N ASP G 250 -0.11 -1.98 -33.96
CA ASP G 250 -0.94 -3.18 -33.87
C ASP G 250 -2.32 -2.80 -33.34
N ILE G 251 -3.35 -3.12 -34.13
CA ILE G 251 -4.72 -2.79 -33.72
C ILE G 251 -5.15 -3.63 -32.53
N GLY G 252 -4.71 -4.89 -32.46
CA GLY G 252 -5.22 -5.80 -31.44
C GLY G 252 -4.87 -5.36 -30.03
N GLN G 253 -3.62 -4.91 -29.82
CA GLN G 253 -3.20 -4.55 -28.46
C GLN G 253 -4.00 -3.36 -27.94
N LEU G 254 -4.12 -2.30 -28.74
CA LEU G 254 -4.85 -1.13 -28.29
C LEU G 254 -6.35 -1.39 -28.21
N ALA G 255 -6.87 -2.20 -29.14
CA ALA G 255 -8.29 -2.56 -29.07
C ALA G 255 -8.58 -3.37 -27.81
N ARG G 256 -7.69 -4.30 -27.46
CA ARG G 256 -7.87 -5.06 -26.23
C ARG G 256 -7.81 -4.15 -25.01
N LEU G 257 -6.93 -3.14 -25.05
CA LEU G 257 -6.88 -2.17 -23.96
C LEU G 257 -8.19 -1.42 -23.84
N ARG G 258 -8.79 -1.02 -24.96
CA ARG G 258 -10.05 -0.30 -24.91
C ARG G 258 -11.17 -1.17 -24.34
N THR G 259 -11.18 -2.45 -24.70
CA THR G 259 -12.16 -3.36 -24.13
C THR G 259 -11.99 -3.47 -22.62
N ARG G 260 -10.74 -3.46 -22.15
CA ARG G 260 -10.47 -3.46 -20.72
C ARG G 260 -11.12 -2.26 -20.05
N ASP G 261 -10.93 -1.06 -20.61
CA ASP G 261 -11.52 0.13 -20.03
C ASP G 261 -13.03 0.08 -20.09
N ALA G 262 -13.59 -0.44 -21.18
CA ALA G 262 -15.03 -0.62 -21.26
C ALA G 262 -15.52 -1.59 -20.18
N PHE G 263 -14.76 -2.67 -19.95
CA PHE G 263 -15.16 -3.66 -18.96
C PHE G 263 -15.16 -3.07 -17.56
N VAL G 264 -14.10 -2.32 -17.21
CA VAL G 264 -14.03 -1.74 -15.88
C VAL G 264 -15.04 -0.61 -15.73
N ASP G 265 -15.27 0.17 -16.79
CA ASP G 265 -16.26 1.24 -16.72
C ASP G 265 -17.67 0.67 -16.66
N GLY G 266 -17.94 -0.38 -17.43
CA GLY G 266 -19.27 -0.97 -17.45
C GLY G 266 -19.57 -1.94 -16.33
N LYS G 267 -18.57 -2.27 -15.50
CA LYS G 267 -18.75 -3.21 -14.39
C LYS G 267 -19.35 -4.53 -14.88
N ILE G 268 -18.74 -5.07 -15.95
CA ILE G 268 -19.26 -6.29 -16.56
C ILE G 268 -19.21 -7.45 -15.59
N LEU G 269 -18.12 -7.56 -14.83
CA LEU G 269 -17.98 -8.67 -13.88
C LEU G 269 -19.05 -8.61 -12.81
N LYS G 270 -19.32 -7.41 -12.28
CA LYS G 270 -20.37 -7.26 -11.28
C LYS G 270 -21.74 -7.54 -11.87
N ARG G 271 -22.00 -7.00 -13.07
CA ARG G 271 -23.32 -7.13 -13.68
C ARG G 271 -23.63 -8.57 -14.06
N MET G 272 -22.64 -9.30 -14.56
CA MET G 272 -22.90 -10.61 -15.15
C MET G 272 -23.35 -11.62 -14.10
N VAL G 273 -22.62 -11.72 -12.99
CA VAL G 273 -22.98 -12.68 -11.95
C VAL G 273 -24.26 -12.24 -11.23
N LYS G 274 -24.41 -10.93 -11.02
CA LYS G 274 -25.65 -10.42 -10.44
C LYS G 274 -26.85 -10.81 -11.29
N ASP G 275 -26.68 -10.85 -12.61
CA ASP G 275 -27.74 -11.36 -13.47
C ASP G 275 -27.99 -12.84 -13.22
N LEU G 276 -26.93 -13.65 -13.23
CA LEU G 276 -27.11 -15.09 -13.10
C LEU G 276 -27.82 -15.46 -11.81
N GLN G 277 -27.57 -14.69 -10.74
CA GLN G 277 -28.33 -14.88 -9.51
C GLN G 277 -29.81 -14.61 -9.74
N THR G 278 -30.13 -13.54 -10.46
CA THR G 278 -31.52 -13.27 -10.82
C THR G 278 -32.03 -14.30 -11.81
N LEU G 279 -31.19 -14.73 -12.76
CA LEU G 279 -31.61 -15.70 -13.76
C LEU G 279 -31.95 -17.05 -13.16
N LEU G 280 -31.44 -17.37 -11.97
CA LEU G 280 -31.73 -18.64 -11.33
C LEU G 280 -32.78 -18.52 -10.25
N GLU G 281 -33.38 -17.34 -10.08
CA GLU G 281 -34.44 -17.10 -9.11
C GLU G 281 -33.99 -17.47 -7.69
N ILE G 282 -32.73 -17.14 -7.38
CA ILE G 282 -32.18 -17.45 -6.06
C ILE G 282 -32.52 -16.33 -5.09
#